data_1PJ4
#
_entry.id   1PJ4
#
_cell.length_a   226.050
_cell.length_b   117.345
_cell.length_c   111.310
_cell.angle_alpha   90.00
_cell.angle_beta   109.00
_cell.angle_gamma   90.00
#
_symmetry.space_group_name_H-M   'C 1 2 1'
#
loop_
_entity.id
_entity.type
_entity.pdbx_description
1 polymer 'NAD-dependent malic enzyme, mitochondrial'
2 non-polymer D-MALATE
3 non-polymer 'MANGANESE (II) ION'
4 non-polymer "ADENOSINE-5'-TRIPHOSPHATE"
5 non-polymer 'FUMARIC ACID'
6 water water
#
_entity_poly.entity_id   1
_entity_poly.type   'polypeptide(L)'
_entity_poly.pdbx_seq_one_letter_code
;IKEKGKPL(MSE)LNPRTNKG(MSE)AFTLQERQ(MSE)LGLQGLLPPKIETQDIQALRFHRNLKK(MSE)TSPLEKYIY
I(MSE)GIQERNEKLFYRILQDDIESL(MSE)PIVYTPTVGLACSQYGHIFRRPKGLFISISDRGHVRSIVDNWPENHVK
AVVVTDGERILGLGDLGVYG(MSE)GIPVGKLCLYTACAGIRPDRCLPVCIDVGTDNIALLKDPFY(MSE)GLYQKRDRT
QQYDDLIDEF(MSE)KAITDRYGRNTLIQFEDFGNHNAFRFLRKYREKYCTFNDDIQGTAAVALAGLLAAQKVISKPISE
HKILFLGAGEAALGIANLIV(MSE)S(MSE)VENGLSEQEAQKKIW(MSE)FDKYGLLVKGRKAKIDSYQEPFTHSAPES
IPDTFEDAVNILKPSTIIGVAGAGRLFTPDVIRA(MSE)ASINERPVIFALSNPTAQAECTAEEAYTLTEGRCLFASGSP
FGPVKLTDGRVFTPGQGNNVYIFPGVALAVILCNTRHISDSVFLEAAKALTSQLTDEELAQGRLYPPLANIQEVSINIAI
KVTEYLYANK(MSE)AFRYPEPEDKAKYVKERTWRSEYDSLLPDVYEWPESASSPPVITE
;
_entity_poly.pdbx_strand_id   A,B,C,D
#
loop_
_chem_comp.id
_chem_comp.type
_chem_comp.name
_chem_comp.formula
ATP non-polymer ADENOSINE-5'-TRIPHOSPHATE 'C10 H16 N5 O13 P3'
FUM non-polymer 'FUMARIC ACID' 'C4 H4 O4'
MLT non-polymer D-MALATE 'C4 H6 O5'
MN non-polymer 'MANGANESE (II) ION' 'Mn 2'
#
# COMPACT_ATOMS: atom_id res chain seq x y z
N LYS A 2 3.77 0.93 -8.91
CA LYS A 2 4.01 1.88 -7.78
C LYS A 2 4.41 1.12 -6.52
N GLU A 3 4.49 -0.20 -6.64
CA GLU A 3 4.85 -1.01 -5.48
C GLU A 3 5.98 -1.99 -5.73
N LYS A 4 6.66 -2.34 -4.65
CA LYS A 4 7.80 -3.24 -4.69
C LYS A 4 7.66 -4.39 -3.69
N GLY A 5 8.65 -5.27 -3.69
CA GLY A 5 8.61 -6.38 -2.78
C GLY A 5 7.65 -7.49 -3.19
N LYS A 6 7.38 -8.38 -2.24
CA LYS A 6 6.50 -9.52 -2.43
C LYS A 6 5.26 -9.25 -3.26
N PRO A 7 4.56 -8.12 -3.01
CA PRO A 7 3.37 -7.83 -3.80
C PRO A 7 3.55 -7.95 -5.31
N LEU A 8 4.75 -7.67 -5.81
CA LEU A 8 5.03 -7.75 -7.25
C LEU A 8 4.91 -9.18 -7.75
N MSE A 9 5.14 -10.13 -6.84
CA MSE A 9 5.09 -11.55 -7.17
C MSE A 9 3.68 -12.13 -6.96
O MSE A 9 3.32 -13.12 -7.61
CB MSE A 9 6.11 -12.29 -6.31
CG MSE A 9 7.57 -11.93 -6.67
SE MSE A 9 8.79 -12.55 -5.26
CE MSE A 9 8.52 -14.44 -5.45
N LEU A 10 2.90 -11.53 -6.07
CA LEU A 10 1.54 -11.98 -5.78
C LEU A 10 0.54 -11.52 -6.84
N ASN A 11 0.91 -10.50 -7.60
CA ASN A 11 0.03 -9.98 -8.65
C ASN A 11 0.42 -10.65 -9.97
N PRO A 12 -0.47 -11.48 -10.53
CA PRO A 12 -0.16 -12.16 -11.80
C PRO A 12 0.18 -11.21 -12.94
N ARG A 13 -0.28 -9.97 -12.84
CA ARG A 13 0.00 -9.00 -13.88
C ARG A 13 1.49 -8.65 -13.95
N THR A 14 2.14 -8.52 -12.80
CA THR A 14 3.56 -8.16 -12.75
C THR A 14 4.55 -9.31 -12.49
N ASN A 15 4.06 -10.40 -11.88
CA ASN A 15 4.92 -11.55 -11.57
C ASN A 15 5.58 -12.20 -12.78
N LYS A 16 6.91 -12.22 -12.79
CA LYS A 16 7.65 -12.83 -13.89
C LYS A 16 8.28 -14.15 -13.46
N GLY A 17 8.17 -14.49 -12.17
CA GLY A 17 8.78 -15.71 -11.70
C GLY A 17 10.29 -15.55 -11.72
N MSE A 18 11.01 -16.61 -12.10
CA MSE A 18 12.46 -16.54 -12.15
C MSE A 18 12.95 -15.71 -13.34
O MSE A 18 14.16 -15.58 -13.54
CB MSE A 18 13.06 -17.94 -12.18
CG MSE A 18 12.91 -18.69 -10.85
SE MSE A 18 13.81 -20.43 -10.93
CE MSE A 18 12.39 -21.47 -11.67
N ALA A 19 12.04 -15.14 -14.11
CA ALA A 19 12.45 -14.33 -15.25
C ALA A 19 12.82 -12.91 -14.82
N PHE A 20 12.58 -12.58 -13.54
CA PHE A 20 12.95 -11.26 -13.03
C PHE A 20 14.49 -11.23 -13.10
N THR A 21 15.05 -10.25 -13.79
CA THR A 21 16.51 -10.15 -13.90
C THR A 21 17.12 -9.84 -12.54
N LEU A 22 18.42 -10.04 -12.43
CA LEU A 22 19.11 -9.77 -11.18
C LEU A 22 18.93 -8.32 -10.74
N GLN A 23 19.10 -7.40 -11.68
CA GLN A 23 18.97 -5.99 -11.38
C GLN A 23 17.55 -5.65 -10.91
N GLU A 24 16.55 -6.23 -11.56
CA GLU A 24 15.17 -5.96 -11.16
C GLU A 24 14.95 -6.47 -9.73
N ARG A 25 15.43 -7.67 -9.43
CA ARG A 25 15.25 -8.24 -8.09
C ARG A 25 15.91 -7.39 -7.01
N GLN A 26 17.14 -6.95 -7.25
CA GLN A 26 17.84 -6.12 -6.27
C GLN A 26 17.18 -4.77 -6.10
N MSE A 27 16.81 -4.15 -7.22
CA MSE A 27 16.19 -2.85 -7.18
C MSE A 27 14.74 -2.83 -6.70
O MSE A 27 14.28 -1.83 -6.17
CB MSE A 27 16.30 -2.16 -8.54
CG MSE A 27 17.57 -1.32 -8.69
SE MSE A 27 17.65 -0.48 -10.44
CE MSE A 27 19.49 -0.80 -10.87
N LEU A 28 14.02 -3.94 -6.86
CA LEU A 28 12.62 -3.98 -6.43
C LEU A 28 12.36 -4.77 -5.15
N GLY A 29 13.42 -5.11 -4.41
CA GLY A 29 13.26 -5.84 -3.16
C GLY A 29 12.85 -7.31 -3.29
N LEU A 30 13.34 -7.98 -4.32
CA LEU A 30 12.99 -9.38 -4.54
C LEU A 30 14.15 -10.37 -4.32
N GLN A 31 15.35 -9.85 -4.07
CA GLN A 31 16.52 -10.71 -3.86
C GLN A 31 16.28 -11.63 -2.68
N GLY A 32 16.44 -12.93 -2.91
CA GLY A 32 16.25 -13.89 -1.84
C GLY A 32 14.86 -14.48 -1.79
N LEU A 33 13.89 -13.83 -2.43
CA LEU A 33 12.52 -14.34 -2.44
C LEU A 33 12.33 -15.26 -3.64
N LEU A 34 13.34 -15.31 -4.51
CA LEU A 34 13.32 -16.15 -5.70
C LEU A 34 14.58 -17.00 -5.72
N PRO A 35 14.54 -18.14 -6.41
CA PRO A 35 15.72 -19.00 -6.48
C PRO A 35 16.79 -18.22 -7.22
N PRO A 36 18.09 -18.51 -6.99
CA PRO A 36 19.18 -17.79 -7.66
C PRO A 36 19.10 -17.79 -9.19
N LYS A 37 18.53 -18.84 -9.75
CA LYS A 37 18.38 -19.01 -11.20
C LYS A 37 17.62 -17.88 -11.92
N ILE A 38 18.22 -17.36 -13.00
CA ILE A 38 17.59 -16.33 -13.81
C ILE A 38 17.08 -17.09 -15.04
N GLU A 39 15.77 -17.16 -15.23
CA GLU A 39 15.23 -17.89 -16.38
C GLU A 39 14.72 -16.95 -17.45
N THR A 40 14.48 -17.50 -18.63
CA THR A 40 13.94 -16.76 -19.77
C THR A 40 12.49 -17.23 -19.92
N GLN A 41 11.69 -16.49 -20.69
CA GLN A 41 10.32 -16.92 -20.90
C GLN A 41 10.32 -18.24 -21.67
N ASP A 42 11.28 -18.40 -22.57
CA ASP A 42 11.41 -19.62 -23.37
C ASP A 42 11.51 -20.84 -22.46
N ILE A 43 12.29 -20.73 -21.40
CA ILE A 43 12.48 -21.83 -20.45
C ILE A 43 11.19 -22.09 -19.67
N GLN A 44 10.50 -21.02 -19.31
CA GLN A 44 9.23 -21.15 -18.60
C GLN A 44 8.19 -21.81 -19.49
N ALA A 45 8.22 -21.50 -20.79
CA ALA A 45 7.27 -22.11 -21.73
C ALA A 45 7.55 -23.60 -21.81
N LEU A 46 8.83 -23.96 -21.89
CA LEU A 46 9.24 -25.36 -21.97
C LEU A 46 8.75 -26.16 -20.76
N ARG A 47 8.84 -25.57 -19.58
CA ARG A 47 8.38 -26.24 -18.38
C ARG A 47 6.89 -26.57 -18.53
N PHE A 48 6.14 -25.61 -19.06
CA PHE A 48 4.71 -25.81 -19.28
C PHE A 48 4.38 -26.92 -20.27
N HIS A 49 4.95 -26.88 -21.46
CA HIS A 49 4.62 -27.92 -22.44
C HIS A 49 5.04 -29.29 -21.96
N ARG A 50 6.12 -29.33 -21.19
CA ARG A 50 6.61 -30.58 -20.63
C ARG A 50 5.52 -31.16 -19.73
N ASN A 51 5.02 -30.34 -18.81
CA ASN A 51 3.98 -30.80 -17.89
C ASN A 51 2.65 -31.08 -18.58
N LEU A 52 2.30 -30.28 -19.58
CA LEU A 52 1.02 -30.47 -20.27
C LEU A 52 1.02 -31.82 -20.99
N LYS A 53 2.16 -32.17 -21.56
CA LYS A 53 2.32 -33.44 -22.29
C LYS A 53 1.91 -34.65 -21.45
N LYS A 54 2.32 -34.65 -20.18
CA LYS A 54 2.02 -35.75 -19.27
C LYS A 54 0.57 -35.78 -18.78
N MSE A 55 -0.18 -34.71 -18.99
CA MSE A 55 -1.57 -34.71 -18.52
C MSE A 55 -2.50 -35.45 -19.47
O MSE A 55 -2.27 -35.50 -20.67
CB MSE A 55 -2.04 -33.28 -18.29
CG MSE A 55 -1.23 -32.57 -17.22
SE MSE A 55 -1.90 -30.78 -16.93
CE MSE A 55 -0.94 -30.38 -15.31
N THR A 56 -3.56 -36.03 -18.93
CA THR A 56 -4.51 -36.80 -19.72
C THR A 56 -5.84 -36.11 -20.10
N SER A 57 -6.69 -35.81 -19.12
CA SER A 57 -7.97 -35.18 -19.42
C SER A 57 -7.93 -33.69 -19.72
N PRO A 58 -8.82 -33.22 -20.61
CA PRO A 58 -8.88 -31.81 -20.98
C PRO A 58 -9.15 -30.92 -19.77
N LEU A 59 -10.06 -31.36 -18.90
CA LEU A 59 -10.42 -30.57 -17.72
C LEU A 59 -9.22 -30.35 -16.80
N GLU A 60 -8.36 -31.36 -16.72
CA GLU A 60 -7.16 -31.29 -15.90
C GLU A 60 -6.26 -30.22 -16.51
N LYS A 61 -6.18 -30.20 -17.83
CA LYS A 61 -5.38 -29.24 -18.55
C LYS A 61 -5.93 -27.83 -18.41
N TYR A 62 -7.25 -27.70 -18.46
CA TYR A 62 -7.91 -26.40 -18.31
C TYR A 62 -7.55 -25.81 -16.93
N ILE A 63 -7.69 -26.63 -15.88
CA ILE A 63 -7.40 -26.17 -14.52
C ILE A 63 -5.96 -25.66 -14.38
N TYR A 64 -5.05 -26.36 -15.03
CA TYR A 64 -3.64 -26.01 -15.01
C TYR A 64 -3.33 -24.72 -15.77
N ILE A 65 -3.66 -24.66 -17.05
CA ILE A 65 -3.35 -23.43 -17.79
C ILE A 65 -4.13 -22.21 -17.29
N MSE A 66 -5.41 -22.37 -16.98
CA MSE A 66 -6.20 -21.24 -16.49
C MSE A 66 -5.56 -20.76 -15.17
O MSE A 66 -5.59 -19.57 -14.84
CB MSE A 66 -7.65 -21.70 -16.29
CG MSE A 66 -8.71 -20.92 -17.08
SE MSE A 66 -8.09 -20.44 -18.87
CE MSE A 66 -8.26 -18.55 -18.67
N GLY A 67 -4.99 -21.70 -14.42
CA GLY A 67 -4.36 -21.34 -13.17
C GLY A 67 -3.12 -20.49 -13.42
N ILE A 68 -2.47 -20.67 -14.57
CA ILE A 68 -1.30 -19.87 -14.87
C ILE A 68 -1.71 -18.40 -15.06
N GLN A 69 -2.93 -18.16 -15.55
CA GLN A 69 -3.40 -16.78 -15.73
C GLN A 69 -3.50 -16.05 -14.39
N GLU A 70 -3.60 -16.81 -13.31
CA GLU A 70 -3.69 -16.24 -11.96
C GLU A 70 -2.31 -16.16 -11.31
N ARG A 71 -1.29 -16.63 -12.01
CA ARG A 71 0.06 -16.61 -11.46
C ARG A 71 1.00 -15.71 -12.26
N ASN A 72 1.01 -15.90 -13.58
CA ASN A 72 1.88 -15.14 -14.47
C ASN A 72 1.13 -14.87 -15.76
N GLU A 73 0.50 -13.70 -15.83
CA GLU A 73 -0.27 -13.33 -17.02
C GLU A 73 0.53 -13.39 -18.31
N LYS A 74 1.69 -12.75 -18.32
CA LYS A 74 2.55 -12.75 -19.51
C LYS A 74 2.79 -14.17 -19.99
N LEU A 75 3.25 -15.04 -19.08
CA LEU A 75 3.50 -16.42 -19.46
C LEU A 75 2.24 -17.13 -19.93
N PHE A 76 1.11 -16.76 -19.34
CA PHE A 76 -0.17 -17.35 -19.73
C PHE A 76 -0.41 -17.13 -21.22
N TYR A 77 -0.30 -15.88 -21.65
CA TYR A 77 -0.54 -15.57 -23.06
C TYR A 77 0.55 -16.09 -23.94
N ARG A 78 1.78 -16.14 -23.43
CA ARG A 78 2.89 -16.66 -24.19
C ARG A 78 2.58 -18.13 -24.55
N ILE A 79 2.04 -18.87 -23.58
CA ILE A 79 1.70 -20.28 -23.77
C ILE A 79 0.58 -20.48 -24.81
N LEU A 80 -0.45 -19.65 -24.74
CA LEU A 80 -1.54 -19.73 -25.70
C LEU A 80 -0.97 -19.44 -27.10
N GLN A 81 -0.20 -18.37 -27.21
CA GLN A 81 0.43 -17.94 -28.46
C GLN A 81 1.36 -18.99 -29.10
N ASP A 82 1.97 -19.84 -28.28
CA ASP A 82 2.85 -20.87 -28.81
C ASP A 82 2.09 -21.87 -29.69
N ASP A 83 0.85 -22.19 -29.31
CA ASP A 83 0.05 -23.12 -30.09
C ASP A 83 -1.43 -22.92 -29.80
N ILE A 84 -1.98 -21.82 -30.30
CA ILE A 84 -3.36 -21.48 -30.06
C ILE A 84 -4.32 -22.59 -30.52
N GLU A 85 -3.98 -23.23 -31.63
CA GLU A 85 -4.83 -24.28 -32.18
C GLU A 85 -5.06 -25.48 -31.28
N SER A 86 -4.02 -25.94 -30.61
CA SER A 86 -4.18 -27.11 -29.77
C SER A 86 -4.73 -26.77 -28.39
N LEU A 87 -4.59 -25.52 -27.98
CA LEU A 87 -5.09 -25.10 -26.67
C LEU A 87 -6.50 -24.51 -26.71
N MSE A 88 -6.93 -24.09 -27.89
CA MSE A 88 -8.26 -23.52 -28.09
C MSE A 88 -9.40 -24.38 -27.51
O MSE A 88 -10.27 -23.87 -26.81
CB MSE A 88 -8.50 -23.29 -29.57
CG MSE A 88 -9.82 -22.61 -29.89
SE MSE A 88 -9.72 -20.77 -29.41
CE MSE A 88 -8.81 -20.17 -31.00
N PRO A 89 -9.40 -25.69 -27.83
CA PRO A 89 -10.43 -26.65 -27.35
C PRO A 89 -10.40 -26.88 -25.83
N ILE A 90 -9.31 -26.48 -25.20
CA ILE A 90 -9.14 -26.65 -23.77
C ILE A 90 -9.59 -25.43 -23.01
N VAL A 91 -9.13 -24.26 -23.48
CA VAL A 91 -9.48 -22.99 -22.85
C VAL A 91 -10.82 -22.45 -23.33
N TYR A 92 -11.25 -22.86 -24.52
CA TYR A 92 -12.49 -22.40 -25.12
C TYR A 92 -13.40 -23.62 -25.39
N THR A 93 -14.30 -23.51 -26.36
CA THR A 93 -15.21 -24.63 -26.65
C THR A 93 -14.41 -25.82 -27.17
N PRO A 94 -14.78 -27.06 -26.78
CA PRO A 94 -15.86 -27.51 -25.90
C PRO A 94 -15.60 -27.56 -24.39
N THR A 95 -14.34 -27.70 -23.99
CA THR A 95 -13.98 -27.80 -22.57
C THR A 95 -14.46 -26.69 -21.63
N VAL A 96 -14.44 -25.45 -22.08
CA VAL A 96 -14.90 -24.38 -21.21
C VAL A 96 -16.36 -24.67 -20.78
N GLY A 97 -17.11 -25.37 -21.63
CA GLY A 97 -18.48 -25.72 -21.29
C GLY A 97 -18.47 -26.73 -20.14
N LEU A 98 -17.58 -27.70 -20.24
CA LEU A 98 -17.43 -28.70 -19.19
C LEU A 98 -17.01 -28.00 -17.89
N ALA A 99 -16.10 -27.04 -18.00
CA ALA A 99 -15.62 -26.30 -16.83
C ALA A 99 -16.75 -25.57 -16.10
N CYS A 100 -17.60 -24.89 -16.87
CA CYS A 100 -18.72 -24.16 -16.28
C CYS A 100 -19.64 -25.11 -15.53
N SER A 101 -19.95 -26.26 -16.15
CA SER A 101 -20.82 -27.26 -15.53
C SER A 101 -20.33 -27.68 -14.15
N GLN A 102 -19.01 -27.64 -13.94
CA GLN A 102 -18.42 -28.02 -12.67
C GLN A 102 -17.68 -26.88 -11.99
N TYR A 103 -17.99 -25.64 -12.37
CA TYR A 103 -17.31 -24.48 -11.83
C TYR A 103 -17.15 -24.51 -10.32
N GLY A 104 -18.20 -24.84 -9.60
CA GLY A 104 -18.13 -24.88 -8.15
C GLY A 104 -17.23 -25.98 -7.59
N HIS A 105 -17.01 -27.03 -8.36
CA HIS A 105 -16.19 -28.14 -7.92
C HIS A 105 -14.68 -27.92 -8.10
N ILE A 106 -14.31 -27.12 -9.11
CA ILE A 106 -12.90 -26.84 -9.39
C ILE A 106 -12.46 -25.44 -8.97
N PHE A 107 -13.38 -24.69 -8.37
CA PHE A 107 -13.09 -23.35 -7.90
C PHE A 107 -11.83 -23.27 -7.04
N ARG A 108 -11.02 -22.26 -7.28
CA ARG A 108 -9.79 -22.02 -6.52
C ARG A 108 -9.70 -20.54 -6.18
N ARG A 109 -9.77 -19.71 -7.22
CA ARG A 109 -9.73 -18.26 -7.08
C ARG A 109 -10.79 -17.67 -8.01
N PRO A 110 -11.43 -16.57 -7.60
CA PRO A 110 -12.45 -15.97 -8.47
C PRO A 110 -11.83 -15.09 -9.55
N LYS A 111 -12.56 -14.90 -10.63
CA LYS A 111 -12.10 -14.04 -11.72
C LYS A 111 -13.32 -13.22 -12.11
N GLY A 112 -13.11 -11.94 -12.40
CA GLY A 112 -14.22 -11.10 -12.81
C GLY A 112 -15.02 -10.49 -11.67
N LEU A 113 -16.01 -9.69 -12.05
CA LEU A 113 -16.89 -9.02 -11.10
C LEU A 113 -18.21 -9.77 -11.03
N PHE A 114 -18.73 -9.94 -9.82
CA PHE A 114 -20.01 -10.62 -9.62
C PHE A 114 -21.01 -9.60 -9.06
N ILE A 115 -22.11 -9.41 -9.78
CA ILE A 115 -23.16 -8.47 -9.35
C ILE A 115 -24.45 -9.26 -9.18
N SER A 116 -25.04 -9.22 -8.00
CA SER A 116 -26.28 -9.98 -7.78
C SER A 116 -27.48 -9.07 -7.56
N ILE A 117 -28.67 -9.64 -7.76
CA ILE A 117 -29.92 -8.91 -7.58
C ILE A 117 -30.01 -8.38 -6.15
N SER A 118 -29.31 -9.03 -5.22
CA SER A 118 -29.31 -8.60 -3.83
C SER A 118 -28.49 -7.33 -3.66
N ASP A 119 -27.72 -6.98 -4.69
CA ASP A 119 -26.89 -5.78 -4.67
C ASP A 119 -27.56 -4.58 -5.35
N ARG A 120 -28.80 -4.76 -5.80
CA ARG A 120 -29.50 -3.66 -6.48
C ARG A 120 -29.48 -2.41 -5.59
N GLY A 121 -29.06 -1.30 -6.18
CA GLY A 121 -28.98 -0.06 -5.43
C GLY A 121 -27.57 0.23 -4.97
N HIS A 122 -26.68 -0.75 -5.10
CA HIS A 122 -25.30 -0.54 -4.67
C HIS A 122 -24.30 -1.04 -5.70
N VAL A 123 -24.75 -1.18 -6.94
CA VAL A 123 -23.89 -1.68 -8.00
C VAL A 123 -22.65 -0.82 -8.25
N ARG A 124 -22.79 0.49 -8.13
CA ARG A 124 -21.65 1.38 -8.37
C ARG A 124 -20.53 1.09 -7.39
N SER A 125 -20.91 0.79 -6.15
CA SER A 125 -19.94 0.49 -5.10
C SER A 125 -19.20 -0.81 -5.45
N ILE A 126 -19.88 -1.71 -6.14
CA ILE A 126 -19.27 -2.97 -6.57
C ILE A 126 -18.27 -2.68 -7.68
N VAL A 127 -18.68 -1.85 -8.63
CA VAL A 127 -17.81 -1.48 -9.74
C VAL A 127 -16.58 -0.73 -9.25
N ASP A 128 -16.70 0.02 -8.15
CA ASP A 128 -15.55 0.75 -7.62
C ASP A 128 -14.54 -0.17 -6.94
N ASN A 129 -14.94 -1.42 -6.67
CA ASN A 129 -14.05 -2.36 -6.02
C ASN A 129 -13.07 -3.02 -7.01
N TRP A 130 -13.40 -2.99 -8.31
CA TRP A 130 -12.50 -3.58 -9.29
C TRP A 130 -11.23 -2.75 -9.26
N PRO A 131 -10.07 -3.42 -9.07
CA PRO A 131 -8.74 -2.82 -9.00
C PRO A 131 -8.22 -2.03 -10.21
N GLU A 132 -8.61 -2.44 -11.41
CA GLU A 132 -8.15 -1.74 -12.62
C GLU A 132 -8.90 -0.41 -12.85
N ASN A 133 -8.16 0.62 -13.23
CA ASN A 133 -8.72 1.95 -13.45
C ASN A 133 -9.13 2.33 -14.87
N HIS A 134 -8.64 1.61 -15.87
CA HIS A 134 -8.95 1.97 -17.24
C HIS A 134 -9.47 0.82 -18.09
N VAL A 135 -10.68 0.36 -17.77
CA VAL A 135 -11.30 -0.74 -18.49
C VAL A 135 -11.87 -0.25 -19.82
N LYS A 136 -11.63 -1.01 -20.89
CA LYS A 136 -12.14 -0.66 -22.21
C LYS A 136 -13.12 -1.70 -22.76
N ALA A 137 -13.09 -2.91 -22.21
CA ALA A 137 -13.98 -3.97 -22.68
C ALA A 137 -14.53 -4.85 -21.56
N VAL A 138 -15.84 -5.05 -21.61
CA VAL A 138 -16.54 -5.86 -20.64
C VAL A 138 -17.33 -6.93 -21.38
N VAL A 139 -17.30 -8.15 -20.88
CA VAL A 139 -18.10 -9.23 -21.47
C VAL A 139 -18.95 -9.65 -20.27
N VAL A 140 -20.27 -9.55 -20.43
CA VAL A 140 -21.19 -9.85 -19.36
C VAL A 140 -22.17 -10.95 -19.69
N THR A 141 -22.53 -11.75 -18.68
CA THR A 141 -23.49 -12.82 -18.83
C THR A 141 -24.33 -12.96 -17.55
N ASP A 142 -25.49 -13.58 -17.68
CA ASP A 142 -26.38 -13.86 -16.56
C ASP A 142 -26.47 -15.39 -16.50
N GLY A 143 -25.70 -16.05 -17.36
CA GLY A 143 -25.65 -17.49 -17.40
C GLY A 143 -26.94 -18.24 -17.67
N GLU A 144 -27.89 -17.63 -18.37
CA GLU A 144 -29.12 -18.32 -18.66
C GLU A 144 -29.02 -19.23 -19.88
N ARG A 145 -28.20 -18.85 -20.84
CA ARG A 145 -28.03 -19.62 -22.08
C ARG A 145 -26.54 -19.80 -22.33
N ILE A 146 -25.90 -20.67 -21.54
CA ILE A 146 -24.47 -20.96 -21.66
C ILE A 146 -24.29 -21.97 -22.78
N LEU A 147 -23.78 -21.51 -23.92
CA LEU A 147 -23.59 -22.37 -25.09
C LEU A 147 -24.95 -23.02 -25.34
N GLY A 148 -24.97 -24.34 -25.51
CA GLY A 148 -26.22 -25.05 -25.72
C GLY A 148 -26.54 -25.86 -24.47
N LEU A 149 -25.87 -25.52 -23.38
CA LEU A 149 -26.01 -26.19 -22.11
C LEU A 149 -27.19 -25.71 -21.25
N GLY A 150 -27.71 -24.53 -21.54
CA GLY A 150 -28.82 -24.01 -20.76
C GLY A 150 -28.43 -23.07 -19.63
N ASP A 151 -29.26 -23.07 -18.59
CA ASP A 151 -29.08 -22.22 -17.41
C ASP A 151 -28.07 -22.80 -16.40
N LEU A 152 -26.92 -22.14 -16.25
CA LEU A 152 -25.91 -22.61 -15.29
C LEU A 152 -25.62 -21.56 -14.23
N GLY A 153 -26.49 -20.54 -14.19
CA GLY A 153 -26.32 -19.49 -13.21
C GLY A 153 -24.91 -18.95 -13.15
N VAL A 154 -24.45 -18.67 -11.94
CA VAL A 154 -23.11 -18.14 -11.73
C VAL A 154 -22.01 -19.05 -12.28
N TYR A 155 -22.32 -20.33 -12.44
CA TYR A 155 -21.34 -21.27 -12.99
C TYR A 155 -20.95 -20.81 -14.40
N GLY A 156 -21.77 -19.94 -14.97
CA GLY A 156 -21.50 -19.44 -16.30
C GLY A 156 -20.39 -18.41 -16.41
N MSE A 157 -19.84 -17.98 -15.27
CA MSE A 157 -18.77 -16.98 -15.29
C MSE A 157 -17.58 -17.46 -16.12
O MSE A 157 -16.80 -16.66 -16.61
CB MSE A 157 -18.32 -16.63 -13.87
CG MSE A 157 -17.07 -15.72 -13.77
SE MSE A 157 -17.39 -13.94 -14.58
CE MSE A 157 -16.44 -14.14 -16.21
N GLY A 158 -17.43 -18.77 -16.27
CA GLY A 158 -16.31 -19.27 -17.06
C GLY A 158 -16.32 -18.80 -18.50
N ILE A 159 -17.51 -18.53 -19.02
CA ILE A 159 -17.67 -18.07 -20.39
C ILE A 159 -17.07 -16.68 -20.62
N PRO A 160 -17.44 -15.68 -19.81
CA PRO A 160 -16.87 -14.35 -20.04
C PRO A 160 -15.35 -14.35 -19.88
N VAL A 161 -14.86 -15.12 -18.90
CA VAL A 161 -13.42 -15.25 -18.65
C VAL A 161 -12.74 -15.81 -19.88
N GLY A 162 -13.33 -16.86 -20.46
CA GLY A 162 -12.78 -17.48 -21.65
C GLY A 162 -12.80 -16.53 -22.85
N LYS A 163 -13.91 -15.80 -23.01
CA LYS A 163 -14.02 -14.85 -24.11
C LYS A 163 -12.92 -13.79 -24.02
N LEU A 164 -12.76 -13.19 -22.85
CA LEU A 164 -11.75 -12.16 -22.68
C LEU A 164 -10.31 -12.64 -22.90
N CYS A 165 -10.07 -13.93 -22.71
CA CYS A 165 -8.74 -14.51 -22.93
C CYS A 165 -8.43 -14.45 -24.41
N LEU A 166 -9.48 -14.66 -25.20
CA LEU A 166 -9.35 -14.64 -26.65
C LEU A 166 -9.24 -13.19 -27.13
N TYR A 167 -9.79 -12.25 -26.39
CA TYR A 167 -9.68 -10.85 -26.77
C TYR A 167 -8.19 -10.57 -26.88
N THR A 168 -7.45 -10.94 -25.84
CA THR A 168 -6.03 -10.72 -25.78
C THR A 168 -5.16 -11.65 -26.61
N ALA A 169 -5.39 -12.95 -26.52
CA ALA A 169 -4.59 -13.92 -27.28
C ALA A 169 -4.77 -13.77 -28.79
N CYS A 170 -5.98 -13.42 -29.21
CA CYS A 170 -6.27 -13.26 -30.64
C CYS A 170 -6.04 -11.86 -31.21
N ALA A 171 -6.50 -10.82 -30.50
CA ALA A 171 -6.38 -9.45 -31.01
C ALA A 171 -5.44 -8.52 -30.24
N GLY A 172 -4.74 -9.06 -29.26
CA GLY A 172 -3.81 -8.23 -28.52
C GLY A 172 -4.42 -7.11 -27.73
N ILE A 173 -5.64 -7.30 -27.26
CA ILE A 173 -6.28 -6.28 -26.45
C ILE A 173 -5.62 -6.40 -25.07
N ARG A 174 -5.33 -5.28 -24.43
CA ARG A 174 -4.69 -5.33 -23.12
C ARG A 174 -5.55 -6.01 -22.07
N PRO A 175 -5.01 -7.04 -21.38
CA PRO A 175 -5.72 -7.78 -20.34
C PRO A 175 -6.19 -6.88 -19.21
N ASP A 176 -5.35 -5.95 -18.77
CA ASP A 176 -5.75 -5.08 -17.68
C ASP A 176 -6.89 -4.14 -18.05
N ARG A 177 -7.31 -4.15 -19.31
CA ARG A 177 -8.41 -3.31 -19.73
C ARG A 177 -9.66 -4.12 -20.07
N CYS A 178 -9.67 -5.40 -19.69
CA CYS A 178 -10.80 -6.28 -19.92
C CYS A 178 -11.45 -6.60 -18.59
N LEU A 179 -12.77 -6.72 -18.58
CA LEU A 179 -13.50 -7.02 -17.36
C LEU A 179 -14.63 -8.02 -17.57
N PRO A 180 -14.48 -9.23 -17.02
CA PRO A 180 -15.53 -10.26 -17.15
C PRO A 180 -16.54 -10.04 -16.03
N VAL A 181 -17.82 -10.02 -16.38
CA VAL A 181 -18.83 -9.78 -15.37
C VAL A 181 -19.93 -10.83 -15.40
N CYS A 182 -20.40 -11.21 -14.21
CA CYS A 182 -21.48 -12.15 -14.12
C CYS A 182 -22.60 -11.51 -13.31
N ILE A 183 -23.79 -11.46 -13.90
CA ILE A 183 -24.97 -10.89 -13.25
C ILE A 183 -25.75 -12.09 -12.66
N ASP A 184 -25.90 -12.11 -11.34
CA ASP A 184 -26.60 -13.20 -10.67
C ASP A 184 -27.97 -12.78 -10.11
N VAL A 185 -29.03 -13.25 -10.74
CA VAL A 185 -30.39 -12.94 -10.28
C VAL A 185 -31.09 -14.25 -9.96
N GLY A 186 -30.31 -15.31 -9.78
CA GLY A 186 -30.86 -16.62 -9.48
C GLY A 186 -30.73 -17.58 -10.66
N THR A 187 -31.23 -18.79 -10.50
CA THR A 187 -31.15 -19.78 -11.58
C THR A 187 -32.34 -20.74 -11.51
N ASP A 188 -32.80 -21.21 -12.66
CA ASP A 188 -33.92 -22.15 -12.69
C ASP A 188 -33.43 -23.59 -12.73
N ASN A 189 -32.12 -23.76 -12.75
CA ASN A 189 -31.50 -25.08 -12.78
C ASN A 189 -31.69 -25.71 -11.42
N ILE A 190 -32.61 -26.67 -11.34
CA ILE A 190 -32.91 -27.34 -10.08
C ILE A 190 -31.72 -28.07 -9.48
N ALA A 191 -30.89 -28.69 -10.33
CA ALA A 191 -29.73 -29.41 -9.82
C ALA A 191 -28.78 -28.48 -9.06
N LEU A 192 -28.57 -27.27 -9.57
CA LEU A 192 -27.66 -26.33 -8.91
C LEU A 192 -28.20 -25.77 -7.61
N LEU A 193 -29.51 -25.60 -7.52
CA LEU A 193 -30.12 -25.08 -6.31
C LEU A 193 -30.01 -26.06 -5.15
N LYS A 194 -29.61 -27.29 -5.43
CA LYS A 194 -29.45 -28.30 -4.37
C LYS A 194 -27.97 -28.66 -4.24
N ASP A 195 -27.13 -28.03 -5.05
CA ASP A 195 -25.68 -28.28 -5.03
C ASP A 195 -25.02 -27.41 -3.94
N PRO A 196 -24.36 -28.04 -2.97
CA PRO A 196 -23.71 -27.29 -1.89
C PRO A 196 -22.49 -26.50 -2.37
N PHE A 197 -22.01 -26.78 -3.58
CA PHE A 197 -20.85 -26.04 -4.10
C PHE A 197 -21.25 -24.89 -5.03
N TYR A 198 -22.56 -24.72 -5.27
CA TYR A 198 -23.02 -23.65 -6.14
C TYR A 198 -22.52 -22.29 -5.65
N MSE A 199 -22.04 -21.48 -6.59
CA MSE A 199 -21.47 -20.17 -6.28
C MSE A 199 -22.42 -18.95 -6.34
O MSE A 199 -22.02 -17.82 -6.06
CB MSE A 199 -20.26 -19.94 -7.20
CG MSE A 199 -19.06 -20.85 -6.91
SE MSE A 199 -17.99 -21.14 -8.52
CE MSE A 199 -17.41 -19.33 -8.85
N GLY A 200 -23.70 -19.17 -6.67
CA GLY A 200 -24.62 -18.06 -6.75
C GLY A 200 -25.71 -18.04 -5.70
N LEU A 201 -26.66 -17.13 -5.86
CA LEU A 201 -27.79 -17.00 -4.96
C LEU A 201 -28.67 -18.24 -5.06
N TYR A 202 -29.13 -18.77 -3.94
CA TYR A 202 -30.00 -19.93 -3.98
C TYR A 202 -31.45 -19.53 -4.13
N GLN A 203 -31.83 -19.12 -5.34
CA GLN A 203 -33.20 -18.71 -5.61
C GLN A 203 -33.47 -18.85 -7.11
N LYS A 204 -34.74 -18.93 -7.47
CA LYS A 204 -35.15 -19.03 -8.86
C LYS A 204 -34.83 -17.70 -9.51
N ARG A 205 -34.73 -17.67 -10.84
CA ARG A 205 -34.44 -16.42 -11.52
C ARG A 205 -35.50 -15.35 -11.31
N ASP A 206 -35.05 -14.13 -10.99
CA ASP A 206 -35.97 -13.02 -10.80
C ASP A 206 -36.24 -12.51 -12.22
N ARG A 207 -37.47 -12.68 -12.67
CA ARG A 207 -37.86 -12.24 -14.01
C ARG A 207 -38.79 -11.03 -13.97
N THR A 208 -38.75 -10.29 -12.88
CA THR A 208 -39.59 -9.11 -12.74
C THR A 208 -38.81 -7.88 -13.22
N GLN A 209 -39.42 -6.71 -13.07
CA GLN A 209 -38.81 -5.45 -13.48
C GLN A 209 -37.49 -5.20 -12.77
N GLN A 210 -37.32 -5.77 -11.58
CA GLN A 210 -36.08 -5.62 -10.80
C GLN A 210 -34.86 -6.10 -11.58
N TYR A 211 -35.06 -7.12 -12.40
CA TYR A 211 -33.99 -7.66 -13.23
C TYR A 211 -33.58 -6.56 -14.20
N ASP A 212 -34.55 -6.01 -14.91
CA ASP A 212 -34.27 -4.96 -15.87
C ASP A 212 -33.65 -3.77 -15.20
N ASP A 213 -34.13 -3.44 -13.99
CA ASP A 213 -33.59 -2.31 -13.26
C ASP A 213 -32.13 -2.56 -12.93
N LEU A 214 -31.83 -3.80 -12.54
CA LEU A 214 -30.46 -4.16 -12.21
C LEU A 214 -29.53 -4.00 -13.41
N ILE A 215 -29.95 -4.51 -14.57
CA ILE A 215 -29.11 -4.40 -15.76
C ILE A 215 -28.93 -2.92 -16.11
N ASP A 216 -29.97 -2.13 -15.88
CA ASP A 216 -29.91 -0.68 -16.15
C ASP A 216 -28.87 -0.04 -15.25
N GLU A 217 -28.92 -0.41 -13.97
CA GLU A 217 -28.00 0.13 -12.98
C GLU A 217 -26.55 -0.26 -13.31
N PHE A 218 -26.37 -1.47 -13.84
CA PHE A 218 -25.07 -1.98 -14.20
C PHE A 218 -24.46 -1.20 -15.36
N MSE A 219 -25.25 -1.04 -16.42
CA MSE A 219 -24.79 -0.32 -17.61
C MSE A 219 -24.37 1.08 -17.20
O MSE A 219 -23.35 1.58 -17.66
CB MSE A 219 -25.91 -0.24 -18.66
CG MSE A 219 -26.37 -1.58 -19.20
SE MSE A 219 -24.91 -2.47 -20.10
CE MSE A 219 -25.12 -1.70 -21.86
N LYS A 220 -25.15 1.70 -16.32
CA LYS A 220 -24.87 3.04 -15.85
C LYS A 220 -23.62 3.11 -14.98
N ALA A 221 -23.47 2.15 -14.07
CA ALA A 221 -22.30 2.15 -13.20
C ALA A 221 -21.02 1.90 -13.98
N ILE A 222 -21.07 0.99 -14.95
CA ILE A 222 -19.90 0.69 -15.75
C ILE A 222 -19.43 1.90 -16.52
N THR A 223 -20.35 2.54 -17.23
CA THR A 223 -20.01 3.71 -18.03
C THR A 223 -19.68 4.94 -17.19
N ASP A 224 -20.30 5.07 -16.03
CA ASP A 224 -19.97 6.23 -15.19
C ASP A 224 -18.52 6.16 -14.73
N ARG A 225 -18.01 4.97 -14.41
CA ARG A 225 -16.63 4.87 -13.97
C ARG A 225 -15.62 4.83 -15.09
N TYR A 226 -15.90 4.06 -16.14
CA TYR A 226 -14.96 3.89 -17.23
C TYR A 226 -15.17 4.66 -18.54
N GLY A 227 -16.33 5.29 -18.71
CA GLY A 227 -16.58 6.04 -19.91
C GLY A 227 -17.74 5.50 -20.73
N ARG A 228 -18.47 6.39 -21.37
CA ARG A 228 -19.62 6.01 -22.17
C ARG A 228 -19.29 5.15 -23.39
N ASN A 229 -18.05 5.17 -23.85
CA ASN A 229 -17.73 4.35 -25.01
C ASN A 229 -17.07 3.03 -24.64
N THR A 230 -17.24 2.62 -23.39
CA THR A 230 -16.70 1.34 -22.93
C THR A 230 -17.43 0.24 -23.72
N LEU A 231 -16.68 -0.64 -24.37
CA LEU A 231 -17.29 -1.72 -25.14
C LEU A 231 -17.91 -2.73 -24.17
N ILE A 232 -19.21 -2.99 -24.37
CA ILE A 232 -19.94 -3.92 -23.53
C ILE A 232 -20.49 -5.04 -24.42
N GLN A 233 -19.89 -6.22 -24.29
CA GLN A 233 -20.29 -7.39 -25.06
C GLN A 233 -21.22 -8.28 -24.24
N PHE A 234 -22.46 -8.42 -24.69
CA PHE A 234 -23.43 -9.27 -24.00
C PHE A 234 -23.19 -10.71 -24.48
N GLU A 235 -23.10 -11.63 -23.54
CA GLU A 235 -22.84 -13.02 -23.90
C GLU A 235 -23.76 -13.99 -23.17
N ASP A 236 -24.26 -14.97 -23.90
CA ASP A 236 -25.12 -16.01 -23.37
C ASP A 236 -26.31 -15.61 -22.47
N PHE A 237 -27.11 -14.66 -22.95
CA PHE A 237 -28.31 -14.25 -22.23
C PHE A 237 -29.44 -15.04 -22.88
N GLY A 238 -30.53 -15.23 -22.16
CA GLY A 238 -31.66 -15.94 -22.72
C GLY A 238 -32.22 -15.21 -23.93
N ASN A 239 -32.93 -15.93 -24.78
CA ASN A 239 -33.49 -15.40 -26.01
C ASN A 239 -34.25 -14.08 -25.87
N HIS A 240 -35.27 -14.04 -25.03
CA HIS A 240 -36.06 -12.82 -24.86
C HIS A 240 -35.23 -11.62 -24.43
N ASN A 241 -34.50 -11.77 -23.33
CA ASN A 241 -33.65 -10.73 -22.78
C ASN A 241 -32.56 -10.25 -23.76
N ALA A 242 -32.04 -11.18 -24.56
CA ALA A 242 -30.98 -10.84 -25.50
C ALA A 242 -31.35 -9.77 -26.50
N PHE A 243 -32.44 -9.96 -27.23
CA PHE A 243 -32.85 -8.97 -28.22
C PHE A 243 -33.26 -7.66 -27.55
N ARG A 244 -34.13 -7.73 -26.55
CA ARG A 244 -34.58 -6.51 -25.91
C ARG A 244 -33.46 -5.70 -25.25
N PHE A 245 -32.41 -6.36 -24.79
CA PHE A 245 -31.33 -5.58 -24.19
C PHE A 245 -30.48 -4.95 -25.29
N LEU A 246 -30.36 -5.64 -26.42
CA LEU A 246 -29.59 -5.14 -27.55
C LEU A 246 -30.32 -3.91 -28.11
N ARG A 247 -31.61 -4.08 -28.38
CA ARG A 247 -32.43 -3.01 -28.91
C ARG A 247 -32.44 -1.81 -27.97
N LYS A 248 -32.59 -2.08 -26.69
CA LYS A 248 -32.65 -1.03 -25.69
C LYS A 248 -31.34 -0.27 -25.48
N TYR A 249 -30.19 -0.92 -25.64
CA TYR A 249 -28.93 -0.25 -25.39
C TYR A 249 -28.02 0.10 -26.56
N ARG A 250 -28.18 -0.58 -27.70
CA ARG A 250 -27.31 -0.33 -28.83
C ARG A 250 -27.22 1.13 -29.31
N GLU A 251 -28.23 1.95 -28.99
CA GLU A 251 -28.23 3.34 -29.40
C GLU A 251 -27.76 4.28 -28.28
N LYS A 252 -27.71 3.78 -27.06
CA LYS A 252 -27.29 4.60 -25.92
C LYS A 252 -25.92 4.24 -25.38
N TYR A 253 -25.43 3.04 -25.71
CA TYR A 253 -24.12 2.60 -25.24
C TYR A 253 -23.35 1.94 -26.37
N CYS A 254 -22.08 1.63 -26.12
CA CYS A 254 -21.27 0.98 -27.11
C CYS A 254 -21.42 -0.49 -26.80
N THR A 255 -22.40 -1.12 -27.43
CA THR A 255 -22.69 -2.51 -27.11
C THR A 255 -23.13 -3.39 -28.26
N PHE A 256 -22.94 -4.70 -28.10
CA PHE A 256 -23.37 -5.66 -29.09
C PHE A 256 -23.57 -7.00 -28.40
N ASN A 257 -24.30 -7.90 -29.06
CA ASN A 257 -24.54 -9.22 -28.50
C ASN A 257 -23.82 -10.22 -29.40
N ASP A 258 -22.90 -10.97 -28.80
CA ASP A 258 -22.08 -11.94 -29.51
C ASP A 258 -22.85 -13.12 -30.12
N ASP A 259 -23.96 -13.49 -29.51
CA ASP A 259 -24.74 -14.63 -29.97
C ASP A 259 -25.69 -14.30 -31.10
N ILE A 260 -25.99 -13.02 -31.25
CA ILE A 260 -26.88 -12.57 -32.30
C ILE A 260 -26.07 -11.99 -33.47
N GLN A 261 -25.14 -11.08 -33.15
CA GLN A 261 -24.32 -10.41 -34.16
C GLN A 261 -22.97 -11.06 -34.49
N GLY A 262 -22.24 -11.51 -33.49
CA GLY A 262 -20.96 -12.14 -33.75
C GLY A 262 -21.13 -13.46 -34.50
N THR A 263 -22.08 -14.27 -34.04
CA THR A 263 -22.36 -15.54 -34.70
C THR A 263 -22.91 -15.29 -36.10
N ALA A 264 -23.72 -14.26 -36.24
CA ALA A 264 -24.28 -13.93 -37.54
C ALA A 264 -23.16 -13.66 -38.53
N ALA A 265 -22.17 -12.89 -38.09
CA ALA A 265 -21.05 -12.54 -38.96
C ALA A 265 -20.19 -13.73 -39.41
N VAL A 266 -19.87 -14.65 -38.50
CA VAL A 266 -19.04 -15.80 -38.88
C VAL A 266 -19.81 -16.74 -39.79
N ALA A 267 -21.11 -16.88 -39.51
CA ALA A 267 -21.94 -17.75 -40.32
C ALA A 267 -21.91 -17.20 -41.75
N LEU A 268 -22.19 -15.90 -41.89
CA LEU A 268 -22.20 -15.26 -43.19
C LEU A 268 -20.85 -15.43 -43.89
N ALA A 269 -19.76 -15.23 -43.17
CA ALA A 269 -18.42 -15.40 -43.76
C ALA A 269 -18.30 -16.80 -44.36
N GLY A 270 -18.86 -17.78 -43.68
CA GLY A 270 -18.83 -19.15 -44.17
C GLY A 270 -19.63 -19.34 -45.45
N LEU A 271 -20.83 -18.74 -45.50
CA LEU A 271 -21.68 -18.84 -46.68
C LEU A 271 -21.01 -18.16 -47.88
N LEU A 272 -20.41 -17.00 -47.64
CA LEU A 272 -19.73 -16.28 -48.70
C LEU A 272 -18.60 -17.12 -49.29
N ALA A 273 -17.89 -17.86 -48.44
CA ALA A 273 -16.80 -18.71 -48.91
C ALA A 273 -17.36 -19.88 -49.72
N ALA A 274 -18.45 -20.45 -49.23
CA ALA A 274 -19.08 -21.58 -49.92
C ALA A 274 -19.56 -21.16 -51.31
N GLN A 275 -20.19 -19.99 -51.40
CA GLN A 275 -20.68 -19.47 -52.68
C GLN A 275 -19.54 -19.33 -53.67
N LYS A 276 -18.35 -19.04 -53.17
CA LYS A 276 -17.16 -18.91 -54.02
C LYS A 276 -16.80 -20.25 -54.66
N VAL A 277 -17.26 -21.34 -54.06
CA VAL A 277 -16.97 -22.67 -54.57
C VAL A 277 -18.15 -23.25 -55.36
N ILE A 278 -19.35 -22.79 -55.03
CA ILE A 278 -20.56 -23.28 -55.70
C ILE A 278 -21.05 -22.37 -56.83
N SER A 279 -20.88 -21.07 -56.66
CA SER A 279 -21.33 -20.10 -57.68
C SER A 279 -22.78 -20.37 -58.06
N LYS A 280 -23.66 -20.42 -57.07
CA LYS A 280 -25.08 -20.66 -57.32
C LYS A 280 -25.82 -19.35 -57.58
N PRO A 281 -26.63 -19.30 -58.65
CA PRO A 281 -27.40 -18.09 -58.99
C PRO A 281 -28.18 -17.56 -57.80
N ILE A 282 -27.90 -16.32 -57.43
CA ILE A 282 -28.55 -15.67 -56.29
C ILE A 282 -30.04 -15.91 -56.18
N SER A 283 -30.70 -16.12 -57.32
CA SER A 283 -32.14 -16.34 -57.33
C SER A 283 -32.54 -17.74 -56.89
N GLU A 284 -31.61 -18.69 -56.98
CA GLU A 284 -31.89 -20.07 -56.60
C GLU A 284 -31.43 -20.43 -55.20
N HIS A 285 -31.18 -19.42 -54.37
CA HIS A 285 -30.74 -19.67 -52.99
C HIS A 285 -31.96 -19.94 -52.13
N LYS A 286 -31.88 -20.99 -51.32
CA LYS A 286 -32.97 -21.35 -50.43
C LYS A 286 -32.33 -21.80 -49.12
N ILE A 287 -32.48 -20.96 -48.10
CA ILE A 287 -31.90 -21.25 -46.80
C ILE A 287 -32.93 -21.67 -45.76
N LEU A 288 -32.68 -22.81 -45.12
CA LEU A 288 -33.55 -23.35 -44.08
C LEU A 288 -32.80 -23.45 -42.75
N PHE A 289 -33.32 -22.75 -41.76
CA PHE A 289 -32.74 -22.71 -40.43
C PHE A 289 -33.39 -23.73 -39.48
N LEU A 290 -32.56 -24.42 -38.71
CA LEU A 290 -33.07 -25.34 -37.70
C LEU A 290 -32.97 -24.45 -36.47
N GLY A 291 -34.10 -23.91 -36.03
CA GLY A 291 -34.10 -23.02 -34.89
C GLY A 291 -34.37 -21.62 -35.39
N ALA A 292 -34.93 -20.77 -34.54
CA ALA A 292 -35.27 -19.43 -34.96
C ALA A 292 -35.07 -18.43 -33.83
N GLY A 293 -33.93 -18.50 -33.18
CA GLY A 293 -33.66 -17.60 -32.07
C GLY A 293 -32.53 -16.62 -32.33
N GLU A 294 -31.75 -16.35 -31.30
CA GLU A 294 -30.63 -15.41 -31.38
C GLU A 294 -29.78 -15.59 -32.64
N ALA A 295 -29.17 -16.76 -32.80
CA ALA A 295 -28.33 -17.02 -33.96
C ALA A 295 -29.09 -16.99 -35.28
N ALA A 296 -30.21 -17.71 -35.35
CA ALA A 296 -30.98 -17.76 -36.59
C ALA A 296 -31.38 -16.37 -37.08
N LEU A 297 -31.93 -15.56 -36.19
CA LEU A 297 -32.36 -14.21 -36.55
C LEU A 297 -31.20 -13.30 -36.89
N GLY A 298 -30.10 -13.43 -36.16
CA GLY A 298 -28.94 -12.59 -36.45
C GLY A 298 -28.36 -12.97 -37.81
N ILE A 299 -28.20 -14.26 -38.06
CA ILE A 299 -27.64 -14.73 -39.33
C ILE A 299 -28.57 -14.31 -40.48
N ALA A 300 -29.85 -14.57 -40.33
CA ALA A 300 -30.84 -14.24 -41.35
C ALA A 300 -30.78 -12.77 -41.77
N ASN A 301 -30.78 -11.88 -40.78
CA ASN A 301 -30.71 -10.45 -41.05
C ASN A 301 -29.42 -10.08 -41.77
N LEU A 302 -28.32 -10.76 -41.44
CA LEU A 302 -27.03 -10.48 -42.08
C LEU A 302 -26.98 -11.06 -43.50
N ILE A 303 -27.64 -12.18 -43.72
CA ILE A 303 -27.66 -12.75 -45.07
C ILE A 303 -28.45 -11.81 -45.97
N VAL A 304 -29.55 -11.28 -45.44
CA VAL A 304 -30.43 -10.37 -46.17
C VAL A 304 -29.69 -9.09 -46.59
N MSE A 305 -28.90 -8.52 -45.68
CA MSE A 305 -28.13 -7.31 -46.01
C MSE A 305 -27.15 -7.60 -47.15
O MSE A 305 -26.93 -6.76 -48.01
CB MSE A 305 -27.36 -6.81 -44.80
CG MSE A 305 -28.22 -6.19 -43.72
SE MSE A 305 -27.14 -5.76 -42.17
CE MSE A 305 -26.48 -4.02 -42.70
N SER A 306 -26.55 -8.79 -47.14
CA SER A 306 -25.61 -9.16 -48.17
C SER A 306 -26.30 -9.30 -49.53
N MSE A 307 -27.49 -9.90 -49.54
CA MSE A 307 -28.24 -10.06 -50.77
C MSE A 307 -28.70 -8.72 -51.32
O MSE A 307 -28.63 -8.49 -52.53
CB MSE A 307 -29.44 -10.99 -50.55
CG MSE A 307 -29.06 -12.43 -50.34
SE MSE A 307 -30.65 -13.52 -50.21
CE MSE A 307 -30.98 -13.32 -48.33
N VAL A 308 -29.17 -7.84 -50.44
CA VAL A 308 -29.64 -6.55 -50.90
C VAL A 308 -28.50 -5.78 -51.56
N GLU A 309 -27.31 -5.80 -50.96
CA GLU A 309 -26.19 -5.08 -51.54
C GLU A 309 -25.66 -5.80 -52.77
N ASN A 310 -26.37 -6.84 -53.22
CA ASN A 310 -25.98 -7.59 -54.39
C ASN A 310 -27.13 -7.75 -55.39
N GLY A 311 -28.05 -6.79 -55.37
CA GLY A 311 -29.17 -6.85 -56.30
C GLY A 311 -30.55 -6.92 -55.65
N LEU A 312 -30.94 -8.13 -55.24
CA LEU A 312 -32.22 -8.38 -54.61
C LEU A 312 -32.69 -7.29 -53.64
N SER A 313 -34.01 -7.18 -53.50
CA SER A 313 -34.58 -6.21 -52.58
C SER A 313 -34.74 -6.94 -51.24
N GLU A 314 -34.89 -6.18 -50.17
CA GLU A 314 -35.04 -6.75 -48.84
C GLU A 314 -36.20 -7.76 -48.84
N GLN A 315 -37.29 -7.39 -49.50
CA GLN A 315 -38.49 -8.22 -49.58
C GLN A 315 -38.24 -9.59 -50.25
N GLU A 316 -37.62 -9.60 -51.42
CA GLU A 316 -37.36 -10.85 -52.11
C GLU A 316 -36.26 -11.69 -51.48
N ALA A 317 -35.34 -11.05 -50.78
CA ALA A 317 -34.25 -11.77 -50.11
C ALA A 317 -34.81 -12.51 -48.91
N GLN A 318 -35.71 -11.87 -48.17
CA GLN A 318 -36.30 -12.48 -47.00
C GLN A 318 -37.15 -13.70 -47.35
N LYS A 319 -37.64 -13.74 -48.58
CA LYS A 319 -38.47 -14.85 -49.03
C LYS A 319 -37.65 -16.11 -49.31
N LYS A 320 -36.34 -15.97 -49.43
CA LYS A 320 -35.48 -17.11 -49.69
C LYS A 320 -35.04 -17.78 -48.37
N ILE A 321 -35.53 -17.25 -47.25
CA ILE A 321 -35.18 -17.77 -45.93
C ILE A 321 -36.35 -18.36 -45.14
N TRP A 322 -36.21 -19.62 -44.74
CA TRP A 322 -37.25 -20.30 -43.96
C TRP A 322 -36.66 -20.76 -42.62
N MSE A 323 -37.50 -20.80 -41.59
CA MSE A 323 -37.03 -21.24 -40.27
C MSE A 323 -37.94 -22.33 -39.70
O MSE A 323 -39.15 -22.33 -39.93
CB MSE A 323 -36.96 -20.05 -39.32
CG MSE A 323 -36.08 -18.92 -39.85
SE MSE A 323 -35.92 -17.53 -38.53
CE MSE A 323 -37.81 -17.21 -38.24
N PHE A 324 -37.34 -23.24 -38.94
CA PHE A 324 -38.03 -24.37 -38.32
C PHE A 324 -37.56 -24.45 -36.87
N ASP A 325 -38.44 -24.19 -35.92
CA ASP A 325 -38.05 -24.25 -34.51
C ASP A 325 -38.64 -25.47 -33.80
N LYS A 326 -38.67 -25.42 -32.46
CA LYS A 326 -39.19 -26.56 -31.70
C LYS A 326 -40.67 -26.86 -31.86
N TYR A 327 -41.41 -25.94 -32.47
CA TYR A 327 -42.82 -26.15 -32.70
C TYR A 327 -43.08 -26.45 -34.18
N GLY A 328 -42.03 -26.37 -34.98
CA GLY A 328 -42.20 -26.64 -36.40
C GLY A 328 -41.92 -25.44 -37.28
N LEU A 329 -42.26 -25.56 -38.56
CA LEU A 329 -42.04 -24.50 -39.54
C LEU A 329 -42.74 -23.19 -39.18
N LEU A 330 -42.00 -22.09 -39.27
CA LEU A 330 -42.58 -20.78 -38.98
C LEU A 330 -43.47 -20.39 -40.18
N VAL A 331 -44.78 -20.53 -40.03
CA VAL A 331 -45.71 -20.18 -41.10
C VAL A 331 -46.73 -19.21 -40.55
N LYS A 332 -47.27 -18.35 -41.40
CA LYS A 332 -48.25 -17.38 -40.94
C LYS A 332 -49.50 -18.08 -40.40
N GLY A 333 -49.90 -17.68 -39.20
CA GLY A 333 -51.09 -18.24 -38.57
C GLY A 333 -50.92 -19.54 -37.78
N ARG A 334 -49.69 -19.96 -37.54
CA ARG A 334 -49.47 -21.18 -36.78
C ARG A 334 -49.87 -20.89 -35.34
N LYS A 335 -50.17 -21.94 -34.57
CA LYS A 335 -50.58 -21.74 -33.19
C LYS A 335 -49.45 -21.23 -32.31
N ALA A 336 -48.21 -21.64 -32.62
CA ALA A 336 -47.06 -21.21 -31.85
C ALA A 336 -46.67 -19.77 -32.19
N LYS A 337 -46.38 -18.98 -31.17
CA LYS A 337 -46.03 -17.57 -31.35
C LYS A 337 -45.09 -17.29 -32.50
N ILE A 338 -45.06 -16.01 -32.90
CA ILE A 338 -44.22 -15.50 -33.97
C ILE A 338 -44.01 -14.06 -33.57
N ASP A 339 -42.82 -13.73 -33.07
CA ASP A 339 -42.58 -12.35 -32.64
C ASP A 339 -42.17 -11.44 -33.79
N SER A 340 -41.99 -10.17 -33.46
CA SER A 340 -41.62 -9.14 -34.43
C SER A 340 -40.40 -9.51 -35.29
N TYR A 341 -39.36 -10.03 -34.66
CA TYR A 341 -38.14 -10.39 -35.40
C TYR A 341 -38.30 -11.55 -36.36
N GLN A 342 -39.20 -12.47 -36.05
CA GLN A 342 -39.42 -13.64 -36.90
C GLN A 342 -40.41 -13.39 -38.04
N GLU A 343 -41.25 -12.38 -37.90
CA GLU A 343 -42.26 -12.07 -38.92
C GLU A 343 -41.73 -12.03 -40.36
N PRO A 344 -40.63 -11.30 -40.61
CA PRO A 344 -40.06 -11.20 -41.96
C PRO A 344 -39.65 -12.53 -42.58
N PHE A 345 -39.50 -13.56 -41.76
CA PHE A 345 -39.10 -14.85 -42.26
C PHE A 345 -40.18 -15.92 -42.09
N THR A 346 -41.38 -15.45 -41.73
CA THR A 346 -42.53 -16.33 -41.54
C THR A 346 -43.39 -16.23 -42.80
N HIS A 347 -43.31 -17.27 -43.64
CA HIS A 347 -44.06 -17.29 -44.90
C HIS A 347 -45.44 -17.93 -44.80
N SER A 348 -46.14 -17.93 -45.92
CA SER A 348 -47.46 -18.53 -45.99
C SER A 348 -47.23 -20.03 -46.08
N ALA A 349 -48.01 -20.79 -45.31
CA ALA A 349 -47.90 -22.25 -45.27
C ALA A 349 -47.79 -22.86 -46.67
N PRO A 350 -46.76 -23.71 -46.88
CA PRO A 350 -46.56 -24.36 -48.18
C PRO A 350 -47.63 -25.39 -48.47
N GLU A 351 -47.47 -26.07 -49.60
CA GLU A 351 -48.39 -27.12 -50.06
C GLU A 351 -48.77 -28.04 -48.90
N SER A 352 -47.75 -28.56 -48.22
CA SER A 352 -47.95 -29.46 -47.09
C SER A 352 -47.09 -28.98 -45.93
N ILE A 353 -47.66 -28.96 -44.73
CA ILE A 353 -46.91 -28.52 -43.56
C ILE A 353 -46.04 -29.65 -43.02
N PRO A 354 -44.71 -29.44 -43.01
CA PRO A 354 -43.74 -30.43 -42.52
C PRO A 354 -43.84 -30.66 -41.03
N ASP A 355 -43.73 -31.93 -40.64
CA ASP A 355 -43.82 -32.32 -39.24
C ASP A 355 -42.42 -32.36 -38.58
N THR A 356 -41.46 -32.91 -39.30
CA THR A 356 -40.09 -33.02 -38.82
C THR A 356 -39.19 -32.11 -39.66
N PHE A 357 -37.91 -32.03 -39.30
CA PHE A 357 -37.03 -31.19 -40.08
C PHE A 357 -36.75 -31.86 -41.42
N GLU A 358 -36.76 -33.19 -41.43
CA GLU A 358 -36.53 -33.93 -42.66
C GLU A 358 -37.67 -33.63 -43.66
N ASP A 359 -38.89 -33.48 -43.15
CA ASP A 359 -40.03 -33.17 -44.02
C ASP A 359 -39.83 -31.79 -44.64
N ALA A 360 -39.35 -30.86 -43.82
CA ALA A 360 -39.10 -29.49 -44.24
C ALA A 360 -38.06 -29.45 -45.35
N VAL A 361 -37.05 -30.30 -45.23
CA VAL A 361 -35.99 -30.36 -46.22
C VAL A 361 -36.51 -30.91 -47.56
N ASN A 362 -37.31 -31.97 -47.50
CA ASN A 362 -37.84 -32.59 -48.72
C ASN A 362 -38.95 -31.76 -49.38
N ILE A 363 -39.60 -30.90 -48.61
CA ILE A 363 -40.67 -30.06 -49.11
C ILE A 363 -40.14 -28.71 -49.64
N LEU A 364 -39.36 -28.01 -48.82
CA LEU A 364 -38.79 -26.74 -49.21
C LEU A 364 -37.58 -26.89 -50.13
N LYS A 365 -36.92 -28.05 -50.07
CA LYS A 365 -35.74 -28.33 -50.89
C LYS A 365 -34.69 -27.21 -50.80
N PRO A 366 -34.28 -26.84 -49.57
CA PRO A 366 -33.28 -25.79 -49.41
C PRO A 366 -31.92 -26.20 -49.97
N SER A 367 -31.10 -25.21 -50.29
CA SER A 367 -29.76 -25.45 -50.82
C SER A 367 -28.76 -25.35 -49.66
N THR A 368 -29.20 -24.71 -48.58
CA THR A 368 -28.37 -24.53 -47.39
C THR A 368 -29.16 -24.85 -46.13
N ILE A 369 -28.52 -25.55 -45.23
CA ILE A 369 -29.13 -25.92 -43.98
C ILE A 369 -28.23 -25.41 -42.84
N ILE A 370 -28.80 -24.66 -41.91
CA ILE A 370 -28.04 -24.10 -40.80
C ILE A 370 -28.60 -24.53 -39.44
N GLY A 371 -27.79 -25.25 -38.70
CA GLY A 371 -28.21 -25.74 -37.40
C GLY A 371 -27.82 -24.83 -36.25
N VAL A 372 -28.82 -24.24 -35.62
CA VAL A 372 -28.60 -23.35 -34.49
C VAL A 372 -29.76 -23.55 -33.49
N ALA A 373 -29.99 -24.81 -33.12
CA ALA A 373 -31.06 -25.12 -32.19
C ALA A 373 -30.54 -25.42 -30.80
N GLY A 374 -29.24 -25.67 -30.69
CA GLY A 374 -28.62 -25.99 -29.41
C GLY A 374 -29.26 -27.17 -28.71
N ALA A 375 -29.81 -28.11 -29.48
CA ALA A 375 -30.50 -29.25 -28.91
C ALA A 375 -30.05 -30.67 -29.33
N GLY A 376 -28.79 -30.83 -29.70
CA GLY A 376 -28.32 -32.15 -30.09
C GLY A 376 -28.41 -32.47 -31.56
N ARG A 377 -28.19 -33.75 -31.88
CA ARG A 377 -28.17 -34.24 -33.25
C ARG A 377 -29.46 -34.19 -34.06
N LEU A 378 -29.96 -32.98 -34.33
CA LEU A 378 -31.19 -32.88 -35.11
C LEU A 378 -30.94 -33.11 -36.61
N PHE A 379 -29.69 -32.99 -37.06
CA PHE A 379 -29.39 -33.23 -38.47
C PHE A 379 -29.08 -34.72 -38.56
N THR A 380 -30.15 -35.51 -38.55
CA THR A 380 -30.10 -36.95 -38.61
C THR A 380 -29.52 -37.41 -39.94
N PRO A 381 -29.11 -38.70 -40.02
CA PRO A 381 -28.55 -39.27 -41.24
C PRO A 381 -29.48 -39.07 -42.44
N ASP A 382 -30.79 -39.18 -42.20
CA ASP A 382 -31.80 -39.00 -43.25
C ASP A 382 -31.85 -37.55 -43.72
N VAL A 383 -31.72 -36.62 -42.78
CA VAL A 383 -31.71 -35.19 -43.11
C VAL A 383 -30.54 -34.92 -44.04
N ILE A 384 -29.37 -35.43 -43.67
CA ILE A 384 -28.15 -35.23 -44.46
C ILE A 384 -28.24 -35.90 -45.84
N ARG A 385 -28.72 -37.14 -45.87
CA ARG A 385 -28.86 -37.86 -47.13
C ARG A 385 -29.84 -37.11 -48.04
N ALA A 386 -30.89 -36.55 -47.44
CA ALA A 386 -31.87 -35.81 -48.24
C ALA A 386 -31.19 -34.62 -48.91
N MSE A 387 -30.34 -33.92 -48.18
CA MSE A 387 -29.66 -32.76 -48.74
C MSE A 387 -28.72 -33.15 -49.88
O MSE A 387 -28.56 -32.40 -50.84
CB MSE A 387 -28.87 -32.03 -47.65
CG MSE A 387 -29.74 -31.28 -46.66
SE MSE A 387 -30.42 -29.63 -47.45
CE MSE A 387 -31.65 -30.34 -48.74
N ALA A 388 -28.11 -34.33 -49.80
CA ALA A 388 -27.19 -34.79 -50.83
C ALA A 388 -27.92 -35.20 -52.11
N SER A 389 -29.17 -35.63 -51.96
CA SER A 389 -29.96 -36.04 -53.12
C SER A 389 -30.59 -34.83 -53.80
N ILE A 390 -30.91 -33.80 -53.02
CA ILE A 390 -31.52 -32.59 -53.54
C ILE A 390 -30.50 -31.61 -54.13
N ASN A 391 -29.33 -31.52 -53.52
CA ASN A 391 -28.28 -30.60 -53.98
C ASN A 391 -27.01 -31.34 -54.38
N GLU A 392 -26.33 -30.84 -55.42
CA GLU A 392 -25.08 -31.45 -55.86
C GLU A 392 -24.03 -31.16 -54.78
N ARG A 393 -23.98 -29.90 -54.33
CA ARG A 393 -23.04 -29.48 -53.30
C ARG A 393 -23.84 -28.82 -52.16
N PRO A 394 -24.45 -29.64 -51.28
CA PRO A 394 -25.23 -29.09 -50.18
C PRO A 394 -24.38 -28.38 -49.13
N VAL A 395 -24.92 -27.32 -48.55
CA VAL A 395 -24.22 -26.57 -47.52
C VAL A 395 -24.87 -26.95 -46.18
N ILE A 396 -24.08 -27.54 -45.30
CA ILE A 396 -24.56 -27.96 -43.99
C ILE A 396 -23.71 -27.34 -42.89
N PHE A 397 -24.34 -26.52 -42.06
CA PHE A 397 -23.68 -25.84 -40.94
C PHE A 397 -24.31 -26.33 -39.62
N ALA A 398 -23.47 -26.87 -38.73
CA ALA A 398 -23.93 -27.36 -37.43
C ALA A 398 -23.26 -26.48 -36.38
N LEU A 399 -23.85 -25.33 -36.13
CA LEU A 399 -23.26 -24.33 -35.24
C LEU A 399 -23.45 -24.40 -33.72
N SER A 400 -24.28 -25.30 -33.22
CA SER A 400 -24.51 -25.40 -31.79
C SER A 400 -23.29 -25.95 -31.01
N ASN A 401 -23.05 -25.39 -29.82
CA ASN A 401 -21.94 -25.80 -28.97
C ASN A 401 -22.46 -26.21 -27.60
N PRO A 402 -21.72 -27.07 -26.88
CA PRO A 402 -20.45 -27.71 -27.27
C PRO A 402 -20.73 -28.87 -28.21
N THR A 403 -19.71 -29.68 -28.45
CA THR A 403 -19.83 -30.82 -29.35
C THR A 403 -21.07 -31.70 -29.20
N ALA A 404 -21.45 -32.06 -27.96
CA ALA A 404 -22.63 -32.90 -27.77
C ALA A 404 -23.92 -32.23 -28.25
N GLN A 405 -23.95 -30.91 -28.29
CA GLN A 405 -25.13 -30.20 -28.74
C GLN A 405 -25.14 -29.94 -30.24
N ALA A 406 -24.04 -30.31 -30.90
CA ALA A 406 -23.92 -30.12 -32.34
C ALA A 406 -24.99 -30.90 -33.11
N GLU A 407 -25.55 -30.28 -34.15
CA GLU A 407 -26.60 -30.91 -34.95
C GLU A 407 -26.14 -32.20 -35.66
N CYS A 408 -24.83 -32.30 -35.91
CA CYS A 408 -24.23 -33.49 -36.53
C CYS A 408 -22.70 -33.32 -36.50
N THR A 409 -21.96 -34.37 -36.82
CA THR A 409 -20.50 -34.30 -36.81
C THR A 409 -19.95 -34.15 -38.23
N ALA A 410 -18.67 -33.81 -38.33
CA ALA A 410 -18.01 -33.68 -39.63
C ALA A 410 -18.04 -35.05 -40.33
N GLU A 411 -17.70 -36.09 -39.57
CA GLU A 411 -17.69 -37.44 -40.10
C GLU A 411 -19.02 -37.79 -40.77
N GLU A 412 -20.11 -37.49 -40.11
CA GLU A 412 -21.44 -37.78 -40.64
C GLU A 412 -21.73 -37.00 -41.91
N ALA A 413 -21.49 -35.68 -41.86
CA ALA A 413 -21.76 -34.82 -43.00
C ALA A 413 -20.97 -35.20 -44.25
N TYR A 414 -19.67 -35.40 -44.10
CA TYR A 414 -18.83 -35.76 -45.24
C TYR A 414 -19.11 -37.14 -45.80
N THR A 415 -19.30 -38.12 -44.92
CA THR A 415 -19.56 -39.47 -45.36
C THR A 415 -20.94 -39.66 -46.01
N LEU A 416 -21.99 -39.18 -45.34
CA LEU A 416 -23.34 -39.33 -45.89
C LEU A 416 -23.59 -38.53 -47.17
N THR A 417 -22.69 -37.61 -47.52
CA THR A 417 -22.86 -36.83 -48.74
C THR A 417 -21.76 -37.21 -49.73
N GLU A 418 -20.94 -38.16 -49.33
CA GLU A 418 -19.84 -38.65 -50.14
C GLU A 418 -18.86 -37.55 -50.53
N GLY A 419 -18.57 -36.67 -49.58
CA GLY A 419 -17.64 -35.59 -49.82
C GLY A 419 -18.12 -34.47 -50.71
N ARG A 420 -19.43 -34.40 -50.94
CA ARG A 420 -20.00 -33.36 -51.79
C ARG A 420 -20.48 -32.11 -51.04
N CYS A 421 -20.55 -32.19 -49.71
CA CYS A 421 -21.02 -31.04 -48.95
C CYS A 421 -19.92 -30.08 -48.52
N LEU A 422 -20.34 -28.92 -48.07
CA LEU A 422 -19.47 -27.87 -47.58
C LEU A 422 -19.95 -27.79 -46.13
N PHE A 423 -19.09 -28.23 -45.22
CA PHE A 423 -19.43 -28.29 -43.80
C PHE A 423 -18.67 -27.33 -42.89
N ALA A 424 -19.37 -26.85 -41.87
CA ALA A 424 -18.81 -25.95 -40.88
C ALA A 424 -19.51 -26.27 -39.57
N SER A 425 -18.78 -26.23 -38.47
CA SER A 425 -19.35 -26.52 -37.16
C SER A 425 -18.90 -25.48 -36.14
N GLY A 426 -19.65 -25.36 -35.05
CA GLY A 426 -19.28 -24.41 -34.01
C GLY A 426 -18.13 -24.95 -33.17
N SER A 427 -18.20 -26.24 -32.85
CA SER A 427 -17.16 -26.91 -32.05
C SER A 427 -16.17 -27.60 -33.00
N PRO A 428 -14.93 -27.84 -32.53
CA PRO A 428 -13.93 -28.48 -33.39
C PRO A 428 -14.09 -29.98 -33.65
N PHE A 429 -13.79 -30.37 -34.88
CA PHE A 429 -13.82 -31.75 -35.35
C PHE A 429 -12.55 -31.87 -36.16
N GLY A 430 -11.87 -33.01 -36.05
CA GLY A 430 -10.63 -33.19 -36.79
C GLY A 430 -10.91 -33.56 -38.23
N PRO A 431 -9.85 -33.68 -39.05
CA PRO A 431 -9.97 -34.05 -40.46
C PRO A 431 -10.73 -35.37 -40.63
N VAL A 432 -11.43 -35.50 -41.76
CA VAL A 432 -12.19 -36.70 -42.07
C VAL A 432 -11.65 -37.35 -43.33
N LYS A 433 -11.36 -38.65 -43.26
CA LYS A 433 -10.84 -39.38 -44.40
C LYS A 433 -11.88 -40.40 -44.86
N LEU A 434 -12.33 -40.28 -46.10
CA LEU A 434 -13.32 -41.21 -46.61
C LEU A 434 -12.68 -42.49 -47.10
N THR A 435 -13.48 -43.56 -47.15
CA THR A 435 -13.00 -44.86 -47.60
C THR A 435 -12.28 -44.79 -48.95
N ASP A 436 -12.56 -43.76 -49.76
CA ASP A 436 -11.88 -43.64 -51.06
C ASP A 436 -10.56 -42.88 -50.96
N GLY A 437 -10.12 -42.58 -49.74
CA GLY A 437 -8.86 -41.89 -49.56
C GLY A 437 -8.86 -40.37 -49.46
N ARG A 438 -9.95 -39.73 -49.86
CA ARG A 438 -10.02 -38.27 -49.78
C ARG A 438 -10.06 -37.77 -48.33
N VAL A 439 -9.37 -36.68 -48.07
CA VAL A 439 -9.32 -36.09 -46.74
C VAL A 439 -9.99 -34.71 -46.73
N PHE A 440 -10.95 -34.51 -45.84
CA PHE A 440 -11.66 -33.24 -45.73
C PHE A 440 -11.36 -32.58 -44.39
N THR A 441 -11.03 -31.30 -44.43
CA THR A 441 -10.72 -30.54 -43.23
C THR A 441 -11.86 -29.53 -43.02
N PRO A 442 -12.76 -29.82 -42.07
CA PRO A 442 -13.90 -28.93 -41.79
C PRO A 442 -13.50 -27.64 -41.06
N GLY A 443 -14.18 -26.55 -41.39
CA GLY A 443 -13.89 -25.28 -40.76
C GLY A 443 -14.75 -25.07 -39.51
N GLN A 444 -14.33 -24.17 -38.65
CA GLN A 444 -15.05 -23.91 -37.42
C GLN A 444 -15.79 -22.56 -37.44
N GLY A 445 -17.09 -22.60 -37.69
CA GLY A 445 -17.87 -21.38 -37.71
C GLY A 445 -18.22 -20.97 -36.28
N ASN A 446 -17.23 -20.38 -35.60
CA ASN A 446 -17.41 -19.94 -34.21
C ASN A 446 -17.08 -18.46 -34.18
N ASN A 447 -17.83 -17.68 -33.38
CA ASN A 447 -17.61 -16.24 -33.35
C ASN A 447 -16.24 -15.77 -32.91
N VAL A 448 -15.40 -16.70 -32.46
CA VAL A 448 -14.04 -16.34 -32.04
C VAL A 448 -13.30 -15.70 -33.22
N TYR A 449 -13.73 -16.01 -34.45
CA TYR A 449 -13.08 -15.44 -35.63
C TYR A 449 -13.52 -13.98 -35.84
N ILE A 450 -14.56 -13.57 -35.14
CA ILE A 450 -15.09 -12.22 -35.30
C ILE A 450 -14.95 -11.21 -34.17
N PHE A 451 -15.44 -11.54 -32.98
CA PHE A 451 -15.40 -10.56 -31.90
C PHE A 451 -14.05 -9.99 -31.47
N PRO A 452 -12.95 -10.77 -31.58
CA PRO A 452 -11.68 -10.19 -31.17
C PRO A 452 -11.28 -9.03 -32.07
N GLY A 453 -11.37 -9.25 -33.38
CA GLY A 453 -11.02 -8.21 -34.34
C GLY A 453 -11.93 -7.00 -34.32
N VAL A 454 -13.24 -7.24 -34.19
CA VAL A 454 -14.22 -6.16 -34.15
C VAL A 454 -14.06 -5.37 -32.85
N ALA A 455 -13.85 -6.06 -31.75
CA ALA A 455 -13.68 -5.40 -30.46
C ALA A 455 -12.45 -4.48 -30.50
N LEU A 456 -11.36 -4.96 -31.10
CA LEU A 456 -10.15 -4.16 -31.16
C LEU A 456 -10.40 -2.88 -31.96
N ALA A 457 -10.99 -3.01 -33.14
CA ALA A 457 -11.28 -1.86 -33.99
C ALA A 457 -12.15 -0.81 -33.27
N VAL A 458 -13.25 -1.28 -32.68
CA VAL A 458 -14.15 -0.36 -31.99
C VAL A 458 -13.48 0.36 -30.83
N ILE A 459 -12.62 -0.33 -30.10
CA ILE A 459 -11.91 0.28 -28.98
C ILE A 459 -10.90 1.31 -29.49
N LEU A 460 -10.10 0.93 -30.47
CA LEU A 460 -9.08 1.83 -31.03
C LEU A 460 -9.66 3.06 -31.72
N CYS A 461 -10.85 2.94 -32.30
CA CYS A 461 -11.49 4.05 -32.99
C CYS A 461 -12.40 4.89 -32.09
N ASN A 462 -12.51 4.53 -30.82
CA ASN A 462 -13.39 5.27 -29.91
C ASN A 462 -14.80 5.34 -30.46
N THR A 463 -15.26 4.24 -31.06
CA THR A 463 -16.60 4.15 -31.61
C THR A 463 -17.61 4.28 -30.47
N ARG A 464 -18.73 4.96 -30.74
CA ARG A 464 -19.76 5.18 -29.73
C ARG A 464 -20.88 4.17 -29.78
N HIS A 465 -21.23 3.72 -30.98
CA HIS A 465 -22.27 2.73 -31.14
C HIS A 465 -21.85 1.83 -32.28
N ILE A 466 -22.31 0.58 -32.24
CA ILE A 466 -21.96 -0.39 -33.26
C ILE A 466 -23.18 -0.76 -34.11
N SER A 467 -23.13 -0.44 -35.39
CA SER A 467 -24.23 -0.74 -36.29
C SER A 467 -24.04 -2.17 -36.80
N ASP A 468 -25.11 -2.76 -37.35
CA ASP A 468 -25.04 -4.12 -37.87
C ASP A 468 -24.14 -4.22 -39.10
N SER A 469 -24.00 -3.12 -39.82
CA SER A 469 -23.16 -3.09 -41.02
C SER A 469 -21.70 -3.35 -40.65
N VAL A 470 -21.35 -3.12 -39.38
CA VAL A 470 -19.98 -3.37 -38.94
C VAL A 470 -19.69 -4.86 -39.01
N PHE A 471 -20.67 -5.66 -38.60
CA PHE A 471 -20.50 -7.11 -38.62
C PHE A 471 -20.54 -7.63 -40.05
N LEU A 472 -21.21 -6.91 -40.94
CA LEU A 472 -21.28 -7.32 -42.34
C LEU A 472 -19.89 -7.15 -42.95
N GLU A 473 -19.23 -6.05 -42.59
CA GLU A 473 -17.89 -5.77 -43.06
C GLU A 473 -16.89 -6.75 -42.46
N ALA A 474 -17.09 -7.09 -41.19
CA ALA A 474 -16.19 -8.04 -40.56
C ALA A 474 -16.33 -9.36 -41.31
N ALA A 475 -17.57 -9.72 -41.64
CA ALA A 475 -17.84 -10.96 -42.35
C ALA A 475 -17.05 -11.01 -43.63
N LYS A 476 -17.05 -9.90 -44.36
CA LYS A 476 -16.34 -9.81 -45.63
C LYS A 476 -14.83 -9.83 -45.44
N ALA A 477 -14.35 -9.16 -44.40
CA ALA A 477 -12.91 -9.12 -44.13
C ALA A 477 -12.38 -10.50 -43.76
N LEU A 478 -13.20 -11.32 -43.12
CA LEU A 478 -12.80 -12.66 -42.71
C LEU A 478 -12.68 -13.57 -43.93
N THR A 479 -13.70 -13.54 -44.77
CA THR A 479 -13.72 -14.38 -45.96
C THR A 479 -12.70 -13.99 -47.03
N SER A 480 -12.33 -12.71 -47.07
CA SER A 480 -11.36 -12.24 -48.06
C SER A 480 -9.94 -12.67 -47.75
N GLN A 481 -9.75 -13.34 -46.62
CA GLN A 481 -8.42 -13.80 -46.25
C GLN A 481 -8.25 -15.28 -46.58
N LEU A 482 -9.32 -15.89 -47.06
CA LEU A 482 -9.29 -17.30 -47.41
C LEU A 482 -8.57 -17.48 -48.74
N THR A 483 -7.48 -18.23 -48.74
CA THR A 483 -6.75 -18.47 -49.99
C THR A 483 -7.43 -19.61 -50.72
N ASP A 484 -7.50 -19.52 -52.04
CA ASP A 484 -8.15 -20.54 -52.84
C ASP A 484 -7.66 -21.96 -52.57
N GLU A 485 -6.38 -22.09 -52.23
CA GLU A 485 -5.78 -23.38 -51.93
C GLU A 485 -6.40 -24.00 -50.67
N GLU A 486 -6.75 -23.15 -49.71
CA GLU A 486 -7.35 -23.59 -48.45
C GLU A 486 -8.84 -23.94 -48.64
N LEU A 487 -9.47 -23.31 -49.62
CA LEU A 487 -10.87 -23.58 -49.91
C LEU A 487 -10.98 -25.01 -50.45
N ALA A 488 -10.00 -25.38 -51.28
CA ALA A 488 -9.95 -26.70 -51.88
C ALA A 488 -9.99 -27.80 -50.80
N GLN A 489 -9.23 -27.60 -49.72
CA GLN A 489 -9.19 -28.58 -48.61
C GLN A 489 -10.58 -28.78 -48.00
N GLY A 490 -11.46 -27.80 -48.20
CA GLY A 490 -12.80 -27.88 -47.64
C GLY A 490 -12.92 -26.86 -46.51
N ARG A 491 -11.98 -25.92 -46.48
CA ARG A 491 -11.97 -24.87 -45.46
C ARG A 491 -12.81 -23.69 -45.90
N LEU A 492 -13.82 -23.37 -45.10
CA LEU A 492 -14.70 -22.25 -45.38
C LEU A 492 -14.22 -21.05 -44.56
N TYR A 493 -13.15 -21.26 -43.82
CA TYR A 493 -12.57 -20.22 -42.98
C TYR A 493 -11.05 -20.35 -42.92
N PRO A 494 -10.35 -19.23 -42.68
CA PRO A 494 -8.89 -19.22 -42.60
C PRO A 494 -8.45 -20.17 -41.49
N PRO A 495 -7.28 -20.80 -41.61
CA PRO A 495 -6.77 -21.73 -40.60
C PRO A 495 -6.75 -21.12 -39.19
N LEU A 496 -7.26 -21.87 -38.23
CA LEU A 496 -7.32 -21.43 -36.84
C LEU A 496 -5.94 -21.10 -36.28
N ALA A 497 -4.91 -21.74 -36.82
CA ALA A 497 -3.53 -21.51 -36.40
C ALA A 497 -3.11 -20.06 -36.67
N ASN A 498 -3.81 -19.42 -37.62
CA ASN A 498 -3.50 -18.04 -37.98
C ASN A 498 -4.50 -17.04 -37.42
N ILE A 499 -5.20 -17.45 -36.36
CA ILE A 499 -6.21 -16.59 -35.77
C ILE A 499 -5.71 -15.20 -35.37
N GLN A 500 -4.46 -15.11 -34.92
CA GLN A 500 -3.89 -13.83 -34.50
C GLN A 500 -3.80 -12.85 -35.68
N GLU A 501 -3.19 -13.28 -36.77
CA GLU A 501 -3.04 -12.46 -37.95
C GLU A 501 -4.40 -12.14 -38.59
N VAL A 502 -5.30 -13.11 -38.61
CA VAL A 502 -6.64 -12.91 -39.18
C VAL A 502 -7.43 -11.87 -38.39
N SER A 503 -7.33 -11.90 -37.05
CA SER A 503 -8.05 -10.93 -36.23
C SER A 503 -7.54 -9.49 -36.43
N ILE A 504 -6.22 -9.34 -36.57
CA ILE A 504 -5.63 -8.02 -36.77
C ILE A 504 -6.07 -7.50 -38.14
N ASN A 505 -6.15 -8.39 -39.12
CA ASN A 505 -6.57 -7.97 -40.44
C ASN A 505 -8.03 -7.54 -40.46
N ILE A 506 -8.87 -8.22 -39.69
CA ILE A 506 -10.28 -7.84 -39.63
C ILE A 506 -10.39 -6.48 -38.94
N ALA A 507 -9.57 -6.27 -37.90
CA ALA A 507 -9.57 -5.02 -37.15
C ALA A 507 -9.19 -3.85 -38.05
N ILE A 508 -8.17 -4.04 -38.87
CA ILE A 508 -7.72 -3.02 -39.78
C ILE A 508 -8.86 -2.64 -40.75
N LYS A 509 -9.49 -3.66 -41.33
CA LYS A 509 -10.59 -3.46 -42.27
C LYS A 509 -11.74 -2.72 -41.60
N VAL A 510 -12.07 -3.15 -40.40
CA VAL A 510 -13.16 -2.54 -39.65
C VAL A 510 -12.85 -1.09 -39.24
N THR A 511 -11.59 -0.82 -38.88
CA THR A 511 -11.23 0.53 -38.50
C THR A 511 -11.33 1.44 -39.73
N GLU A 512 -10.91 0.93 -40.89
CA GLU A 512 -11.00 1.70 -42.12
C GLU A 512 -12.47 1.99 -42.40
N TYR A 513 -13.33 1.03 -42.11
CA TYR A 513 -14.76 1.18 -42.33
C TYR A 513 -15.37 2.20 -41.36
N LEU A 514 -14.98 2.13 -40.09
CA LEU A 514 -15.52 3.05 -39.10
C LEU A 514 -15.18 4.50 -39.42
N TYR A 515 -13.96 4.76 -39.86
CA TYR A 515 -13.56 6.12 -40.21
C TYR A 515 -14.24 6.61 -41.48
N ALA A 516 -14.28 5.74 -42.48
CA ALA A 516 -14.90 6.09 -43.76
C ALA A 516 -16.37 6.44 -43.61
N ASN A 517 -17.05 5.84 -42.63
CA ASN A 517 -18.46 6.10 -42.43
C ASN A 517 -18.73 7.00 -41.23
N LYS A 518 -17.76 7.82 -40.87
CA LYS A 518 -17.88 8.75 -39.76
C LYS A 518 -18.42 8.12 -38.48
N MSE A 519 -17.84 6.99 -38.08
CA MSE A 519 -18.27 6.29 -36.86
C MSE A 519 -17.14 6.20 -35.85
O MSE A 519 -17.32 5.71 -34.73
CB MSE A 519 -18.77 4.89 -37.22
CG MSE A 519 -20.11 4.89 -37.94
SE MSE A 519 -20.53 3.12 -38.59
CE MSE A 519 -21.06 2.31 -36.91
N ALA A 520 -15.96 6.68 -36.25
CA ALA A 520 -14.78 6.65 -35.40
C ALA A 520 -14.54 8.05 -34.86
N PHE A 521 -14.26 8.17 -33.57
CA PHE A 521 -14.03 9.48 -33.00
C PHE A 521 -12.64 9.70 -32.45
N ARG A 522 -11.75 8.74 -32.70
CA ARG A 522 -10.37 8.87 -32.25
C ARG A 522 -9.70 9.90 -33.16
N TYR A 523 -9.17 10.97 -32.58
CA TYR A 523 -8.51 12.01 -33.35
C TYR A 523 -7.06 12.17 -32.88
N PRO A 524 -6.15 12.48 -33.81
CA PRO A 524 -6.44 12.68 -35.23
C PRO A 524 -6.62 11.34 -35.92
N GLU A 525 -7.16 11.36 -37.14
CA GLU A 525 -7.35 10.11 -37.87
C GLU A 525 -6.02 9.65 -38.44
N PRO A 526 -5.64 8.40 -38.18
CA PRO A 526 -4.36 7.92 -38.71
C PRO A 526 -4.43 7.80 -40.23
N GLU A 527 -3.30 8.05 -40.89
CA GLU A 527 -3.22 7.95 -42.34
C GLU A 527 -3.18 6.49 -42.76
N ASP A 528 -2.30 5.73 -42.10
CA ASP A 528 -2.12 4.31 -42.37
C ASP A 528 -2.79 3.50 -41.24
N LYS A 529 -3.99 2.98 -41.49
CA LYS A 529 -4.73 2.21 -40.49
C LYS A 529 -4.05 0.91 -40.05
N ALA A 530 -3.32 0.28 -40.97
CA ALA A 530 -2.64 -0.98 -40.66
C ALA A 530 -1.53 -0.76 -39.63
N LYS A 531 -0.76 0.31 -39.82
CA LYS A 531 0.32 0.62 -38.91
C LYS A 531 -0.26 1.04 -37.59
N TYR A 532 -1.41 1.71 -37.64
CA TYR A 532 -2.10 2.20 -36.46
C TYR A 532 -2.54 1.06 -35.52
N VAL A 533 -3.12 0.02 -36.10
CA VAL A 533 -3.58 -1.14 -35.33
C VAL A 533 -2.40 -1.97 -34.79
N LYS A 534 -1.45 -2.29 -35.67
CA LYS A 534 -0.30 -3.10 -35.28
C LYS A 534 0.61 -2.53 -34.20
N GLU A 535 0.70 -1.20 -34.12
CA GLU A 535 1.55 -0.57 -33.11
C GLU A 535 0.92 -0.67 -31.73
N ARG A 536 -0.40 -0.81 -31.68
CA ARG A 536 -1.09 -0.83 -30.40
C ARG A 536 -1.51 -2.17 -29.84
N THR A 537 -1.07 -3.27 -30.44
CA THR A 537 -1.44 -4.57 -29.93
C THR A 537 -0.54 -4.94 -28.75
N TRP A 538 -1.15 -5.42 -27.68
CA TRP A 538 -0.42 -5.84 -26.50
C TRP A 538 0.38 -7.09 -26.85
N ARG A 539 1.58 -7.22 -26.28
CA ARG A 539 2.46 -8.34 -26.56
C ARG A 539 2.73 -9.13 -25.28
N SER A 540 2.95 -10.43 -25.42
CA SER A 540 3.22 -11.30 -24.27
C SER A 540 4.68 -11.34 -23.83
N GLU A 541 5.55 -10.57 -24.48
CA GLU A 541 6.96 -10.56 -24.09
C GLU A 541 7.09 -9.76 -22.79
N TYR A 542 8.01 -10.16 -21.92
CA TYR A 542 8.19 -9.48 -20.63
C TYR A 542 8.71 -8.07 -20.84
N ASP A 543 8.21 -7.14 -20.04
CA ASP A 543 8.65 -5.74 -20.07
C ASP A 543 9.71 -5.57 -18.98
N SER A 544 10.52 -4.53 -19.10
CA SER A 544 11.53 -4.25 -18.10
C SER A 544 10.80 -3.49 -17.00
N LEU A 545 11.01 -3.88 -15.75
CA LEU A 545 10.38 -3.20 -14.63
C LEU A 545 11.38 -2.32 -13.89
N LEU A 546 12.54 -2.10 -14.51
CA LEU A 546 13.58 -1.27 -13.91
C LEU A 546 13.24 0.21 -13.87
N PRO A 547 13.56 0.89 -12.75
CA PRO A 547 13.25 2.32 -12.66
C PRO A 547 14.23 3.03 -13.61
N ASP A 548 13.84 4.18 -14.11
CA ASP A 548 14.65 4.94 -15.04
C ASP A 548 15.81 5.63 -14.31
N VAL A 549 16.99 5.04 -14.33
CA VAL A 549 18.16 5.63 -13.70
C VAL A 549 19.11 6.17 -14.77
N TYR A 550 19.58 7.39 -14.57
CA TYR A 550 20.48 8.07 -15.49
C TYR A 550 21.22 9.19 -14.78
N GLU A 551 22.38 9.60 -15.28
CA GLU A 551 23.14 10.68 -14.66
C GLU A 551 22.68 12.04 -15.15
N TRP A 552 22.91 13.07 -14.34
CA TRP A 552 22.57 14.44 -14.72
C TRP A 552 23.85 15.07 -15.27
N PRO A 553 23.81 15.54 -16.53
CA PRO A 553 24.99 16.17 -17.15
C PRO A 553 25.41 17.46 -16.46
N LYS B 2 -4.17 -4.84 7.99
CA LYS B 2 -3.61 -3.62 7.40
C LYS B 2 -4.28 -3.30 6.07
N GLU B 3 -3.98 -4.11 5.06
CA GLU B 3 -4.51 -3.95 3.71
C GLU B 3 -6.03 -4.01 3.55
N LYS B 4 -6.51 -3.62 2.37
CA LYS B 4 -7.92 -3.60 2.03
C LYS B 4 -8.02 -3.92 0.54
N GLY B 5 -9.17 -4.44 0.11
CA GLY B 5 -9.34 -4.76 -1.30
C GLY B 5 -8.68 -6.04 -1.80
N LYS B 6 -8.47 -6.10 -3.11
CA LYS B 6 -7.86 -7.24 -3.78
C LYS B 6 -6.65 -7.84 -3.06
N PRO B 7 -5.75 -7.00 -2.54
CA PRO B 7 -4.57 -7.53 -1.83
C PRO B 7 -4.90 -8.58 -0.77
N LEU B 8 -6.05 -8.42 -0.10
CA LEU B 8 -6.48 -9.37 0.92
C LEU B 8 -6.73 -10.74 0.33
N MSE B 9 -7.06 -10.78 -0.95
CA MSE B 9 -7.34 -12.04 -1.62
C MSE B 9 -6.10 -12.62 -2.29
O MSE B 9 -6.07 -13.81 -2.60
CB MSE B 9 -8.44 -11.83 -2.66
CG MSE B 9 -9.78 -11.49 -2.04
SE MSE B 9 -10.99 -10.80 -3.40
CE MSE B 9 -11.02 -12.30 -4.59
N LEU B 10 -5.10 -11.79 -2.52
CA LEU B 10 -3.87 -12.23 -3.17
C LEU B 10 -2.85 -12.79 -2.16
N ASN B 11 -3.05 -12.45 -0.89
CA ASN B 11 -2.17 -12.92 0.17
C ASN B 11 -2.79 -14.17 0.81
N PRO B 12 -2.14 -15.34 0.63
CA PRO B 12 -2.67 -16.59 1.20
C PRO B 12 -2.89 -16.53 2.70
N ARG B 13 -2.15 -15.65 3.37
CA ARG B 13 -2.27 -15.53 4.80
C ARG B 13 -3.65 -14.98 5.19
N THR B 14 -4.15 -14.01 4.43
CA THR B 14 -5.44 -13.42 4.75
C THR B 14 -6.61 -13.98 3.95
N ASN B 15 -6.36 -14.41 2.73
CA ASN B 15 -7.41 -14.94 1.87
C ASN B 15 -8.30 -16.04 2.43
N LYS B 16 -9.61 -15.81 2.38
CA LYS B 16 -10.60 -16.78 2.86
C LYS B 16 -11.48 -17.32 1.74
N GLY B 17 -11.29 -16.81 0.52
CA GLY B 17 -12.11 -17.26 -0.59
C GLY B 17 -13.55 -16.88 -0.32
N MSE B 18 -14.50 -17.76 -0.63
CA MSE B 18 -15.90 -17.46 -0.40
C MSE B 18 -16.31 -17.50 1.08
O MSE B 18 -17.48 -17.30 1.40
CB MSE B 18 -16.79 -18.41 -1.21
CG MSE B 18 -16.82 -18.09 -2.70
SE MSE B 18 -17.97 -19.35 -3.61
CE MSE B 18 -16.64 -20.66 -4.10
N ALA B 19 -15.36 -17.74 1.97
CA ALA B 19 -15.67 -17.77 3.40
C ALA B 19 -15.69 -16.36 4.00
N PHE B 20 -15.29 -15.36 3.23
CA PHE B 20 -15.37 -13.97 3.71
C PHE B 20 -16.87 -13.72 3.91
N THR B 21 -17.26 -13.17 5.04
CA THR B 21 -18.68 -12.91 5.28
C THR B 21 -19.14 -11.67 4.50
N LEU B 22 -20.44 -11.47 4.41
CA LEU B 22 -21.00 -10.31 3.70
C LEU B 22 -20.46 -9.00 4.28
N GLN B 23 -20.56 -8.82 5.59
CA GLN B 23 -20.05 -7.61 6.23
C GLN B 23 -18.57 -7.41 5.91
N GLU B 24 -17.80 -8.49 6.03
CA GLU B 24 -16.37 -8.44 5.76
C GLU B 24 -16.09 -7.95 4.33
N ARG B 25 -16.83 -8.48 3.37
CA ARG B 25 -16.65 -8.10 1.98
C ARG B 25 -17.01 -6.64 1.75
N GLN B 26 -18.11 -6.19 2.35
CA GLN B 26 -18.55 -4.82 2.16
C GLN B 26 -17.64 -3.83 2.88
N MSE B 27 -17.15 -4.19 4.04
CA MSE B 27 -16.28 -3.30 4.78
C MSE B 27 -14.83 -3.31 4.36
O MSE B 27 -14.09 -2.36 4.65
CB MSE B 27 -16.39 -3.57 6.28
CG MSE B 27 -17.41 -2.66 6.97
SE MSE B 27 -17.63 -3.18 8.81
CE MSE B 27 -19.36 -4.00 8.65
N LEU B 28 -14.40 -4.36 3.66
CA LEU B 28 -13.01 -4.46 3.22
C LEU B 28 -12.85 -4.26 1.70
N GLY B 29 -13.91 -3.82 1.05
CA GLY B 29 -13.87 -3.58 -0.38
C GLY B 29 -13.74 -4.82 -1.27
N LEU B 30 -14.45 -5.88 -0.92
CA LEU B 30 -14.39 -7.12 -1.70
C LEU B 30 -15.71 -7.47 -2.39
N GLN B 31 -16.78 -6.73 -2.09
CA GLN B 31 -18.07 -6.98 -2.72
C GLN B 31 -17.92 -6.96 -4.23
N GLY B 32 -18.40 -8.02 -4.88
CA GLY B 32 -18.30 -8.10 -6.32
C GLY B 32 -17.06 -8.82 -6.83
N LEU B 33 -16.04 -8.93 -5.98
CA LEU B 33 -14.80 -9.59 -6.37
C LEU B 33 -14.88 -11.08 -6.05
N LEU B 34 -15.94 -11.46 -5.34
CA LEU B 34 -16.18 -12.84 -4.96
C LEU B 34 -17.58 -13.23 -5.40
N PRO B 35 -17.82 -14.52 -5.65
CA PRO B 35 -19.15 -14.98 -6.07
C PRO B 35 -20.13 -14.62 -4.95
N PRO B 36 -21.42 -14.47 -5.26
CA PRO B 36 -22.41 -14.12 -4.22
C PRO B 36 -22.49 -15.09 -3.03
N LYS B 37 -22.21 -16.36 -3.29
CA LYS B 37 -22.23 -17.39 -2.26
C LYS B 37 -21.27 -17.16 -1.07
N ILE B 38 -21.79 -17.34 0.15
CA ILE B 38 -20.97 -17.22 1.35
C ILE B 38 -20.74 -18.67 1.80
N GLU B 39 -19.50 -19.14 1.80
CA GLU B 39 -19.23 -20.51 2.21
C GLU B 39 -18.62 -20.58 3.59
N THR B 40 -18.59 -21.79 4.13
CA THR B 40 -17.97 -22.05 5.42
C THR B 40 -16.71 -22.84 5.12
N GLN B 41 -15.81 -22.93 6.09
CA GLN B 41 -14.59 -23.68 5.89
C GLN B 41 -14.92 -25.16 5.65
N ASP B 42 -15.98 -25.65 6.29
CA ASP B 42 -16.42 -27.04 6.13
C ASP B 42 -16.73 -27.36 4.67
N ILE B 43 -17.39 -26.42 3.98
CA ILE B 43 -17.74 -26.62 2.59
C ILE B 43 -16.49 -26.63 1.72
N GLN B 44 -15.53 -25.78 2.06
CA GLN B 44 -14.28 -25.71 1.31
C GLN B 44 -13.51 -27.00 1.52
N ALA B 45 -13.55 -27.50 2.75
CA ALA B 45 -12.86 -28.75 3.08
C ALA B 45 -13.46 -29.90 2.25
N LEU B 46 -14.77 -29.90 2.07
CA LEU B 46 -15.45 -30.93 1.30
C LEU B 46 -15.03 -30.87 -0.18
N ARG B 47 -14.92 -29.65 -0.69
CA ARG B 47 -14.52 -29.48 -2.08
C ARG B 47 -13.14 -30.14 -2.26
N PHE B 48 -12.22 -29.83 -1.36
CA PHE B 48 -10.87 -30.41 -1.42
C PHE B 48 -10.85 -31.94 -1.44
N HIS B 49 -11.50 -32.55 -0.46
CA HIS B 49 -11.51 -34.01 -0.37
C HIS B 49 -12.16 -34.64 -1.59
N ARG B 50 -13.14 -33.96 -2.17
CA ARG B 50 -13.82 -34.46 -3.36
C ARG B 50 -12.81 -34.52 -4.50
N ASN B 51 -12.03 -33.46 -4.67
CA ASN B 51 -11.02 -33.42 -5.74
C ASN B 51 -9.88 -34.41 -5.49
N LEU B 52 -9.41 -34.47 -4.25
CA LEU B 52 -8.30 -35.36 -3.90
C LEU B 52 -8.64 -36.82 -4.22
N LYS B 53 -9.89 -37.22 -3.97
CA LYS B 53 -10.30 -38.60 -4.25
C LYS B 53 -10.09 -38.98 -5.72
N LYS B 54 -10.46 -38.08 -6.63
CA LYS B 54 -10.32 -38.36 -8.06
C LYS B 54 -8.87 -38.43 -8.56
N MSE B 55 -7.92 -37.91 -7.78
CA MSE B 55 -6.52 -37.92 -8.21
C MSE B 55 -5.83 -39.26 -7.99
O MSE B 55 -6.14 -40.01 -7.07
CB MSE B 55 -5.75 -36.82 -7.47
CG MSE B 55 -6.44 -35.47 -7.59
SE MSE B 55 -5.27 -34.09 -6.95
CE MSE B 55 -4.66 -33.42 -8.64
N THR B 56 -4.86 -39.55 -8.87
CA THR B 56 -4.15 -40.83 -8.84
C THR B 56 -2.78 -40.85 -8.16
N SER B 57 -1.80 -40.14 -8.74
CA SER B 57 -0.46 -40.14 -8.19
C SER B 57 -0.22 -39.21 -7.00
N PRO B 58 0.71 -39.61 -6.12
CA PRO B 58 1.07 -38.86 -4.92
C PRO B 58 1.68 -37.51 -5.28
N LEU B 59 2.48 -37.47 -6.35
CA LEU B 59 3.09 -36.20 -6.76
C LEU B 59 2.04 -35.21 -7.22
N GLU B 60 0.99 -35.72 -7.87
CA GLU B 60 -0.10 -34.88 -8.33
C GLU B 60 -0.85 -34.34 -7.11
N LYS B 61 -0.98 -35.15 -6.07
CA LYS B 61 -1.66 -34.73 -4.86
C LYS B 61 -0.87 -33.70 -4.09
N TYR B 62 0.46 -33.86 -4.11
CA TYR B 62 1.37 -32.94 -3.41
C TYR B 62 1.29 -31.55 -4.04
N ILE B 63 1.37 -31.52 -5.36
CA ILE B 63 1.31 -30.25 -6.07
C ILE B 63 -0.01 -29.55 -5.74
N TYR B 64 -1.11 -30.29 -5.75
CA TYR B 64 -2.42 -29.71 -5.45
C TYR B 64 -2.53 -29.15 -4.03
N ILE B 65 -2.21 -29.95 -3.02
CA ILE B 65 -2.33 -29.45 -1.66
C ILE B 65 -1.32 -28.38 -1.31
N MSE B 66 -0.08 -28.50 -1.80
CA MSE B 66 0.93 -27.48 -1.50
C MSE B 66 0.53 -26.18 -2.20
O MSE B 66 0.86 -25.08 -1.76
CB MSE B 66 2.32 -27.91 -1.96
CG MSE B 66 2.93 -29.11 -1.23
SE MSE B 66 2.80 -28.87 0.70
CE MSE B 66 3.95 -27.33 0.88
N GLY B 67 -0.20 -26.33 -3.30
CA GLY B 67 -0.66 -25.17 -4.03
C GLY B 67 -1.69 -24.42 -3.19
N ILE B 68 -2.38 -25.13 -2.30
CA ILE B 68 -3.38 -24.51 -1.44
C ILE B 68 -2.72 -23.61 -0.39
N GLN B 69 -1.52 -24.00 0.05
CA GLN B 69 -0.79 -23.19 1.03
C GLN B 69 -0.47 -21.81 0.43
N GLU B 70 -0.37 -21.76 -0.91
CA GLU B 70 -0.09 -20.51 -1.60
C GLU B 70 -1.36 -19.74 -1.97
N ARG B 71 -2.53 -20.30 -1.66
CA ARG B 71 -3.80 -19.64 -1.97
C ARG B 71 -4.59 -19.25 -0.72
N ASN B 72 -4.73 -20.20 0.21
CA ASN B 72 -5.50 -20.00 1.43
C ASN B 72 -4.84 -20.80 2.56
N GLU B 73 -3.95 -20.14 3.29
CA GLU B 73 -3.23 -20.76 4.37
C GLU B 73 -4.11 -21.45 5.43
N LYS B 74 -5.15 -20.75 5.87
CA LYS B 74 -6.06 -21.30 6.86
C LYS B 74 -6.67 -22.61 6.38
N LEU B 75 -7.15 -22.63 5.14
CA LEU B 75 -7.75 -23.83 4.58
C LEU B 75 -6.73 -24.95 4.45
N PHE B 76 -5.50 -24.58 4.11
CA PHE B 76 -4.41 -25.54 3.94
C PHE B 76 -4.25 -26.38 5.21
N TYR B 77 -4.11 -25.72 6.35
CA TYR B 77 -3.93 -26.43 7.61
C TYR B 77 -5.19 -27.11 8.09
N ARG B 78 -6.34 -26.59 7.68
CA ARG B 78 -7.59 -27.24 8.07
C ARG B 78 -7.62 -28.60 7.39
N ILE B 79 -7.15 -28.63 6.14
CA ILE B 79 -7.11 -29.86 5.35
C ILE B 79 -6.15 -30.90 5.94
N LEU B 80 -4.96 -30.46 6.35
CA LEU B 80 -4.01 -31.38 6.96
C LEU B 80 -4.66 -31.93 8.24
N GLN B 81 -5.21 -31.04 9.06
CA GLN B 81 -5.85 -31.44 10.31
C GLN B 81 -7.02 -32.42 10.13
N ASP B 82 -7.76 -32.32 9.02
CA ASP B 82 -8.87 -33.25 8.80
C ASP B 82 -8.39 -34.70 8.85
N ASP B 83 -7.22 -34.96 8.28
CA ASP B 83 -6.67 -36.32 8.29
C ASP B 83 -5.17 -36.32 8.06
N ILE B 84 -4.44 -35.91 9.09
CA ILE B 84 -2.99 -35.83 9.03
C ILE B 84 -2.33 -37.16 8.64
N GLU B 85 -2.90 -38.27 9.10
CA GLU B 85 -2.32 -39.58 8.81
C GLU B 85 -2.29 -39.98 7.33
N SER B 86 -3.31 -39.61 6.58
CA SER B 86 -3.31 -39.99 5.17
C SER B 86 -2.58 -38.97 4.32
N LEU B 87 -2.48 -37.74 4.78
CA LEU B 87 -1.80 -36.71 3.99
C LEU B 87 -0.31 -36.61 4.30
N MSE B 88 0.10 -37.14 5.44
CA MSE B 88 1.49 -37.14 5.86
C MSE B 88 2.44 -37.68 4.79
O MSE B 88 3.47 -37.07 4.50
CB MSE B 88 1.64 -37.97 7.14
CG MSE B 88 3.02 -37.97 7.77
SE MSE B 88 3.37 -36.27 8.63
CE MSE B 88 2.64 -36.67 10.36
N PRO B 89 2.09 -38.83 4.17
CA PRO B 89 2.94 -39.43 3.13
C PRO B 89 3.00 -38.62 1.83
N ILE B 90 2.07 -37.70 1.68
CA ILE B 90 2.00 -36.87 0.48
C ILE B 90 2.75 -35.54 0.68
N VAL B 91 2.55 -34.92 1.85
CA VAL B 91 3.18 -33.65 2.19
C VAL B 91 4.59 -33.85 2.78
N TYR B 92 4.82 -35.02 3.35
CA TYR B 92 6.09 -35.34 3.99
C TYR B 92 6.71 -36.59 3.35
N THR B 93 7.50 -37.35 4.10
CA THR B 93 8.12 -38.55 3.51
C THR B 93 7.06 -39.60 3.24
N PRO B 94 7.17 -40.33 2.13
CA PRO B 94 8.22 -40.27 1.09
C PRO B 94 8.05 -39.27 -0.06
N THR B 95 6.81 -38.89 -0.37
CA THR B 95 6.55 -37.99 -1.49
C THR B 95 7.33 -36.68 -1.54
N VAL B 96 7.60 -36.07 -0.39
CA VAL B 96 8.35 -34.83 -0.40
C VAL B 96 9.74 -35.04 -1.02
N GLY B 97 10.28 -36.25 -0.88
CA GLY B 97 11.57 -36.55 -1.47
C GLY B 97 11.43 -36.61 -2.98
N LEU B 98 10.32 -37.18 -3.44
CA LEU B 98 10.07 -37.26 -4.87
C LEU B 98 9.92 -35.85 -5.42
N ALA B 99 9.22 -34.98 -4.69
CA ALA B 99 9.01 -33.59 -5.11
C ALA B 99 10.32 -32.80 -5.24
N CYS B 100 11.19 -32.93 -4.26
CA CYS B 100 12.46 -32.21 -4.32
C CYS B 100 13.31 -32.72 -5.50
N SER B 101 13.28 -34.01 -5.78
CA SER B 101 14.09 -34.52 -6.89
C SER B 101 13.58 -33.95 -8.21
N GLN B 102 12.38 -33.38 -8.18
CA GLN B 102 11.81 -32.81 -9.40
C GLN B 102 11.32 -31.38 -9.22
N TYR B 103 11.78 -30.73 -8.14
CA TYR B 103 11.39 -29.36 -7.80
C TYR B 103 11.40 -28.38 -8.97
N GLY B 104 12.42 -28.47 -9.82
CA GLY B 104 12.50 -27.56 -10.96
C GLY B 104 11.47 -27.82 -12.05
N HIS B 105 10.98 -29.06 -12.13
CA HIS B 105 10.00 -29.44 -13.13
C HIS B 105 8.59 -28.99 -12.73
N ILE B 106 8.29 -29.02 -11.43
CA ILE B 106 6.96 -28.66 -10.95
C ILE B 106 6.86 -27.28 -10.32
N PHE B 107 7.93 -26.50 -10.36
CA PHE B 107 7.93 -25.16 -9.80
C PHE B 107 6.77 -24.29 -10.34
N ARG B 108 6.15 -23.53 -9.45
CA ARG B 108 5.07 -22.62 -9.85
C ARG B 108 5.28 -21.29 -9.12
N ARG B 109 5.50 -21.35 -7.81
CA ARG B 109 5.77 -20.18 -6.97
C ARG B 109 6.88 -20.55 -5.98
N PRO B 110 7.73 -19.59 -5.61
CA PRO B 110 8.80 -19.92 -4.66
C PRO B 110 8.28 -19.82 -3.22
N LYS B 111 8.92 -20.55 -2.32
CA LYS B 111 8.54 -20.48 -0.92
C LYS B 111 9.87 -20.33 -0.20
N GLY B 112 9.88 -19.65 0.94
CA GLY B 112 11.12 -19.47 1.68
C GLY B 112 12.14 -18.51 1.10
N LEU B 113 13.20 -18.29 1.88
CA LEU B 113 14.30 -17.39 1.52
C LEU B 113 15.48 -18.15 0.93
N PHE B 114 16.05 -17.62 -0.16
CA PHE B 114 17.20 -18.25 -0.80
C PHE B 114 18.43 -17.38 -0.66
N ILE B 115 19.48 -17.93 -0.06
CA ILE B 115 20.72 -17.18 0.11
C ILE B 115 21.82 -17.95 -0.63
N SER B 116 22.47 -17.32 -1.58
CA SER B 116 23.54 -18.00 -2.33
C SER B 116 24.91 -17.44 -2.01
N ILE B 117 25.94 -18.23 -2.32
CA ILE B 117 27.32 -17.81 -2.05
C ILE B 117 27.61 -16.51 -2.81
N SER B 118 26.87 -16.28 -3.89
CA SER B 118 27.08 -15.06 -4.66
C SER B 118 26.54 -13.83 -3.94
N ASP B 119 25.86 -14.03 -2.82
CA ASP B 119 25.32 -12.92 -2.03
C ASP B 119 26.14 -12.65 -0.77
N ARG B 120 27.29 -13.30 -0.65
CA ARG B 120 28.15 -13.12 0.52
C ARG B 120 28.40 -11.62 0.69
N GLY B 121 28.25 -11.14 1.92
CA GLY B 121 28.47 -9.73 2.19
C GLY B 121 27.19 -8.92 2.09
N HIS B 122 26.13 -9.52 1.55
CA HIS B 122 24.86 -8.83 1.41
C HIS B 122 23.71 -9.67 1.95
N VAL B 123 24.01 -10.63 2.83
CA VAL B 123 22.98 -11.50 3.37
C VAL B 123 21.93 -10.76 4.19
N ARG B 124 22.32 -9.71 4.91
CA ARG B 124 21.35 -8.99 5.73
C ARG B 124 20.24 -8.35 4.89
N SER B 125 20.60 -7.73 3.77
CA SER B 125 19.59 -7.08 2.93
C SER B 125 18.64 -8.12 2.36
N ILE B 126 19.10 -9.35 2.22
CA ILE B 126 18.24 -10.42 1.72
C ILE B 126 17.23 -10.74 2.83
N VAL B 127 17.72 -10.85 4.06
CA VAL B 127 16.86 -11.15 5.20
C VAL B 127 15.85 -10.03 5.41
N ASP B 128 16.23 -8.82 5.06
CA ASP B 128 15.35 -7.66 5.22
C ASP B 128 14.23 -7.67 4.19
N ASN B 129 14.38 -8.51 3.16
CA ASN B 129 13.36 -8.61 2.13
C ASN B 129 12.20 -9.55 2.51
N TRP B 130 12.40 -10.36 3.54
CA TRP B 130 11.33 -11.26 3.98
C TRP B 130 10.25 -10.37 4.59
N PRO B 131 9.02 -10.49 4.08
CA PRO B 131 7.82 -9.75 4.47
C PRO B 131 7.40 -9.81 5.93
N GLU B 132 7.57 -10.97 6.57
CA GLU B 132 7.15 -11.10 7.95
C GLU B 132 8.14 -10.47 8.91
N ASN B 133 7.61 -9.77 9.91
CA ASN B 133 8.43 -9.06 10.88
C ASN B 133 8.76 -9.76 12.18
N HIS B 134 8.04 -10.83 12.52
CA HIS B 134 8.28 -11.50 13.78
C HIS B 134 8.52 -13.00 13.66
N VAL B 135 9.62 -13.37 13.01
CA VAL B 135 9.98 -14.77 12.83
C VAL B 135 10.53 -15.38 14.13
N LYS B 136 10.06 -16.58 14.48
CA LYS B 136 10.51 -17.25 15.69
C LYS B 136 11.17 -18.60 15.40
N ALA B 137 10.97 -19.11 14.19
CA ALA B 137 11.54 -20.40 13.80
C ALA B 137 12.04 -20.44 12.37
N VAL B 138 13.27 -20.91 12.22
CA VAL B 138 13.90 -21.03 10.92
C VAL B 138 14.37 -22.47 10.72
N VAL B 139 14.11 -23.03 9.55
CA VAL B 139 14.58 -24.36 9.22
C VAL B 139 15.41 -24.09 7.98
N VAL B 140 16.70 -24.40 8.06
CA VAL B 140 17.61 -24.15 6.95
C VAL B 140 18.35 -25.40 6.50
N THR B 141 18.64 -25.46 5.21
CA THR B 141 19.36 -26.58 4.61
C THR B 141 20.25 -26.05 3.51
N ASP B 142 21.27 -26.81 3.12
CA ASP B 142 22.13 -26.39 2.01
C ASP B 142 21.96 -27.49 0.97
N GLY B 143 20.97 -28.36 1.23
CA GLY B 143 20.63 -29.45 0.32
C GLY B 143 21.68 -30.49 -0.02
N GLU B 144 22.70 -30.65 0.82
CA GLU B 144 23.72 -31.65 0.50
C GLU B 144 23.33 -33.06 0.92
N ARG B 145 22.47 -33.20 1.92
CA ARG B 145 22.05 -34.51 2.36
C ARG B 145 20.54 -34.55 2.57
N ILE B 146 19.81 -34.53 1.46
CA ILE B 146 18.36 -34.56 1.52
C ILE B 146 17.91 -36.00 1.72
N LEU B 147 17.39 -36.28 2.91
CA LEU B 147 16.94 -37.64 3.27
C LEU B 147 18.13 -38.56 2.97
N GLY B 148 17.86 -39.64 2.25
CA GLY B 148 18.91 -40.58 1.89
C GLY B 148 19.14 -40.44 0.39
N LEU B 149 18.61 -39.35 -0.19
CA LEU B 149 18.70 -39.06 -1.62
C LEU B 149 20.01 -38.41 -2.06
N GLY B 150 20.75 -37.87 -1.11
CA GLY B 150 22.02 -37.24 -1.46
C GLY B 150 21.97 -35.73 -1.65
N ASP B 151 22.82 -35.25 -2.55
CA ASP B 151 22.97 -33.83 -2.87
C ASP B 151 21.96 -33.38 -3.94
N LEU B 152 20.95 -32.60 -3.55
CA LEU B 152 19.97 -32.12 -4.52
C LEU B 152 20.01 -30.60 -4.70
N GLY B 153 21.00 -29.96 -4.07
CA GLY B 153 21.14 -28.52 -4.20
C GLY B 153 19.89 -27.73 -3.81
N VAL B 154 19.58 -26.70 -4.60
CA VAL B 154 18.42 -25.86 -4.32
C VAL B 154 17.09 -26.62 -4.44
N TYR B 155 17.12 -27.80 -5.05
CA TYR B 155 15.92 -28.62 -5.16
C TYR B 155 15.54 -29.10 -3.75
N GLY B 156 16.46 -28.93 -2.82
CA GLY B 156 16.22 -29.36 -1.46
C GLY B 156 15.35 -28.45 -0.64
N MSE B 157 14.98 -27.29 -1.18
CA MSE B 157 14.13 -26.35 -0.46
C MSE B 157 12.81 -27.01 -0.05
O MSE B 157 12.19 -26.59 0.93
CB MSE B 157 13.84 -25.11 -1.31
CG MSE B 157 12.87 -24.10 -0.68
SE MSE B 157 13.54 -23.43 1.01
CE MSE B 157 14.08 -21.67 0.45
N GLY B 158 12.39 -28.02 -0.80
CA GLY B 158 11.16 -28.71 -0.47
C GLY B 158 11.14 -29.24 0.96
N ILE B 159 12.31 -29.64 1.46
CA ILE B 159 12.42 -30.18 2.81
C ILE B 159 12.13 -29.14 3.92
N PRO B 160 12.76 -27.96 3.86
CA PRO B 160 12.46 -26.99 4.91
C PRO B 160 11.00 -26.54 4.88
N VAL B 161 10.43 -26.49 3.68
CA VAL B 161 9.03 -26.11 3.48
C VAL B 161 8.15 -27.20 4.11
N GLY B 162 8.49 -28.46 3.86
CA GLY B 162 7.69 -29.53 4.45
C GLY B 162 7.77 -29.57 5.97
N LYS B 163 8.98 -29.36 6.51
CA LYS B 163 9.19 -29.39 7.97
C LYS B 163 8.34 -28.34 8.67
N LEU B 164 8.38 -27.12 8.16
CA LEU B 164 7.63 -26.03 8.76
C LEU B 164 6.12 -26.25 8.70
N CYS B 165 5.66 -26.98 7.69
CA CYS B 165 4.24 -27.28 7.60
C CYS B 165 3.84 -28.06 8.82
N LEU B 166 4.73 -28.97 9.24
CA LEU B 166 4.48 -29.81 10.40
C LEU B 166 4.62 -29.02 11.70
N TYR B 167 5.45 -27.97 11.70
CA TYR B 167 5.61 -27.12 12.87
C TYR B 167 4.20 -26.64 13.23
N THR B 168 3.50 -26.14 12.21
CA THR B 168 2.16 -25.63 12.39
C THR B 168 1.09 -26.71 12.52
N ALA B 169 1.06 -27.65 11.57
CA ALA B 169 0.06 -28.71 11.58
C ALA B 169 0.09 -29.56 12.85
N CYS B 170 1.29 -29.89 13.31
CA CYS B 170 1.44 -30.71 14.52
C CYS B 170 1.41 -29.98 15.87
N ALA B 171 2.15 -28.88 15.96
CA ALA B 171 2.25 -28.16 17.23
C ALA B 171 1.60 -26.77 17.30
N GLY B 172 0.87 -26.38 16.27
CA GLY B 172 0.24 -25.09 16.29
C GLY B 172 1.18 -23.89 16.39
N ILE B 173 2.36 -24.00 15.80
CA ILE B 173 3.31 -22.89 15.78
C ILE B 173 2.80 -21.97 14.67
N ARG B 174 2.67 -20.68 14.95
CA ARG B 174 2.17 -19.73 13.94
C ARG B 174 2.97 -19.73 12.64
N PRO B 175 2.28 -19.97 11.50
CA PRO B 175 2.89 -20.00 10.17
C PRO B 175 3.66 -18.73 9.82
N ASP B 176 3.10 -17.58 10.16
CA ASP B 176 3.76 -16.32 9.84
C ASP B 176 5.04 -16.10 10.63
N ARG B 177 5.30 -16.96 11.60
CA ARG B 177 6.51 -16.83 12.40
C ARG B 177 7.55 -17.90 12.04
N CYS B 178 7.32 -18.56 10.91
CA CYS B 178 8.21 -19.61 10.41
C CYS B 178 8.87 -19.15 9.14
N LEU B 179 10.13 -19.54 8.96
CA LEU B 179 10.86 -19.15 7.78
C LEU B 179 11.75 -20.27 7.24
N PRO B 180 11.39 -20.84 6.08
CA PRO B 180 12.21 -21.91 5.50
C PRO B 180 13.34 -21.27 4.70
N VAL B 181 14.56 -21.77 4.88
CA VAL B 181 15.70 -21.18 4.19
C VAL B 181 16.59 -22.18 3.48
N CYS B 182 17.05 -21.81 2.29
CA CYS B 182 17.94 -22.67 1.51
C CYS B 182 19.24 -21.91 1.23
N ILE B 183 20.36 -22.48 1.66
CA ILE B 183 21.67 -21.86 1.45
C ILE B 183 22.29 -22.51 0.22
N ASP B 184 22.44 -21.76 -0.86
CA ASP B 184 22.97 -22.28 -2.12
C ASP B 184 24.43 -21.91 -2.37
N VAL B 185 25.30 -22.91 -2.33
CA VAL B 185 26.72 -22.70 -2.54
C VAL B 185 27.20 -23.59 -3.67
N GLY B 186 26.24 -24.08 -4.44
CA GLY B 186 26.54 -24.95 -5.56
C GLY B 186 26.08 -26.34 -5.23
N THR B 187 26.33 -27.28 -6.14
CA THR B 187 25.95 -28.67 -5.91
C THR B 187 26.91 -29.56 -6.69
N ASP B 188 27.20 -30.74 -6.16
CA ASP B 188 28.10 -31.68 -6.83
C ASP B 188 27.34 -32.71 -7.68
N ASN B 189 26.01 -32.62 -7.62
CA ASN B 189 25.15 -33.53 -8.35
C ASN B 189 25.28 -33.19 -9.84
N ILE B 190 26.05 -34.01 -10.55
CA ILE B 190 26.28 -33.81 -11.98
C ILE B 190 25.01 -33.70 -12.82
N ALA B 191 23.99 -34.48 -12.51
CA ALA B 191 22.75 -34.43 -13.28
C ALA B 191 22.07 -33.05 -13.19
N LEU B 192 22.11 -32.45 -12.02
CA LEU B 192 21.48 -31.15 -11.84
C LEU B 192 22.23 -30.03 -12.56
N LEU B 193 23.55 -30.13 -12.59
CA LEU B 193 24.35 -29.11 -13.25
C LEU B 193 24.13 -29.08 -14.75
N LYS B 194 23.41 -30.09 -15.26
CA LYS B 194 23.10 -30.15 -16.69
C LYS B 194 21.60 -30.06 -16.92
N ASP B 195 20.85 -29.75 -15.87
CA ASP B 195 19.40 -29.63 -15.98
C ASP B 195 19.03 -28.16 -16.24
N PRO B 196 18.32 -27.89 -17.34
CA PRO B 196 17.92 -26.52 -17.70
C PRO B 196 16.88 -25.95 -16.74
N PHE B 197 16.33 -26.80 -15.89
CA PHE B 197 15.31 -26.35 -14.93
C PHE B 197 15.84 -26.21 -13.51
N TYR B 198 17.13 -26.48 -13.33
CA TYR B 198 17.73 -26.36 -12.00
C TYR B 198 17.50 -24.93 -11.50
N MSE B 199 17.20 -24.79 -10.22
CA MSE B 199 16.92 -23.50 -9.60
C MSE B 199 18.09 -22.87 -8.83
O MSE B 199 17.93 -21.79 -8.25
CB MSE B 199 15.71 -23.66 -8.66
CG MSE B 199 14.35 -23.85 -9.36
SE MSE B 199 13.18 -24.99 -8.26
CE MSE B 199 13.33 -24.10 -6.57
N GLY B 200 19.24 -23.52 -8.83
CA GLY B 200 20.37 -22.98 -8.10
C GLY B 200 21.51 -22.46 -8.95
N LEU B 201 22.66 -22.25 -8.31
CA LEU B 201 23.84 -21.76 -9.00
C LEU B 201 24.46 -22.94 -9.76
N TYR B 202 24.84 -22.71 -11.02
CA TYR B 202 25.46 -23.79 -11.78
C TYR B 202 26.95 -23.86 -11.49
N GLN B 203 27.32 -24.46 -10.36
CA GLN B 203 28.72 -24.59 -9.98
C GLN B 203 28.80 -25.66 -8.89
N LYS B 204 29.95 -26.31 -8.78
CA LYS B 204 30.15 -27.34 -7.77
C LYS B 204 30.12 -26.65 -6.41
N ARG B 205 29.94 -27.42 -5.34
CA ARG B 205 29.89 -26.85 -4.00
C ARG B 205 31.17 -26.16 -3.58
N ASP B 206 31.01 -25.00 -2.96
CA ASP B 206 32.13 -24.20 -2.46
C ASP B 206 32.41 -24.74 -1.06
N ARG B 207 33.53 -25.43 -0.90
CA ARG B 207 33.89 -26.00 0.40
C ARG B 207 35.01 -25.23 1.07
N THR B 208 35.21 -23.99 0.65
CA THR B 208 36.26 -23.16 1.24
C THR B 208 35.72 -22.38 2.43
N GLN B 209 36.59 -21.62 3.07
CA GLN B 209 36.20 -20.81 4.23
C GLN B 209 35.04 -19.87 3.89
N GLN B 210 34.86 -19.59 2.60
CA GLN B 210 33.77 -18.73 2.17
C GLN B 210 32.43 -19.36 2.53
N TYR B 211 32.38 -20.68 2.56
CA TYR B 211 31.16 -21.39 2.92
C TYR B 211 30.89 -21.11 4.40
N ASP B 212 31.92 -21.29 5.23
CA ASP B 212 31.79 -21.04 6.64
C ASP B 212 31.40 -19.58 6.90
N ASP B 213 31.97 -18.67 6.09
CA ASP B 213 31.68 -17.25 6.23
C ASP B 213 30.19 -17.01 6.04
N LEU B 214 29.68 -17.54 4.94
CA LEU B 214 28.28 -17.40 4.58
C LEU B 214 27.37 -17.90 5.69
N ILE B 215 27.62 -19.12 6.17
CA ILE B 215 26.78 -19.64 7.24
C ILE B 215 26.84 -18.72 8.45
N ASP B 216 28.00 -18.17 8.71
CA ASP B 216 28.18 -17.29 9.86
C ASP B 216 27.43 -15.97 9.65
N GLU B 217 27.52 -15.44 8.43
CA GLU B 217 26.84 -14.20 8.07
C GLU B 217 25.33 -14.40 8.18
N PHE B 218 24.89 -15.60 7.81
CA PHE B 218 23.47 -15.94 7.86
C PHE B 218 22.96 -15.97 9.30
N MSE B 219 23.69 -16.63 10.18
CA MSE B 219 23.27 -16.73 11.57
C MSE B 219 23.19 -15.34 12.19
O MSE B 219 22.26 -15.04 12.94
CB MSE B 219 24.26 -17.61 12.34
CG MSE B 219 24.40 -19.03 11.75
SE MSE B 219 22.77 -20.05 12.04
CE MSE B 219 23.04 -20.47 13.91
N LYS B 220 24.14 -14.48 11.87
CA LYS B 220 24.14 -13.13 12.41
C LYS B 220 23.02 -12.28 11.83
N ALA B 221 22.79 -12.40 10.52
CA ALA B 221 21.73 -11.64 9.87
C ALA B 221 20.37 -12.03 10.45
N ILE B 222 20.14 -13.34 10.59
CA ILE B 222 18.87 -13.84 11.12
C ILE B 222 18.61 -13.35 12.54
N THR B 223 19.58 -13.51 13.42
CA THR B 223 19.44 -13.10 14.81
C THR B 223 19.38 -11.58 14.95
N ASP B 224 20.14 -10.87 14.14
CA ASP B 224 20.12 -9.41 14.22
C ASP B 224 18.74 -8.83 13.94
N ARG B 225 18.02 -9.38 12.96
CA ARG B 225 16.70 -8.83 12.67
C ARG B 225 15.60 -9.38 13.55
N TYR B 226 15.65 -10.68 13.84
CA TYR B 226 14.60 -11.31 14.62
C TYR B 226 14.83 -11.57 16.09
N GLY B 227 16.08 -11.51 16.53
CA GLY B 227 16.38 -11.78 17.94
C GLY B 227 17.35 -12.93 18.15
N ARG B 228 18.12 -12.85 19.22
CA ARG B 228 19.10 -13.86 19.56
C ARG B 228 18.48 -15.22 19.92
N ASN B 229 17.22 -15.21 20.35
CA ASN B 229 16.59 -16.47 20.73
C ASN B 229 15.74 -17.09 19.63
N THR B 230 15.93 -16.62 18.40
CA THR B 230 15.21 -17.14 17.24
C THR B 230 15.64 -18.61 17.11
N LEU B 231 14.68 -19.53 17.02
CA LEU B 231 14.99 -20.95 16.91
C LEU B 231 15.51 -21.29 15.51
N ILE B 232 16.74 -21.78 15.42
CA ILE B 232 17.32 -22.13 14.13
C ILE B 232 17.56 -23.64 14.02
N GLN B 233 16.74 -24.32 13.22
CA GLN B 233 16.83 -25.76 13.02
C GLN B 233 17.60 -26.16 11.78
N PHE B 234 18.75 -26.79 11.97
CA PHE B 234 19.57 -27.23 10.83
C PHE B 234 19.00 -28.55 10.33
N GLU B 235 18.86 -28.65 9.02
CA GLU B 235 18.27 -29.81 8.40
C GLU B 235 18.96 -30.27 7.11
N ASP B 236 19.28 -31.54 7.06
CA ASP B 236 19.91 -32.16 5.90
C ASP B 236 21.24 -31.58 5.40
N PHE B 237 22.14 -31.31 6.32
CA PHE B 237 23.47 -30.82 5.99
C PHE B 237 24.36 -32.08 5.91
N GLY B 238 25.45 -32.00 5.16
CA GLY B 238 26.34 -33.14 5.06
C GLY B 238 26.87 -33.51 6.43
N ASN B 239 27.39 -34.72 6.56
CA ASN B 239 27.91 -35.22 7.83
C ASN B 239 28.95 -34.31 8.50
N HIS B 240 30.00 -33.95 7.76
CA HIS B 240 31.04 -33.10 8.32
C HIS B 240 30.50 -31.78 8.85
N ASN B 241 29.88 -31.01 7.96
CA ASN B 241 29.32 -29.71 8.31
C ASN B 241 28.27 -29.77 9.40
N ALA B 242 27.43 -30.80 9.37
CA ALA B 242 26.38 -30.97 10.37
C ALA B 242 26.88 -30.88 11.80
N PHE B 243 27.90 -31.68 12.13
CA PHE B 243 28.44 -31.70 13.48
C PHE B 243 29.17 -30.41 13.86
N ARG B 244 30.05 -29.96 12.98
CA ARG B 244 30.82 -28.76 13.24
C ARG B 244 29.96 -27.51 13.43
N PHE B 245 28.84 -27.40 12.73
CA PHE B 245 27.98 -26.23 12.92
C PHE B 245 27.22 -26.35 14.23
N LEU B 246 26.76 -27.57 14.54
CA LEU B 246 26.03 -27.76 15.79
C LEU B 246 26.94 -27.37 16.95
N ARG B 247 28.13 -27.98 16.99
CA ARG B 247 29.11 -27.70 18.02
C ARG B 247 29.48 -26.22 18.08
N LYS B 248 29.69 -25.62 16.91
CA LYS B 248 30.07 -24.21 16.83
C LYS B 248 28.99 -23.23 17.26
N TYR B 249 27.73 -23.55 16.99
CA TYR B 249 26.65 -22.63 17.32
C TYR B 249 25.74 -22.93 18.51
N ARG B 250 25.61 -24.20 18.88
CA ARG B 250 24.72 -24.54 19.97
C ARG B 250 24.84 -23.73 21.25
N GLU B 251 26.00 -23.16 21.52
CA GLU B 251 26.16 -22.36 22.74
C GLU B 251 26.04 -20.85 22.53
N LYS B 252 26.04 -20.43 21.27
CA LYS B 252 25.93 -19.00 20.97
C LYS B 252 24.55 -18.61 20.46
N TYR B 253 23.82 -19.57 19.89
CA TYR B 253 22.48 -19.33 19.35
C TYR B 253 21.53 -20.40 19.85
N CYS B 254 20.24 -20.18 19.62
CA CYS B 254 19.24 -21.17 20.02
C CYS B 254 19.11 -22.06 18.80
N THR B 255 19.89 -23.13 18.75
CA THR B 255 19.91 -24.02 17.59
C THR B 255 20.08 -25.51 17.87
N PHE B 256 19.67 -26.32 16.90
CA PHE B 256 19.80 -27.76 17.02
C PHE B 256 19.80 -28.38 15.62
N ASN B 257 20.25 -29.62 15.53
CA ASN B 257 20.27 -30.32 14.25
C ASN B 257 19.26 -31.46 14.35
N ASP B 258 18.26 -31.43 13.45
CA ASP B 258 17.18 -32.40 13.42
C ASP B 258 17.62 -33.82 13.07
N ASP B 259 18.66 -33.93 12.25
CA ASP B 259 19.15 -35.22 11.82
C ASP B 259 20.04 -35.91 12.84
N ILE B 260 20.60 -35.11 13.74
CA ILE B 260 21.47 -35.64 14.77
C ILE B 260 20.68 -35.78 16.06
N GLN B 261 20.07 -34.70 16.50
CA GLN B 261 19.33 -34.72 17.76
C GLN B 261 17.87 -35.14 17.66
N GLY B 262 17.16 -34.65 16.64
CA GLY B 262 15.76 -35.00 16.50
C GLY B 262 15.57 -36.48 16.23
N THR B 263 16.36 -37.00 15.32
CA THR B 263 16.29 -38.41 14.97
C THR B 263 16.70 -39.25 16.19
N ALA B 264 17.67 -38.74 16.96
CA ALA B 264 18.14 -39.44 18.14
C ALA B 264 17.03 -39.62 19.17
N ALA B 265 16.26 -38.56 19.40
CA ALA B 265 15.17 -38.63 20.38
C ALA B 265 14.04 -39.57 19.99
N VAL B 266 13.71 -39.67 18.70
CA VAL B 266 12.62 -40.56 18.27
C VAL B 266 13.05 -42.00 18.36
N ALA B 267 14.28 -42.26 17.94
CA ALA B 267 14.81 -43.62 17.99
C ALA B 267 14.82 -44.07 19.45
N LEU B 268 15.41 -43.25 20.33
CA LEU B 268 15.46 -43.57 21.75
C LEU B 268 14.06 -43.88 22.27
N ALA B 269 13.10 -43.03 21.93
CA ALA B 269 11.72 -43.25 22.38
C ALA B 269 11.23 -44.64 21.96
N GLY B 270 11.66 -45.08 20.78
CA GLY B 270 11.25 -46.38 20.29
C GLY B 270 11.87 -47.50 21.12
N LEU B 271 13.16 -47.36 21.41
CA LEU B 271 13.88 -48.33 22.22
C LEU B 271 13.27 -48.44 23.61
N LEU B 272 12.90 -47.31 24.20
CA LEU B 272 12.27 -47.29 25.52
C LEU B 272 10.94 -48.02 25.50
N ALA B 273 10.21 -47.92 24.39
CA ALA B 273 8.94 -48.61 24.29
C ALA B 273 9.19 -50.11 24.20
N ALA B 274 10.13 -50.47 23.35
CA ALA B 274 10.50 -51.86 23.15
C ALA B 274 10.86 -52.53 24.47
N GLN B 275 11.71 -51.86 25.24
CA GLN B 275 12.14 -52.40 26.53
C GLN B 275 10.94 -52.68 27.41
N LYS B 276 9.90 -51.88 27.28
CA LYS B 276 8.70 -52.06 28.09
C LYS B 276 8.00 -53.40 27.80
N VAL B 277 8.30 -53.99 26.64
CA VAL B 277 7.68 -55.26 26.27
C VAL B 277 8.67 -56.42 26.30
N ILE B 278 9.96 -56.11 26.36
CA ILE B 278 10.99 -57.14 26.39
C ILE B 278 11.57 -57.31 27.80
N SER B 279 11.67 -56.20 28.53
CA SER B 279 12.20 -56.24 29.90
C SER B 279 13.53 -56.99 29.90
N LYS B 280 14.47 -56.54 29.08
CA LYS B 280 15.77 -57.18 29.00
C LYS B 280 16.76 -56.50 29.96
N PRO B 281 17.43 -57.29 30.82
CA PRO B 281 18.40 -56.75 31.77
C PRO B 281 19.41 -55.81 31.12
N ILE B 282 19.40 -54.56 31.55
CA ILE B 282 20.27 -53.52 31.01
C ILE B 282 21.71 -53.97 30.73
N SER B 283 22.19 -54.96 31.47
CA SER B 283 23.54 -55.47 31.27
C SER B 283 23.66 -56.25 29.97
N GLU B 284 22.59 -56.97 29.60
CA GLU B 284 22.60 -57.77 28.39
C GLU B 284 22.17 -57.04 27.11
N HIS B 285 22.20 -55.71 27.13
CA HIS B 285 21.84 -54.94 25.96
C HIS B 285 23.07 -54.81 25.08
N LYS B 286 22.90 -55.11 23.80
CA LYS B 286 23.98 -55.02 22.83
C LYS B 286 23.41 -54.39 21.58
N ILE B 287 23.78 -53.13 21.32
CA ILE B 287 23.27 -52.41 20.15
C ILE B 287 24.27 -52.33 19.01
N LEU B 288 23.82 -52.70 17.83
CA LEU B 288 24.65 -52.64 16.64
C LEU B 288 24.05 -51.67 15.61
N PHE B 289 24.81 -50.64 15.25
CA PHE B 289 24.37 -49.64 14.29
C PHE B 289 24.89 -49.91 12.90
N LEU B 290 24.04 -49.74 11.90
CA LEU B 290 24.46 -49.91 10.52
C LEU B 290 24.64 -48.45 10.14
N GLY B 291 25.88 -48.04 9.97
CA GLY B 291 26.18 -46.66 9.65
C GLY B 291 26.67 -46.04 10.93
N ALA B 292 27.40 -44.93 10.83
CA ALA B 292 27.94 -44.27 12.01
C ALA B 292 28.11 -42.77 11.78
N GLY B 293 27.05 -42.14 11.29
CA GLY B 293 27.09 -40.73 11.03
C GLY B 293 26.19 -39.92 11.94
N GLU B 294 25.56 -38.91 11.38
CA GLU B 294 24.67 -38.02 12.12
C GLU B 294 23.68 -38.75 13.02
N ALA B 295 22.86 -39.63 12.45
CA ALA B 295 21.86 -40.35 13.24
C ALA B 295 22.44 -41.35 14.23
N ALA B 296 23.39 -42.15 13.79
CA ALA B 296 24.00 -43.15 14.67
C ALA B 296 24.66 -42.50 15.90
N LEU B 297 25.50 -41.49 15.67
CA LEU B 297 26.17 -40.80 16.77
C LEU B 297 25.14 -40.08 17.63
N GLY B 298 24.11 -39.50 17.00
CA GLY B 298 23.07 -38.84 17.77
C GLY B 298 22.32 -39.83 18.64
N ILE B 299 21.93 -40.95 18.04
CA ILE B 299 21.19 -41.98 18.80
C ILE B 299 22.07 -42.63 19.87
N ALA B 300 23.30 -42.98 19.50
CA ALA B 300 24.21 -43.60 20.45
C ALA B 300 24.35 -42.77 21.74
N ASN B 301 24.66 -41.49 21.57
CA ASN B 301 24.81 -40.57 22.69
C ASN B 301 23.56 -40.46 23.55
N LEU B 302 22.39 -40.52 22.92
CA LEU B 302 21.16 -40.42 23.71
C LEU B 302 20.90 -41.72 24.46
N ILE B 303 21.22 -42.84 23.84
CA ILE B 303 21.03 -44.13 24.51
C ILE B 303 21.93 -44.10 25.76
N VAL B 304 23.19 -43.70 25.57
CA VAL B 304 24.13 -43.62 26.68
C VAL B 304 23.58 -42.82 27.85
N MSE B 305 23.09 -41.62 27.57
CA MSE B 305 22.55 -40.77 28.62
C MSE B 305 21.45 -41.51 29.39
O MSE B 305 21.32 -41.37 30.61
CB MSE B 305 21.98 -39.48 28.05
CG MSE B 305 23.02 -38.51 27.51
SE MSE B 305 22.16 -36.84 27.00
CE MSE B 305 21.64 -36.23 28.75
N SER B 306 20.66 -42.29 28.66
CA SER B 306 19.57 -43.05 29.27
C SER B 306 20.07 -44.15 30.20
N MSE B 307 21.12 -44.84 29.79
CA MSE B 307 21.67 -45.91 30.61
C MSE B 307 22.37 -45.34 31.85
O MSE B 307 22.23 -45.90 32.94
CB MSE B 307 22.64 -46.75 29.78
CG MSE B 307 21.92 -47.56 28.72
SE MSE B 307 23.17 -48.62 27.73
CE MSE B 307 23.84 -47.31 26.51
N VAL B 308 23.10 -44.25 31.70
CA VAL B 308 23.79 -43.64 32.82
C VAL B 308 22.76 -43.24 33.88
N GLU B 309 21.68 -42.62 33.42
CA GLU B 309 20.60 -42.17 34.28
C GLU B 309 19.88 -43.36 34.91
N ASN B 310 20.27 -44.57 34.52
CA ASN B 310 19.66 -45.78 35.05
C ASN B 310 20.68 -46.78 35.60
N GLY B 311 21.76 -46.26 36.19
CA GLY B 311 22.77 -47.14 36.77
C GLY B 311 24.13 -47.11 36.12
N LEU B 312 24.27 -47.82 35.02
CA LEU B 312 25.53 -47.92 34.29
C LEU B 312 26.33 -46.63 34.24
N SER B 313 27.65 -46.78 34.12
CA SER B 313 28.53 -45.62 34.02
C SER B 313 28.62 -45.31 32.55
N GLU B 314 29.06 -44.10 32.22
CA GLU B 314 29.19 -43.70 30.83
C GLU B 314 30.07 -44.68 30.06
N GLN B 315 31.18 -45.08 30.68
CA GLN B 315 32.12 -45.99 30.05
C GLN B 315 31.55 -47.37 29.73
N GLU B 316 30.81 -47.95 30.67
CA GLU B 316 30.25 -49.29 30.44
C GLU B 316 29.02 -49.26 29.53
N ALA B 317 28.36 -48.12 29.45
CA ALA B 317 27.20 -48.00 28.58
C ALA B 317 27.69 -47.93 27.14
N GLN B 318 28.77 -47.17 26.90
CA GLN B 318 29.32 -47.01 25.57
C GLN B 318 29.88 -48.32 25.02
N LYS B 319 30.22 -49.23 25.93
CA LYS B 319 30.77 -50.53 25.55
C LYS B 319 29.69 -51.43 24.96
N LYS B 320 28.44 -51.14 25.28
CA LYS B 320 27.33 -51.94 24.77
C LYS B 320 26.90 -51.49 23.38
N ILE B 321 27.62 -50.53 22.81
CA ILE B 321 27.27 -50.00 21.49
C ILE B 321 28.35 -50.17 20.42
N TRP B 322 28.00 -50.85 19.34
CA TRP B 322 28.91 -51.11 18.24
C TRP B 322 28.37 -50.46 16.97
N MSE B 323 29.27 -50.05 16.09
CA MSE B 323 28.85 -49.41 14.85
C MSE B 323 29.56 -50.03 13.67
O MSE B 323 30.72 -50.42 13.76
CB MSE B 323 29.12 -47.91 14.92
CG MSE B 323 28.48 -47.28 16.13
SE MSE B 323 28.71 -45.38 16.12
CE MSE B 323 30.62 -45.34 15.82
N PHE B 324 28.86 -50.13 12.55
CA PHE B 324 29.38 -50.71 11.31
C PHE B 324 29.04 -49.74 10.20
N ASP B 325 30.05 -49.13 9.57
CA ASP B 325 29.83 -48.18 8.47
C ASP B 325 30.23 -48.74 7.12
N LYS B 326 30.37 -47.87 6.11
CA LYS B 326 30.71 -48.31 4.75
C LYS B 326 32.03 -49.02 4.56
N TYR B 327 32.89 -48.97 5.59
CA TYR B 327 34.20 -49.63 5.49
C TYR B 327 34.30 -50.84 6.39
N GLY B 328 33.29 -51.05 7.22
CA GLY B 328 33.29 -52.20 8.11
C GLY B 328 33.08 -51.78 9.56
N LEU B 329 33.25 -52.75 10.46
CA LEU B 329 33.08 -52.51 11.89
C LEU B 329 34.09 -51.46 12.36
N LEU B 330 33.66 -50.59 13.28
CA LEU B 330 34.55 -49.56 13.79
C LEU B 330 35.36 -50.15 14.94
N VAL B 331 36.62 -50.47 14.66
CA VAL B 331 37.50 -51.03 15.68
C VAL B 331 38.79 -50.23 15.74
N LYS B 332 39.37 -50.15 16.94
CA LYS B 332 40.60 -49.41 17.12
C LYS B 332 41.70 -49.89 16.19
N GLY B 333 42.28 -48.94 15.45
CA GLY B 333 43.36 -49.27 14.55
C GLY B 333 43.00 -49.65 13.13
N ARG B 334 41.75 -49.53 12.73
CA ARG B 334 41.38 -49.88 11.36
C ARG B 334 41.93 -48.83 10.39
N LYS B 335 42.02 -49.18 9.11
CA LYS B 335 42.57 -48.27 8.12
C LYS B 335 41.64 -47.09 7.84
N ALA B 336 40.33 -47.29 8.04
CA ALA B 336 39.35 -46.24 7.80
C ALA B 336 39.34 -45.28 8.99
N LYS B 337 39.25 -43.99 8.70
CA LYS B 337 39.25 -42.96 9.73
C LYS B 337 38.24 -43.22 10.85
N ILE B 338 38.49 -42.62 12.01
CA ILE B 338 37.63 -42.72 13.19
C ILE B 338 37.73 -41.34 13.83
N ASP B 339 36.69 -40.54 13.70
CA ASP B 339 36.71 -39.19 14.26
C ASP B 339 36.44 -39.15 15.77
N SER B 340 36.57 -37.96 16.33
CA SER B 340 36.38 -37.72 17.75
C SER B 340 35.03 -38.24 18.28
N TYR B 341 33.98 -38.04 17.50
CA TYR B 341 32.64 -38.47 17.91
C TYR B 341 32.47 -39.98 17.95
N GLN B 342 33.15 -40.69 17.06
CA GLN B 342 33.05 -42.14 17.00
C GLN B 342 33.95 -42.86 17.99
N GLU B 343 35.03 -42.20 18.40
CA GLU B 343 35.98 -42.77 19.34
C GLU B 343 35.36 -43.59 20.48
N PRO B 344 34.41 -42.99 21.22
CA PRO B 344 33.77 -43.70 22.33
C PRO B 344 33.09 -45.02 21.99
N PHE B 345 32.69 -45.21 20.74
CA PHE B 345 32.01 -46.45 20.35
C PHE B 345 32.89 -47.33 19.49
N THR B 346 34.17 -46.96 19.38
CA THR B 346 35.12 -47.73 18.61
C THR B 346 35.87 -48.61 19.59
N HIS B 347 35.55 -49.90 19.58
CA HIS B 347 36.16 -50.84 20.50
C HIS B 347 37.29 -51.68 19.90
N SER B 348 37.93 -52.49 20.74
CA SER B 348 39.03 -53.35 20.32
C SER B 348 38.50 -54.43 19.40
N ALA B 349 39.20 -54.67 18.30
CA ALA B 349 38.79 -55.68 17.34
C ALA B 349 38.42 -56.99 18.02
N PRO B 350 37.23 -57.54 17.70
CA PRO B 350 36.79 -58.81 18.30
C PRO B 350 37.60 -59.97 17.75
N GLU B 351 37.31 -61.18 18.20
CA GLU B 351 38.04 -62.35 17.76
C GLU B 351 38.19 -62.46 16.25
N SER B 352 37.13 -62.13 15.52
CA SER B 352 37.16 -62.16 14.06
C SER B 352 36.58 -60.86 13.53
N ILE B 353 37.22 -60.29 12.52
CA ILE B 353 36.74 -59.04 11.94
C ILE B 353 35.67 -59.29 10.87
N PRO B 354 34.43 -58.89 11.14
CA PRO B 354 33.32 -59.07 10.20
C PRO B 354 33.59 -58.37 8.88
N ASP B 355 33.16 -59.00 7.80
CA ASP B 355 33.32 -58.47 6.46
C ASP B 355 32.01 -57.82 5.99
N THR B 356 30.88 -58.42 6.36
CA THR B 356 29.56 -57.90 5.99
C THR B 356 28.79 -57.60 7.26
N PHE B 357 27.60 -57.01 7.14
CA PHE B 357 26.82 -56.68 8.31
C PHE B 357 26.24 -57.96 8.92
N GLU B 358 25.97 -58.95 8.08
CA GLU B 358 25.44 -60.22 8.56
C GLU B 358 26.48 -60.89 9.46
N ASP B 359 27.75 -60.79 9.07
CA ASP B 359 28.81 -61.38 9.87
C ASP B 359 28.94 -60.64 11.19
N ALA B 360 28.73 -59.33 11.16
CA ALA B 360 28.81 -58.53 12.37
C ALA B 360 27.71 -58.96 13.33
N VAL B 361 26.55 -59.30 12.80
CA VAL B 361 25.44 -59.72 13.63
C VAL B 361 25.69 -61.09 14.28
N ASN B 362 26.26 -62.03 13.52
CA ASN B 362 26.53 -63.36 14.07
C ASN B 362 27.68 -63.34 15.07
N ILE B 363 28.66 -62.46 14.86
CA ILE B 363 29.78 -62.39 15.78
C ILE B 363 29.44 -61.59 17.04
N LEU B 364 28.90 -60.39 16.87
CA LEU B 364 28.57 -59.57 18.04
C LEU B 364 27.28 -60.01 18.71
N LYS B 365 26.42 -60.70 17.96
CA LYS B 365 25.13 -61.14 18.48
C LYS B 365 24.33 -60.04 19.19
N PRO B 366 24.15 -58.89 18.52
CA PRO B 366 23.40 -57.78 19.13
C PRO B 366 21.92 -58.11 19.34
N SER B 367 21.32 -57.43 20.31
CA SER B 367 19.93 -57.64 20.64
C SER B 367 19.06 -56.60 19.92
N THR B 368 19.71 -55.54 19.45
CA THR B 368 19.03 -54.46 18.74
C THR B 368 19.86 -54.04 17.54
N ILE B 369 19.18 -53.86 16.42
CA ILE B 369 19.84 -53.49 15.20
C ILE B 369 19.19 -52.19 14.67
N ILE B 370 20.00 -51.16 14.42
CA ILE B 370 19.47 -49.88 13.96
C ILE B 370 20.08 -49.48 12.62
N GLY B 371 19.24 -49.45 11.59
CA GLY B 371 19.68 -49.08 10.26
C GLY B 371 19.55 -47.59 9.98
N VAL B 372 20.70 -46.97 9.76
CA VAL B 372 20.73 -45.55 9.48
C VAL B 372 21.92 -45.25 8.58
N ALA B 373 21.94 -45.91 7.43
CA ALA B 373 23.01 -45.74 6.46
C ALA B 373 22.58 -44.97 5.21
N GLY B 374 21.28 -44.76 5.05
CA GLY B 374 20.80 -44.04 3.88
C GLY B 374 21.24 -44.69 2.58
N ALA B 375 21.41 -46.01 2.58
CA ALA B 375 21.88 -46.70 1.39
C ALA B 375 21.09 -47.90 0.86
N GLY B 376 19.79 -47.94 1.08
CA GLY B 376 19.02 -49.06 0.56
C GLY B 376 18.90 -50.26 1.48
N ARG B 377 18.40 -51.36 0.93
CA ARG B 377 18.15 -52.59 1.68
C ARG B 377 19.37 -53.34 2.19
N LEU B 378 20.05 -52.80 3.21
CA LEU B 378 21.21 -53.50 3.75
C LEU B 378 20.84 -54.54 4.82
N PHE B 379 19.60 -54.49 5.31
CA PHE B 379 19.15 -55.49 6.27
C PHE B 379 18.53 -56.57 5.39
N THR B 380 19.40 -57.39 4.79
CA THR B 380 19.01 -58.47 3.90
C THR B 380 18.25 -59.53 4.66
N PRO B 381 17.59 -60.46 3.95
CA PRO B 381 16.82 -61.54 4.57
C PRO B 381 17.70 -62.34 5.52
N ASP B 382 18.96 -62.53 5.17
CA ASP B 382 19.88 -63.27 6.04
C ASP B 382 20.17 -62.51 7.33
N VAL B 383 20.32 -61.19 7.24
CA VAL B 383 20.57 -60.38 8.43
C VAL B 383 19.39 -60.51 9.40
N ILE B 384 18.18 -60.46 8.85
CA ILE B 384 16.96 -60.55 9.65
C ILE B 384 16.81 -61.93 10.27
N ARG B 385 17.04 -62.98 9.47
CA ARG B 385 16.93 -64.34 9.97
C ARG B 385 17.93 -64.54 11.11
N ALA B 386 19.13 -64.00 10.94
CA ALA B 386 20.16 -64.11 11.98
C ALA B 386 19.65 -63.51 13.30
N MSE B 387 19.06 -62.33 13.22
CA MSE B 387 18.54 -61.64 14.41
C MSE B 387 17.48 -62.46 15.13
O MSE B 387 17.41 -62.46 16.37
CB MSE B 387 17.97 -60.27 14.03
CG MSE B 387 19.01 -59.19 13.78
SE MSE B 387 20.06 -58.93 15.40
CE MSE B 387 18.72 -58.17 16.54
N ALA B 388 16.63 -63.13 14.37
CA ALA B 388 15.56 -63.93 14.94
C ALA B 388 16.09 -65.21 15.59
N SER B 389 17.21 -65.72 15.05
CA SER B 389 17.83 -66.94 15.57
C SER B 389 18.59 -66.62 16.84
N ILE B 390 19.20 -65.45 16.89
CA ILE B 390 19.96 -65.02 18.05
C ILE B 390 19.06 -64.52 19.18
N ASN B 391 18.05 -63.73 18.84
CA ASN B 391 17.13 -63.19 19.83
C ASN B 391 15.73 -63.75 19.73
N GLU B 392 15.02 -63.75 20.86
CA GLU B 392 13.65 -64.23 20.90
C GLU B 392 12.76 -63.09 20.40
N ARG B 393 13.07 -61.87 20.83
CA ARG B 393 12.34 -60.67 20.42
C ARG B 393 13.37 -59.65 19.92
N PRO B 394 13.84 -59.82 18.68
CA PRO B 394 14.82 -58.90 18.12
C PRO B 394 14.23 -57.51 17.83
N VAL B 395 15.02 -56.48 18.07
CA VAL B 395 14.58 -55.11 17.80
C VAL B 395 15.25 -54.69 16.51
N ILE B 396 14.45 -54.41 15.49
CA ILE B 396 14.98 -54.01 14.19
C ILE B 396 14.44 -52.65 13.75
N PHE B 397 15.34 -51.68 13.61
CA PHE B 397 14.97 -50.33 13.21
C PHE B 397 15.59 -49.97 11.87
N ALA B 398 14.75 -49.67 10.88
CA ALA B 398 15.20 -49.26 9.54
C ALA B 398 14.74 -47.81 9.39
N LEU B 399 15.60 -46.88 9.80
CA LEU B 399 15.24 -45.45 9.80
C LEU B 399 15.54 -44.57 8.58
N SER B 400 16.25 -45.08 7.59
CA SER B 400 16.59 -44.28 6.41
C SER B 400 15.37 -43.97 5.52
N ASN B 401 15.36 -42.78 4.93
CA ASN B 401 14.28 -42.29 4.07
C ASN B 401 14.82 -41.81 2.74
N PRO B 402 14.00 -41.80 1.69
CA PRO B 402 12.60 -42.25 1.69
C PRO B 402 12.51 -43.77 1.64
N THR B 403 11.31 -44.29 1.38
CA THR B 403 11.08 -45.73 1.35
C THR B 403 12.14 -46.59 0.65
N ALA B 404 12.52 -46.22 -0.57
CA ALA B 404 13.50 -47.00 -1.31
C ALA B 404 14.88 -47.08 -0.61
N GLN B 405 15.16 -46.13 0.26
CA GLN B 405 16.45 -46.14 0.95
C GLN B 405 16.39 -46.88 2.28
N ALA B 406 15.19 -47.28 2.69
CA ALA B 406 15.00 -48.01 3.94
C ALA B 406 15.81 -49.31 3.95
N GLU B 407 16.35 -49.68 5.11
CA GLU B 407 17.16 -50.91 5.25
C GLU B 407 16.38 -52.20 5.01
N CYS B 408 15.06 -52.15 5.23
CA CYS B 408 14.19 -53.29 5.00
C CYS B 408 12.76 -52.82 5.17
N THR B 409 11.79 -53.60 4.69
CA THR B 409 10.39 -53.23 4.80
C THR B 409 9.78 -53.89 6.03
N ALA B 410 8.61 -53.41 6.42
CA ALA B 410 7.90 -53.97 7.56
C ALA B 410 7.57 -55.43 7.26
N GLU B 411 7.05 -55.67 6.07
CA GLU B 411 6.67 -57.01 5.64
C GLU B 411 7.85 -57.98 5.75
N GLU B 412 9.04 -57.52 5.36
CA GLU B 412 10.24 -58.34 5.43
C GLU B 412 10.61 -58.67 6.87
N ALA B 413 10.60 -57.65 7.73
CA ALA B 413 10.95 -57.85 9.13
C ALA B 413 9.97 -58.78 9.89
N TYR B 414 8.67 -58.55 9.73
CA TYR B 414 7.68 -59.38 10.42
C TYR B 414 7.60 -60.83 9.94
N THR B 415 7.75 -61.05 8.63
CA THR B 415 7.67 -62.42 8.12
C THR B 415 8.92 -63.24 8.42
N LEU B 416 10.09 -62.69 8.17
CA LEU B 416 11.33 -63.41 8.42
C LEU B 416 11.62 -63.70 9.89
N THR B 417 10.95 -63.00 10.80
CA THR B 417 11.17 -63.22 12.23
C THR B 417 9.92 -63.88 12.82
N GLU B 418 9.01 -64.27 11.94
CA GLU B 418 7.75 -64.89 12.32
C GLU B 418 6.97 -64.11 13.39
N GLY B 419 6.93 -62.79 13.20
CA GLY B 419 6.21 -61.92 14.11
C GLY B 419 6.80 -61.72 15.48
N ARG B 420 8.08 -62.01 15.64
CA ARG B 420 8.71 -61.88 16.95
C ARG B 420 9.49 -60.59 17.15
N CYS B 421 9.78 -59.88 16.07
CA CYS B 421 10.54 -58.65 16.16
C CYS B 421 9.69 -57.42 16.48
N LEU B 422 10.38 -56.39 16.94
CA LEU B 422 9.77 -55.11 17.25
C LEU B 422 10.40 -54.24 16.18
N PHE B 423 9.57 -53.78 15.25
CA PHE B 423 10.01 -53.00 14.12
C PHE B 423 9.57 -51.55 14.11
N ALA B 424 10.39 -50.71 13.52
CA ALA B 424 10.08 -49.28 13.40
C ALA B 424 10.85 -48.80 12.19
N SER B 425 10.23 -47.99 11.35
CA SER B 425 10.90 -47.47 10.16
C SER B 425 10.72 -45.95 10.07
N GLY B 426 11.55 -45.32 9.25
CA GLY B 426 11.47 -43.87 9.09
C GLY B 426 10.34 -43.51 8.17
N SER B 427 10.17 -44.28 7.09
CA SER B 427 9.12 -44.05 6.13
C SER B 427 7.92 -44.93 6.50
N PRO B 428 6.72 -44.57 6.04
CA PRO B 428 5.53 -45.36 6.38
C PRO B 428 5.31 -46.68 5.63
N PHE B 429 4.88 -47.68 6.39
CA PHE B 429 4.55 -49.00 5.86
C PHE B 429 3.22 -49.35 6.52
N GLY B 430 2.30 -49.92 5.75
CA GLY B 430 1.01 -50.27 6.31
C GLY B 430 1.08 -51.55 7.09
N PRO B 431 -0.04 -51.95 7.73
CA PRO B 431 -0.11 -53.18 8.53
C PRO B 431 0.35 -54.40 7.74
N VAL B 432 0.91 -55.38 8.44
CA VAL B 432 1.38 -56.61 7.82
C VAL B 432 0.60 -57.78 8.41
N LYS B 433 0.07 -58.63 7.53
CA LYS B 433 -0.69 -59.80 7.99
C LYS B 433 0.06 -61.08 7.62
N LEU B 434 0.50 -61.84 8.62
CA LEU B 434 1.23 -63.09 8.37
C LEU B 434 0.32 -64.21 7.88
N THR B 435 0.91 -65.22 7.26
CA THR B 435 0.16 -66.36 6.73
C THR B 435 -0.73 -67.02 7.78
N ASP B 436 -0.39 -66.87 9.06
CA ASP B 436 -1.17 -67.47 10.14
C ASP B 436 -2.32 -66.58 10.61
N GLY B 437 -2.48 -65.42 9.96
CA GLY B 437 -3.56 -64.52 10.32
C GLY B 437 -3.24 -63.36 11.26
N ARG B 438 -2.07 -63.38 11.87
CA ARG B 438 -1.69 -62.31 12.79
C ARG B 438 -1.43 -60.99 12.05
N VAL B 439 -1.89 -59.87 12.63
CA VAL B 439 -1.69 -58.55 12.02
C VAL B 439 -0.82 -57.67 12.89
N PHE B 440 0.26 -57.16 12.30
CA PHE B 440 1.21 -56.29 13.00
C PHE B 440 1.23 -54.89 12.39
N THR B 441 1.10 -53.87 13.23
CA THR B 441 1.11 -52.48 12.80
C THR B 441 2.42 -51.85 13.23
N PRO B 442 3.32 -51.61 12.28
CA PRO B 442 4.63 -51.01 12.53
C PRO B 442 4.58 -49.51 12.83
N GLY B 443 5.42 -49.07 13.75
CA GLY B 443 5.47 -47.67 14.09
C GLY B 443 6.44 -46.92 13.19
N GLN B 444 6.31 -45.60 13.15
CA GLN B 444 7.20 -44.81 12.32
C GLN B 444 8.15 -44.00 13.17
N GLY B 445 9.41 -44.42 13.20
CA GLY B 445 10.41 -43.71 13.97
C GLY B 445 10.95 -42.56 13.14
N ASN B 446 10.16 -41.50 13.04
CA ASN B 446 10.54 -40.34 12.25
C ASN B 446 10.59 -39.14 13.20
N ASN B 447 11.52 -38.22 13.01
CA ASN B 447 11.64 -37.11 13.94
C ASN B 447 10.45 -36.15 13.99
N VAL B 448 9.46 -36.39 13.13
CA VAL B 448 8.26 -35.56 13.10
C VAL B 448 7.52 -35.67 14.44
N TYR B 449 7.79 -36.73 15.20
CA TYR B 449 7.16 -36.91 16.51
C TYR B 449 7.86 -36.07 17.56
N ILE B 450 9.03 -35.53 17.19
CA ILE B 450 9.84 -34.77 18.11
C ILE B 450 10.04 -33.26 17.88
N PHE B 451 10.50 -32.87 16.70
CA PHE B 451 10.76 -31.45 16.50
C PHE B 451 9.57 -30.49 16.67
N PRO B 452 8.34 -30.94 16.32
CA PRO B 452 7.25 -29.98 16.51
C PRO B 452 7.04 -29.60 17.98
N GLY B 453 7.04 -30.61 18.86
CA GLY B 453 6.83 -30.37 20.27
C GLY B 453 7.97 -29.65 20.96
N VAL B 454 9.20 -30.02 20.61
CA VAL B 454 10.39 -29.42 21.18
C VAL B 454 10.44 -27.96 20.73
N ALA B 455 10.26 -27.76 19.43
CA ALA B 455 10.27 -26.41 18.88
C ALA B 455 9.27 -25.52 19.62
N LEU B 456 8.04 -25.99 19.80
CA LEU B 456 7.03 -25.20 20.49
C LEU B 456 7.45 -24.81 21.90
N ALA B 457 7.98 -25.78 22.65
CA ALA B 457 8.43 -25.55 24.02
C ALA B 457 9.54 -24.52 24.11
N VAL B 458 10.55 -24.66 23.26
CA VAL B 458 11.69 -23.75 23.24
C VAL B 458 11.27 -22.31 22.93
N ILE B 459 10.39 -22.15 21.94
CA ILE B 459 9.88 -20.84 21.54
C ILE B 459 9.07 -20.20 22.67
N LEU B 460 8.11 -20.93 23.20
CA LEU B 460 7.27 -20.42 24.27
C LEU B 460 8.05 -20.08 25.54
N CYS B 461 9.13 -20.83 25.79
CA CYS B 461 9.93 -20.58 26.98
C CYS B 461 11.02 -19.54 26.83
N ASN B 462 11.20 -19.02 25.62
CA ASN B 462 12.25 -18.03 25.39
C ASN B 462 13.58 -18.65 25.78
N THR B 463 13.78 -19.91 25.41
CA THR B 463 15.02 -20.59 25.73
C THR B 463 16.14 -20.05 24.84
N ARG B 464 17.34 -19.92 25.40
CA ARG B 464 18.47 -19.39 24.66
C ARG B 464 19.29 -20.45 23.97
N HIS B 465 19.45 -21.60 24.62
CA HIS B 465 20.22 -22.71 24.05
C HIS B 465 19.54 -24.03 24.38
N ILE B 466 19.64 -24.97 23.45
CA ILE B 466 19.03 -26.28 23.60
C ILE B 466 20.07 -27.36 23.94
N SER B 467 20.02 -27.89 25.15
CA SER B 467 20.96 -28.94 25.57
C SER B 467 20.46 -30.31 25.12
N ASP B 468 21.37 -31.27 25.06
CA ASP B 468 21.01 -32.62 24.64
C ASP B 468 19.98 -33.24 25.57
N SER B 469 19.99 -32.82 26.83
CA SER B 469 19.05 -33.36 27.81
C SER B 469 17.60 -33.02 27.44
N VAL B 470 17.43 -31.94 26.68
CA VAL B 470 16.09 -31.56 26.27
C VAL B 470 15.52 -32.66 25.39
N PHE B 471 16.35 -33.24 24.54
CA PHE B 471 15.89 -34.33 23.66
C PHE B 471 15.64 -35.62 24.42
N LEU B 472 16.36 -35.84 25.51
CA LEU B 472 16.19 -37.05 26.32
C LEU B 472 14.80 -36.98 26.96
N GLU B 473 14.43 -35.79 27.43
CA GLU B 473 13.13 -35.58 28.04
C GLU B 473 12.02 -35.65 27.01
N ALA B 474 12.31 -35.26 25.77
CA ALA B 474 11.28 -35.33 24.74
C ALA B 474 11.04 -36.80 24.43
N ALA B 475 12.13 -37.58 24.39
CA ALA B 475 12.07 -39.02 24.14
C ALA B 475 11.19 -39.70 25.18
N LYS B 476 11.41 -39.36 26.45
CA LYS B 476 10.63 -39.93 27.54
C LYS B 476 9.18 -39.46 27.43
N ALA B 477 8.99 -38.19 27.07
CA ALA B 477 7.65 -37.63 26.96
C ALA B 477 6.84 -38.31 25.87
N LEU B 478 7.48 -38.66 24.77
CA LEU B 478 6.81 -39.33 23.67
C LEU B 478 6.38 -40.73 24.12
N THR B 479 7.32 -41.51 24.63
CA THR B 479 7.07 -42.87 25.09
C THR B 479 6.04 -42.99 26.22
N SER B 480 6.03 -42.06 27.16
CA SER B 480 5.09 -42.13 28.27
C SER B 480 3.64 -41.94 27.83
N GLN B 481 3.42 -41.72 26.53
CA GLN B 481 2.07 -41.54 26.05
C GLN B 481 1.54 -42.80 25.38
N LEU B 482 2.42 -43.77 25.17
CA LEU B 482 2.05 -45.04 24.55
C LEU B 482 1.21 -45.86 25.53
N THR B 483 -0.05 -46.14 25.18
CA THR B 483 -0.90 -46.95 26.06
C THR B 483 -0.53 -48.43 25.86
N ASP B 484 -0.74 -49.23 26.90
CA ASP B 484 -0.43 -50.65 26.87
C ASP B 484 -1.05 -51.39 25.68
N GLU B 485 -2.31 -51.10 25.40
CA GLU B 485 -3.06 -51.72 24.31
C GLU B 485 -2.40 -51.55 22.95
N GLU B 486 -1.74 -50.42 22.76
CA GLU B 486 -1.06 -50.12 21.50
C GLU B 486 0.29 -50.81 21.41
N LEU B 487 0.87 -51.10 22.57
CA LEU B 487 2.16 -51.78 22.65
C LEU B 487 1.92 -53.16 22.03
N ALA B 488 0.86 -53.80 22.50
CA ALA B 488 0.46 -55.13 22.06
C ALA B 488 0.34 -55.25 20.54
N GLN B 489 -0.23 -54.23 19.90
CA GLN B 489 -0.40 -54.23 18.46
C GLN B 489 0.94 -54.21 17.72
N GLY B 490 2.00 -53.88 18.44
CA GLY B 490 3.32 -53.82 17.83
C GLY B 490 3.76 -52.39 17.61
N ARG B 491 3.06 -51.48 18.29
CA ARG B 491 3.36 -50.07 18.19
C ARG B 491 4.36 -49.61 19.22
N LEU B 492 5.43 -49.00 18.72
CA LEU B 492 6.48 -48.48 19.58
C LEU B 492 6.29 -46.98 19.73
N TYR B 493 5.31 -46.44 19.03
CA TYR B 493 5.03 -45.00 19.09
C TYR B 493 3.53 -44.75 19.07
N PRO B 494 3.09 -43.61 19.63
CA PRO B 494 1.67 -43.27 19.64
C PRO B 494 1.17 -43.18 18.20
N PRO B 495 -0.11 -43.53 17.97
CA PRO B 495 -0.66 -43.47 16.60
C PRO B 495 -0.48 -42.10 15.94
N LEU B 496 -0.01 -42.13 14.70
CA LEU B 496 0.23 -40.89 13.95
C LEU B 496 -1.02 -40.01 13.88
N ALA B 497 -2.19 -40.62 13.88
CA ALA B 497 -3.46 -39.90 13.83
C ALA B 497 -3.59 -38.93 15.02
N ASN B 498 -2.91 -39.19 16.11
CA ASN B 498 -3.00 -38.31 17.27
C ASN B 498 -1.74 -37.49 17.43
N ILE B 499 -1.05 -37.23 16.32
CA ILE B 499 0.19 -36.49 16.39
C ILE B 499 0.05 -35.07 16.92
N GLN B 500 -1.13 -34.47 16.77
CA GLN B 500 -1.32 -33.11 17.26
C GLN B 500 -1.30 -33.09 18.79
N GLU B 501 -2.10 -33.95 19.41
CA GLU B 501 -2.16 -34.04 20.87
C GLU B 501 -0.81 -34.50 21.44
N VAL B 502 -0.17 -35.46 20.77
CA VAL B 502 1.12 -35.99 21.20
C VAL B 502 2.19 -34.88 21.23
N SER B 503 2.19 -34.03 20.20
CA SER B 503 3.15 -32.93 20.12
C SER B 503 2.91 -31.90 21.23
N ILE B 504 1.64 -31.56 21.46
CA ILE B 504 1.29 -30.61 22.51
C ILE B 504 1.71 -31.15 23.87
N ASN B 505 1.50 -32.45 24.10
CA ASN B 505 1.88 -33.04 25.37
C ASN B 505 3.39 -33.03 25.56
N ILE B 506 4.13 -33.25 24.48
CA ILE B 506 5.59 -33.24 24.54
C ILE B 506 6.06 -31.81 24.87
N ALA B 507 5.37 -30.83 24.31
CA ALA B 507 5.72 -29.43 24.54
C ALA B 507 5.50 -29.04 25.99
N ILE B 508 4.44 -29.56 26.59
CA ILE B 508 4.14 -29.26 28.00
C ILE B 508 5.22 -29.87 28.89
N LYS B 509 5.58 -31.11 28.64
CA LYS B 509 6.61 -31.75 29.45
C LYS B 509 7.94 -31.05 29.30
N VAL B 510 8.26 -30.64 28.07
CA VAL B 510 9.52 -29.94 27.82
C VAL B 510 9.55 -28.54 28.45
N THR B 511 8.42 -27.82 28.44
CA THR B 511 8.45 -26.48 29.04
C THR B 511 8.60 -26.62 30.56
N GLU B 512 8.03 -27.66 31.14
CA GLU B 512 8.15 -27.89 32.58
C GLU B 512 9.61 -28.23 32.91
N TYR B 513 10.26 -28.94 32.00
CA TYR B 513 11.66 -29.31 32.17
C TYR B 513 12.54 -28.07 32.07
N LEU B 514 12.28 -27.22 31.07
CA LEU B 514 13.09 -26.01 30.89
C LEU B 514 12.99 -25.05 32.07
N TYR B 515 11.79 -24.90 32.63
CA TYR B 515 11.63 -24.02 33.77
C TYR B 515 12.29 -24.62 35.02
N ALA B 516 12.09 -25.91 35.21
CA ALA B 516 12.65 -26.61 36.36
C ALA B 516 14.17 -26.56 36.38
N ASN B 517 14.77 -26.51 35.19
CA ASN B 517 16.23 -26.47 35.08
C ASN B 517 16.79 -25.08 34.74
N LYS B 518 16.01 -24.05 35.04
CA LYS B 518 16.44 -22.68 34.81
C LYS B 518 16.98 -22.47 33.40
N MSE B 519 16.21 -22.90 32.40
CA MSE B 519 16.58 -22.76 30.99
C MSE B 519 15.56 -21.92 30.23
O MSE B 519 15.79 -21.53 29.08
CB MSE B 519 16.69 -24.14 30.34
CG MSE B 519 17.95 -24.90 30.75
SE MSE B 519 17.87 -26.73 30.11
CE MSE B 519 18.16 -26.41 28.23
N ALA B 520 14.43 -21.62 30.87
CA ALA B 520 13.37 -20.82 30.26
C ALA B 520 13.50 -19.41 30.80
N PHE B 521 13.38 -18.41 29.94
CA PHE B 521 13.49 -17.04 30.39
C PHE B 521 12.22 -16.22 30.19
N ARG B 522 11.15 -16.90 29.82
CA ARG B 522 9.86 -16.25 29.62
C ARG B 522 9.34 -15.93 31.03
N TYR B 523 9.00 -14.67 31.26
CA TYR B 523 8.51 -14.24 32.56
C TYR B 523 7.16 -13.53 32.43
N PRO B 524 6.28 -13.71 33.42
CA PRO B 524 6.51 -14.52 34.62
C PRO B 524 6.38 -16.00 34.25
N GLU B 525 6.80 -16.88 35.15
CA GLU B 525 6.67 -18.30 34.89
C GLU B 525 5.22 -18.68 35.15
N PRO B 526 4.58 -19.38 34.19
CA PRO B 526 3.18 -19.78 34.36
C PRO B 526 3.08 -20.87 35.42
N GLU B 527 2.03 -20.85 36.23
CA GLU B 527 1.89 -21.88 37.26
C GLU B 527 1.43 -23.21 36.66
N ASP B 528 0.52 -23.14 35.69
CA ASP B 528 0.02 -24.33 35.01
C ASP B 528 0.54 -24.34 33.56
N LYS B 529 1.63 -25.06 33.35
CA LYS B 529 2.26 -25.15 32.03
C LYS B 529 1.35 -25.70 30.93
N ALA B 530 0.42 -26.58 31.30
CA ALA B 530 -0.49 -27.16 30.33
C ALA B 530 -1.42 -26.11 29.74
N LYS B 531 -1.97 -25.25 30.59
CA LYS B 531 -2.86 -24.20 30.15
C LYS B 531 -2.07 -23.18 29.33
N TYR B 532 -0.85 -22.90 29.78
CA TYR B 532 0.05 -21.96 29.11
C TYR B 532 0.32 -22.36 27.66
N VAL B 533 0.60 -23.64 27.43
CA VAL B 533 0.87 -24.11 26.08
C VAL B 533 -0.37 -24.16 25.19
N LYS B 534 -1.44 -24.75 25.71
CA LYS B 534 -2.68 -24.88 24.95
C LYS B 534 -3.29 -23.56 24.50
N GLU B 535 -3.23 -22.55 25.37
CA GLU B 535 -3.77 -21.23 25.05
C GLU B 535 -3.02 -20.52 23.93
N ARG B 536 -1.78 -20.91 23.69
CA ARG B 536 -0.98 -20.23 22.68
C ARG B 536 -0.79 -20.95 21.36
N THR B 537 -1.47 -22.07 21.16
CA THR B 537 -1.33 -22.77 19.89
C THR B 537 -2.21 -22.10 18.82
N TRP B 538 -1.66 -21.97 17.63
CA TRP B 538 -2.38 -21.35 16.51
C TRP B 538 -3.47 -22.32 16.02
N ARG B 539 -4.64 -21.80 15.66
CA ARG B 539 -5.75 -22.65 15.19
C ARG B 539 -6.04 -22.36 13.71
N SER B 540 -6.52 -23.37 12.98
CA SER B 540 -6.83 -23.19 11.57
C SER B 540 -8.23 -22.65 11.27
N GLU B 541 -8.99 -22.32 12.32
CA GLU B 541 -10.33 -21.75 12.12
C GLU B 541 -10.16 -20.29 11.69
N TYR B 542 -11.05 -19.82 10.83
CA TYR B 542 -10.99 -18.44 10.34
C TYR B 542 -11.23 -17.43 11.43
N ASP B 543 -10.52 -16.31 11.35
CA ASP B 543 -10.68 -15.24 12.31
C ASP B 543 -11.52 -14.15 11.66
N SER B 544 -12.13 -13.31 12.48
CA SER B 544 -12.95 -12.22 11.98
C SER B 544 -12.01 -11.09 11.54
N LEU B 545 -12.24 -10.56 10.35
CA LEU B 545 -11.40 -9.47 9.85
C LEU B 545 -12.16 -8.16 9.91
N LEU B 546 -13.24 -8.15 10.68
CA LEU B 546 -14.06 -6.96 10.83
C LEU B 546 -13.42 -5.93 11.74
N PRO B 547 -13.47 -4.65 11.34
CA PRO B 547 -12.90 -3.59 12.17
C PRO B 547 -13.81 -3.42 13.38
N ASP B 548 -13.26 -3.03 14.52
CA ASP B 548 -14.08 -2.87 15.72
C ASP B 548 -15.01 -1.66 15.65
N VAL B 549 -16.28 -1.91 15.33
CA VAL B 549 -17.28 -0.84 15.24
C VAL B 549 -18.23 -0.90 16.43
N TYR B 550 -18.44 0.23 17.08
CA TYR B 550 -19.31 0.28 18.25
C TYR B 550 -19.81 1.68 18.57
N GLU B 551 -20.95 1.71 19.25
CA GLU B 551 -21.61 2.94 19.61
C GLU B 551 -21.05 3.59 20.87
N TRP B 552 -21.01 4.91 20.86
CA TRP B 552 -20.52 5.71 21.99
C TRP B 552 -21.68 6.16 22.87
N PRO B 553 -21.45 6.21 24.20
CA PRO B 553 -22.49 6.64 25.13
C PRO B 553 -23.07 8.00 24.76
N LYS C 2 9.76 -0.06 2.69
CA LYS C 2 8.67 -0.76 2.01
C LYS C 2 7.98 0.14 0.97
N GLU C 3 7.68 1.36 1.38
CA GLU C 3 7.01 2.34 0.51
C GLU C 3 7.86 2.77 -0.68
N LYS C 4 7.22 3.42 -1.65
CA LYS C 4 7.89 3.93 -2.84
C LYS C 4 6.99 5.05 -3.39
N GLY C 5 7.59 6.04 -4.05
CA GLY C 5 6.79 7.13 -4.58
C GLY C 5 6.39 8.16 -3.55
N LYS C 6 5.33 8.92 -3.86
CA LYS C 6 4.82 9.99 -3.02
C LYS C 6 4.69 9.64 -1.53
N PRO C 7 4.27 8.41 -1.19
CA PRO C 7 4.14 8.08 0.24
C PRO C 7 5.45 8.31 1.04
N LEU C 8 6.59 8.20 0.38
CA LEU C 8 7.87 8.42 1.06
C LEU C 8 8.01 9.85 1.54
N MSE C 9 7.35 10.77 0.83
CA MSE C 9 7.41 12.18 1.14
C MSE C 9 6.33 12.64 2.10
O MSE C 9 6.49 13.65 2.79
CB MSE C 9 7.32 12.98 -0.16
CG MSE C 9 8.47 12.71 -1.10
SE MSE C 9 8.04 13.36 -2.85
CE MSE C 9 7.78 15.22 -2.42
N LEU C 10 5.24 11.89 2.16
CA LEU C 10 4.13 12.23 3.05
C LEU C 10 4.36 11.72 4.47
N ASN C 11 5.26 10.74 4.63
CA ASN C 11 5.55 10.21 5.94
C ASN C 11 6.79 10.94 6.49
N PRO C 12 6.61 11.77 7.53
CA PRO C 12 7.72 12.52 8.13
C PRO C 12 8.90 11.65 8.56
N ARG C 13 8.63 10.38 8.83
CA ARG C 13 9.66 9.44 9.24
C ARG C 13 10.68 9.25 8.11
N THR C 14 10.19 9.19 6.87
CA THR C 14 11.07 8.97 5.74
C THR C 14 11.36 10.20 4.87
N ASN C 15 10.49 11.20 4.92
CA ASN C 15 10.69 12.39 4.12
C ASN C 15 11.99 13.17 4.35
N LYS C 16 12.80 13.29 3.31
CA LYS C 16 14.06 14.03 3.40
C LYS C 16 13.99 15.40 2.71
N GLY C 17 12.88 15.67 2.01
CA GLY C 17 12.76 16.93 1.31
C GLY C 17 13.72 16.90 0.14
N MSE C 18 14.40 18.00 -0.12
CA MSE C 18 15.35 18.06 -1.22
C MSE C 18 16.67 17.33 -0.93
O MSE C 18 17.55 17.28 -1.80
CB MSE C 18 15.61 19.52 -1.61
CG MSE C 18 14.45 20.15 -2.37
SE MSE C 18 14.88 21.97 -2.87
CE MSE C 18 14.36 22.83 -1.22
N ALA C 19 16.79 16.74 0.25
CA ALA C 19 18.01 16.00 0.60
C ALA C 19 17.99 14.59 -0.01
N PHE C 20 16.87 14.19 -0.62
CA PHE C 20 16.81 12.90 -1.30
C PHE C 20 17.85 13.03 -2.42
N THR C 21 18.78 12.09 -2.52
CA THR C 21 19.80 12.20 -3.57
C THR C 21 19.19 11.90 -4.93
N LEU C 22 19.93 12.20 -6.00
CA LEU C 22 19.43 11.95 -7.35
C LEU C 22 19.14 10.47 -7.54
N GLN C 23 20.06 9.62 -7.10
CA GLN C 23 19.88 8.17 -7.24
C GLN C 23 18.63 7.72 -6.49
N GLU C 24 18.50 8.18 -5.25
CA GLU C 24 17.34 7.82 -4.44
C GLU C 24 16.03 8.22 -5.11
N ARG C 25 16.00 9.43 -5.67
CA ARG C 25 14.80 9.92 -6.32
C ARG C 25 14.43 9.08 -7.52
N GLN C 26 15.41 8.72 -8.33
CA GLN C 26 15.16 7.93 -9.53
C GLN C 26 14.75 6.50 -9.24
N MSE C 27 15.38 5.90 -8.24
CA MSE C 27 15.05 4.53 -7.90
C MSE C 27 13.80 4.37 -7.05
O MSE C 27 13.19 3.30 -7.04
CB MSE C 27 16.23 3.85 -7.22
CG MSE C 27 17.18 3.19 -8.20
SE MSE C 27 18.78 2.64 -7.29
CE MSE C 27 19.90 4.14 -7.76
N LEU C 28 13.39 5.44 -6.36
CA LEU C 28 12.21 5.36 -5.50
C LEU C 28 10.96 6.05 -6.07
N GLY C 29 11.03 6.45 -7.34
CA GLY C 29 9.89 7.09 -7.98
C GLY C 29 9.58 8.50 -7.51
N LEU C 30 10.61 9.31 -7.26
CA LEU C 30 10.41 10.67 -6.81
C LEU C 30 10.92 11.72 -7.80
N GLN C 31 11.58 11.30 -8.87
CA GLN C 31 12.08 12.26 -9.85
C GLN C 31 10.89 13.08 -10.35
N GLY C 32 11.04 14.40 -10.30
CA GLY C 32 9.98 15.28 -10.76
C GLY C 32 9.01 15.74 -9.68
N LEU C 33 9.03 15.08 -8.53
CA LEU C 33 8.14 15.46 -7.45
C LEU C 33 8.87 16.40 -6.51
N LEU C 34 10.14 16.61 -6.78
CA LEU C 34 10.96 17.48 -5.95
C LEU C 34 11.68 18.44 -6.88
N PRO C 35 12.04 19.63 -6.38
CA PRO C 35 12.75 20.61 -7.21
C PRO C 35 14.07 19.96 -7.63
N PRO C 36 14.66 20.38 -8.77
CA PRO C 36 15.93 19.81 -9.26
C PRO C 36 17.09 19.83 -8.26
N LYS C 37 17.11 20.84 -7.40
CA LYS C 37 18.17 21.00 -6.40
C LYS C 37 18.31 19.84 -5.40
N ILE C 38 19.55 19.42 -5.16
CA ILE C 38 19.82 18.39 -4.16
C ILE C 38 20.37 19.21 -2.99
N GLU C 39 19.78 19.09 -1.81
CA GLU C 39 20.26 19.84 -0.66
C GLU C 39 20.86 18.93 0.37
N THR C 40 21.61 19.52 1.30
CA THR C 40 22.22 18.78 2.39
C THR C 40 21.39 19.14 3.61
N GLN C 41 21.53 18.37 4.69
CA GLN C 41 20.77 18.65 5.88
C GLN C 41 21.25 19.99 6.45
N ASP C 42 22.52 20.31 6.22
CA ASP C 42 23.12 21.55 6.69
C ASP C 42 22.37 22.75 6.10
N ILE C 43 22.05 22.68 4.82
CA ILE C 43 21.33 23.75 4.13
C ILE C 43 19.91 23.91 4.68
N GLN C 44 19.26 22.78 4.90
CA GLN C 44 17.92 22.77 5.44
C GLN C 44 17.93 23.35 6.85
N ALA C 45 18.98 23.06 7.59
CA ALA C 45 19.11 23.59 8.94
C ALA C 45 19.25 25.10 8.87
N LEU C 46 20.01 25.60 7.89
CA LEU C 46 20.21 27.03 7.74
C LEU C 46 18.91 27.76 7.42
N ARG C 47 18.07 27.11 6.61
CA ARG C 47 16.79 27.69 6.25
C ARG C 47 15.98 27.88 7.52
N PHE C 48 15.95 26.85 8.37
CA PHE C 48 15.22 26.93 9.61
C PHE C 48 15.67 28.08 10.50
N HIS C 49 16.96 28.10 10.87
CA HIS C 49 17.46 29.14 11.76
C HIS C 49 17.24 30.55 11.20
N ARG C 50 17.26 30.65 9.87
CA ARG C 50 17.05 31.91 9.19
C ARG C 50 15.60 32.35 9.46
N ASN C 51 14.65 31.45 9.26
CA ASN C 51 13.23 31.74 9.50
C ASN C 51 12.94 31.98 10.98
N LEU C 52 13.49 31.14 11.84
CA LEU C 52 13.26 31.26 13.27
C LEU C 52 13.67 32.63 13.80
N LYS C 53 14.78 33.15 13.28
CA LYS C 53 15.30 34.44 13.70
C LYS C 53 14.27 35.56 13.48
N LYS C 54 13.59 35.53 12.34
CA LYS C 54 12.60 36.55 12.03
C LYS C 54 11.32 36.45 12.86
N MSE C 55 11.13 35.35 13.57
CA MSE C 55 9.92 35.20 14.37
C MSE C 55 9.98 35.87 15.73
O MSE C 55 11.04 35.97 16.35
CB MSE C 55 9.59 33.72 14.53
CG MSE C 55 9.26 33.07 13.20
SE MSE C 55 8.78 31.23 13.47
CE MSE C 55 8.63 30.74 11.62
N THR C 56 8.81 36.32 16.19
CA THR C 56 8.67 37.05 17.44
C THR C 56 8.30 36.26 18.69
N SER C 57 7.06 35.77 18.76
CA SER C 57 6.61 35.05 19.95
C SER C 57 7.03 33.60 20.04
N PRO C 58 7.14 33.09 21.28
CA PRO C 58 7.53 31.70 21.52
C PRO C 58 6.49 30.74 20.94
N LEU C 59 5.21 31.05 21.15
CA LEU C 59 4.14 30.20 20.64
C LEU C 59 4.21 30.05 19.13
N GLU C 60 4.57 31.12 18.43
CA GLU C 60 4.69 31.09 16.98
C GLU C 60 5.89 30.19 16.62
N LYS C 61 6.92 30.23 17.45
CA LYS C 61 8.11 29.42 17.24
C LYS C 61 7.81 27.94 17.51
N TYR C 62 6.97 27.70 18.51
CA TYR C 62 6.54 26.34 18.87
C TYR C 62 5.74 25.69 17.73
N ILE C 63 4.81 26.45 17.18
CA ILE C 63 3.98 25.95 16.10
C ILE C 63 4.82 25.59 14.88
N TYR C 64 5.84 26.40 14.61
CA TYR C 64 6.71 26.18 13.47
C TYR C 64 7.61 24.94 13.67
N ILE C 65 8.34 24.88 14.78
CA ILE C 65 9.22 23.74 14.99
C ILE C 65 8.46 22.43 15.13
N MSE C 66 7.40 22.39 15.94
CA MSE C 66 6.65 21.15 16.11
C MSE C 66 6.07 20.71 14.76
O MSE C 66 5.88 19.51 14.51
CB MSE C 66 5.51 21.32 17.13
CG MSE C 66 5.98 21.58 18.55
SE MSE C 66 7.35 20.31 19.08
CE MSE C 66 6.24 18.74 19.26
N GLY C 67 5.78 21.67 13.88
CA GLY C 67 5.25 21.34 12.58
C GLY C 67 6.29 20.59 11.73
N ILE C 68 7.57 20.86 11.99
CA ILE C 68 8.63 20.20 11.24
C ILE C 68 8.71 18.72 11.59
N GLN C 69 8.37 18.39 12.83
CA GLN C 69 8.39 17.00 13.27
C GLN C 69 7.34 16.20 12.49
N GLU C 70 6.34 16.90 11.97
CA GLU C 70 5.26 16.25 11.21
C GLU C 70 5.53 16.31 9.70
N ARG C 71 6.67 16.87 9.32
CA ARG C 71 7.03 16.96 7.91
C ARG C 71 8.33 16.22 7.62
N ASN C 72 9.32 16.43 8.48
CA ASN C 72 10.64 15.81 8.35
C ASN C 72 11.24 15.53 9.73
N GLU C 73 11.03 14.31 10.20
CA GLU C 73 11.52 13.91 11.51
C GLU C 73 13.02 14.07 11.71
N LYS C 74 13.82 13.60 10.76
CA LYS C 74 15.27 13.73 10.87
C LYS C 74 15.69 15.20 11.02
N LEU C 75 15.15 16.05 10.15
CA LEU C 75 15.47 17.47 10.21
C LEU C 75 15.03 18.11 11.55
N PHE C 76 13.90 17.64 12.07
CA PHE C 76 13.36 18.16 13.34
C PHE C 76 14.39 17.97 14.46
N TYR C 77 14.90 16.75 14.58
CA TYR C 77 15.86 16.46 15.62
C TYR C 77 17.21 17.10 15.37
N ARG C 78 17.58 17.25 14.10
CA ARG C 78 18.83 17.92 13.77
C ARG C 78 18.72 19.36 14.29
N ILE C 79 17.55 19.94 14.14
CA ILE C 79 17.30 21.31 14.60
C ILE C 79 17.45 21.47 16.12
N LEU C 80 16.90 20.52 16.87
CA LEU C 80 17.00 20.57 18.32
C LEU C 80 18.47 20.40 18.73
N GLN C 81 19.13 19.44 18.11
CA GLN C 81 20.54 19.12 18.37
C GLN C 81 21.46 20.31 18.10
N ASP C 82 21.14 21.13 17.10
CA ASP C 82 21.98 22.29 16.80
C ASP C 82 22.11 23.24 17.99
N ASP C 83 21.03 23.44 18.74
CA ASP C 83 21.07 24.31 19.91
C ASP C 83 19.92 24.00 20.87
N ILE C 84 20.01 22.86 21.53
CA ILE C 84 18.99 22.41 22.45
C ILE C 84 18.72 23.40 23.58
N GLU C 85 19.72 24.20 23.93
CA GLU C 85 19.56 25.16 25.03
C GLU C 85 18.63 26.32 24.74
N SER C 86 18.63 26.79 23.50
CA SER C 86 17.76 27.91 23.18
C SER C 86 16.37 27.44 22.76
N LEU C 87 16.25 26.22 22.25
CA LEU C 87 14.95 25.70 21.83
C LEU C 87 14.17 25.02 22.95
N MSE C 88 14.89 24.63 24.00
CA MSE C 88 14.27 23.95 25.14
C MSE C 88 13.07 24.70 25.71
O MSE C 88 12.03 24.09 25.98
CB MSE C 88 15.31 23.77 26.25
CG MSE C 88 14.82 22.94 27.43
SE MSE C 88 14.61 21.10 26.92
CE MSE C 88 16.45 20.57 27.10
N PRO C 89 13.18 26.02 25.90
CA PRO C 89 12.09 26.84 26.44
C PRO C 89 10.91 26.96 25.49
N ILE C 90 11.16 26.63 24.22
CA ILE C 90 10.14 26.70 23.19
C ILE C 90 9.38 25.37 23.04
N VAL C 91 10.12 24.27 22.93
CA VAL C 91 9.52 22.95 22.76
C VAL C 91 9.12 22.31 24.09
N TYR C 92 9.67 22.85 25.18
CA TYR C 92 9.41 22.32 26.50
C TYR C 92 8.94 23.45 27.43
N THR C 93 9.13 23.30 28.73
CA THR C 93 8.69 24.35 29.65
C THR C 93 9.51 25.62 29.42
N PRO C 94 8.88 26.80 29.48
CA PRO C 94 7.46 27.08 29.75
C PRO C 94 6.49 27.07 28.56
N THR C 95 6.98 27.38 27.37
CA THR C 95 6.10 27.43 26.20
C THR C 95 5.18 26.22 25.97
N VAL C 96 5.61 25.01 26.33
CA VAL C 96 4.74 23.84 26.11
C VAL C 96 3.45 23.97 26.93
N GLY C 97 3.56 24.63 28.08
CA GLY C 97 2.40 24.83 28.93
C GLY C 97 1.44 25.78 28.25
N LEU C 98 1.98 26.81 27.59
CA LEU C 98 1.17 27.77 26.86
C LEU C 98 0.47 27.08 25.68
N ALA C 99 1.20 26.23 24.95
CA ALA C 99 0.61 25.51 23.82
C ALA C 99 -0.52 24.60 24.28
N CYS C 100 -0.34 23.93 25.41
CA CYS C 100 -1.38 23.04 25.93
C CYS C 100 -2.65 23.83 26.25
N SER C 101 -2.51 24.98 26.88
CA SER C 101 -3.68 25.76 27.24
C SER C 101 -4.46 26.25 26.02
N GLN C 102 -3.84 26.20 24.85
CA GLN C 102 -4.50 26.64 23.61
C GLN C 102 -4.46 25.55 22.54
N TYR C 103 -4.15 24.32 22.95
CA TYR C 103 -4.05 23.20 22.01
C TYR C 103 -5.17 23.13 20.98
N GLY C 104 -6.41 23.38 21.40
CA GLY C 104 -7.52 23.32 20.47
C GLY C 104 -7.53 24.46 19.46
N HIS C 105 -6.94 25.59 19.81
CA HIS C 105 -6.89 26.76 18.91
C HIS C 105 -5.80 26.66 17.86
N ILE C 106 -4.69 25.98 18.18
CA ILE C 106 -3.57 25.86 17.25
C ILE C 106 -3.47 24.50 16.55
N PHE C 107 -4.42 23.63 16.83
CA PHE C 107 -4.46 22.29 16.25
C PHE C 107 -4.32 22.29 14.72
N ARG C 108 -3.51 21.38 14.20
CA ARG C 108 -3.32 21.23 12.75
C ARG C 108 -3.34 19.74 12.40
N ARG C 109 -2.56 18.95 13.14
CA ARG C 109 -2.49 17.50 12.97
C ARG C 109 -2.42 16.84 14.35
N PRO C 110 -3.05 15.68 14.51
CA PRO C 110 -2.97 15.05 15.83
C PRO C 110 -1.65 14.29 15.97
N LYS C 111 -1.19 14.14 17.20
CA LYS C 111 0.03 13.39 17.47
C LYS C 111 -0.36 12.46 18.60
N GLY C 112 0.13 11.24 18.59
CA GLY C 112 -0.18 10.30 19.66
C GLY C 112 -1.50 9.55 19.58
N LEU C 113 -1.71 8.68 20.57
CA LEU C 113 -2.90 7.85 20.67
C LEU C 113 -3.89 8.40 21.69
N PHE C 114 -5.15 8.49 21.31
CA PHE C 114 -6.19 8.98 22.20
C PHE C 114 -7.14 7.87 22.59
N ILE C 115 -7.28 7.65 23.88
CA ILE C 115 -8.16 6.63 24.41
C ILE C 115 -9.18 7.26 25.35
N SER C 116 -10.46 7.15 25.03
CA SER C 116 -11.47 7.74 25.90
C SER C 116 -12.30 6.72 26.66
N ILE C 117 -12.89 7.17 27.76
CA ILE C 117 -13.73 6.33 28.59
C ILE C 117 -14.86 5.73 27.75
N SER C 118 -15.18 6.39 26.63
CA SER C 118 -16.21 5.90 25.74
C SER C 118 -15.73 4.72 24.91
N ASP C 119 -14.43 4.42 25.00
CA ASP C 119 -13.85 3.29 24.26
C ASP C 119 -13.62 2.09 25.18
N ARG C 120 -14.12 2.17 26.41
CA ARG C 120 -13.94 1.08 27.36
C ARG C 120 -14.46 -0.21 26.73
N GLY C 121 -13.64 -1.26 26.78
CA GLY C 121 -14.02 -2.52 26.21
C GLY C 121 -13.44 -2.71 24.81
N HIS C 122 -12.87 -1.66 24.24
CA HIS C 122 -12.30 -1.75 22.88
C HIS C 122 -10.94 -1.05 22.79
N VAL C 123 -10.27 -0.90 23.92
CA VAL C 123 -8.97 -0.24 23.96
C VAL C 123 -7.91 -0.95 23.12
N ARG C 124 -8.01 -2.27 23.02
CA ARG C 124 -7.03 -3.03 22.23
C ARG C 124 -7.10 -2.72 20.74
N SER C 125 -8.31 -2.61 20.19
CA SER C 125 -8.43 -2.32 18.77
C SER C 125 -7.87 -0.91 18.48
N ILE C 126 -7.90 -0.05 19.49
CA ILE C 126 -7.37 1.30 19.35
C ILE C 126 -5.85 1.22 19.25
N VAL C 127 -5.26 0.47 20.16
CA VAL C 127 -3.82 0.28 20.19
C VAL C 127 -3.33 -0.38 18.90
N ASP C 128 -4.17 -1.23 18.29
CA ASP C 128 -3.81 -1.91 17.05
C ASP C 128 -3.85 -0.95 15.86
N ASN C 129 -4.38 0.24 16.08
CA ASN C 129 -4.45 1.23 15.01
C ASN C 129 -3.13 2.01 14.90
N TRP C 130 -2.30 1.95 15.94
CA TRP C 130 -1.02 2.67 15.89
C TRP C 130 -0.19 1.97 14.83
N PRO C 131 0.32 2.75 13.85
CA PRO C 131 1.15 2.30 12.72
C PRO C 131 2.45 1.56 13.09
N GLU C 132 3.15 2.04 14.11
CA GLU C 132 4.42 1.44 14.50
C GLU C 132 4.26 0.10 15.22
N ASN C 133 5.07 -0.87 14.80
CA ASN C 133 5.01 -2.22 15.34
C ASN C 133 5.94 -2.55 16.50
N HIS C 134 6.93 -1.70 16.75
CA HIS C 134 7.87 -2.01 17.83
C HIS C 134 8.05 -0.91 18.85
N VAL C 135 6.99 -0.59 19.58
CA VAL C 135 7.03 0.46 20.60
C VAL C 135 7.79 0.04 21.86
N LYS C 136 8.72 0.87 22.30
CA LYS C 136 9.52 0.57 23.49
C LYS C 136 9.24 1.55 24.64
N ALA C 137 8.70 2.73 24.31
CA ALA C 137 8.43 3.72 25.33
C ALA C 137 7.11 4.46 25.13
N VAL C 138 6.33 4.50 26.21
CA VAL C 138 5.05 5.16 26.21
C VAL C 138 5.05 6.21 27.30
N VAL C 139 4.53 7.40 27.00
CA VAL C 139 4.37 8.44 27.99
C VAL C 139 2.87 8.70 27.93
N VAL C 140 2.19 8.52 29.05
CA VAL C 140 0.74 8.70 29.11
C VAL C 140 0.30 9.70 30.19
N THR C 141 -0.75 10.46 29.88
CA THR C 141 -1.30 11.43 30.81
C THR C 141 -2.82 11.38 30.70
N ASP C 142 -3.52 11.94 31.68
CA ASP C 142 -4.98 12.01 31.65
C ASP C 142 -5.31 13.50 31.76
N GLY C 143 -4.24 14.30 31.68
CA GLY C 143 -4.32 15.74 31.72
C GLY C 143 -4.97 16.38 32.93
N GLU C 144 -4.95 15.74 34.07
CA GLU C 144 -5.58 16.35 35.23
C GLU C 144 -4.64 17.29 35.97
N ARG C 145 -3.35 17.08 35.83
CA ARG C 145 -2.37 17.92 36.49
C ARG C 145 -1.24 18.30 35.53
N ILE C 146 -1.54 19.14 34.54
CA ILE C 146 -0.51 19.56 33.60
C ILE C 146 0.36 20.67 34.20
N LEU C 147 1.61 20.32 34.48
CA LEU C 147 2.56 21.24 35.09
C LEU C 147 1.90 21.77 36.36
N GLY C 148 1.78 23.10 36.46
CA GLY C 148 1.13 23.70 37.62
C GLY C 148 -0.09 24.44 37.11
N LEU C 149 -0.55 24.06 35.92
CA LEU C 149 -1.71 24.69 35.29
C LEU C 149 -3.04 24.03 35.64
N GLY C 150 -2.97 22.83 36.21
CA GLY C 150 -4.20 22.15 36.57
C GLY C 150 -4.73 21.17 35.54
N ASP C 151 -6.05 21.06 35.52
CA ASP C 151 -6.78 20.17 34.63
C ASP C 151 -7.00 20.80 33.26
N LEU C 152 -6.39 20.22 32.22
CA LEU C 152 -6.53 20.74 30.86
C LEU C 152 -7.09 19.68 29.92
N GLY C 153 -7.64 18.61 30.49
CA GLY C 153 -8.21 17.55 29.67
C GLY C 153 -7.31 17.09 28.54
N VAL C 154 -7.90 16.82 27.39
CA VAL C 154 -7.16 16.38 26.23
C VAL C 154 -6.14 17.41 25.74
N TYR C 155 -6.30 18.68 26.12
CA TYR C 155 -5.35 19.72 25.71
C TYR C 155 -3.99 19.34 26.29
N GLY C 156 -4.00 18.45 27.28
CA GLY C 156 -2.77 18.02 27.91
C GLY C 156 -1.89 17.13 27.04
N MSE C 157 -2.39 16.67 25.91
CA MSE C 157 -1.58 15.81 25.03
C MSE C 157 -0.24 16.43 24.65
O MSE C 157 0.70 15.71 24.29
CB MSE C 157 -2.33 15.45 23.74
CG MSE C 157 -1.51 14.62 22.73
SE MSE C 157 -0.98 12.88 23.51
CE MSE C 157 -0.49 11.99 21.92
N GLY C 158 -0.14 17.75 24.72
CA GLY C 158 1.12 18.38 24.37
C GLY C 158 2.25 17.98 25.29
N ILE C 159 1.92 17.60 26.52
CA ILE C 159 2.95 17.21 27.49
C ILE C 159 3.63 15.90 27.09
N PRO C 160 2.84 14.85 26.78
CA PRO C 160 3.48 13.59 26.38
C PRO C 160 4.28 13.73 25.10
N VAL C 161 3.81 14.57 24.18
CA VAL C 161 4.50 14.79 22.91
C VAL C 161 5.83 15.50 23.16
N GLY C 162 5.83 16.52 24.01
CA GLY C 162 7.07 17.23 24.32
C GLY C 162 8.08 16.33 25.03
N LYS C 163 7.57 15.53 25.97
CA LYS C 163 8.40 14.61 26.75
C LYS C 163 9.13 13.62 25.82
N LEU C 164 8.41 12.99 24.90
CA LEU C 164 9.04 12.04 23.98
C LEU C 164 10.03 12.69 23.03
N CYS C 165 9.84 13.97 22.73
CA CYS C 165 10.79 14.69 21.86
C CYS C 165 12.15 14.70 22.55
N LEU C 166 12.13 14.87 23.87
CA LEU C 166 13.37 14.90 24.64
C LEU C 166 13.96 13.48 24.79
N TYR C 167 13.13 12.45 24.73
CA TYR C 167 13.60 11.07 24.80
C TYR C 167 14.62 10.91 23.68
N THR C 168 14.22 11.34 22.49
CA THR C 168 15.07 11.25 21.31
C THR C 168 16.16 12.33 21.27
N ALA C 169 15.77 13.58 21.48
CA ALA C 169 16.75 14.67 21.42
C ALA C 169 17.85 14.53 22.46
N CYS C 170 17.48 14.13 23.67
CA CYS C 170 18.49 14.00 24.73
C CYS C 170 19.20 12.65 24.80
N ALA C 171 18.45 11.55 24.71
CA ALA C 171 19.06 10.23 24.86
C ALA C 171 19.14 9.34 23.63
N GLY C 172 18.75 9.86 22.48
CA GLY C 172 18.83 9.08 21.25
C GLY C 172 17.93 7.88 21.19
N ILE C 173 16.83 7.91 21.92
CA ILE C 173 15.88 6.81 21.89
C ILE C 173 15.20 6.95 20.52
N ARG C 174 15.02 5.84 19.80
CA ARG C 174 14.39 5.91 18.48
C ARG C 174 12.96 6.45 18.52
N PRO C 175 12.68 7.52 17.74
CA PRO C 175 11.36 8.13 17.68
C PRO C 175 10.22 7.18 17.28
N ASP C 176 10.50 6.24 16.38
CA ASP C 176 9.48 5.30 15.95
C ASP C 176 9.18 4.26 17.03
N ARG C 177 9.94 4.30 18.11
CA ARG C 177 9.73 3.35 19.21
C ARG C 177 9.05 4.07 20.38
N CYS C 178 8.65 5.32 20.18
CA CYS C 178 7.99 6.10 21.22
C CYS C 178 6.52 6.30 20.89
N LEU C 179 5.69 6.34 21.93
CA LEU C 179 4.26 6.49 21.77
C LEU C 179 3.62 7.40 22.83
N PRO C 180 3.15 8.60 22.40
CA PRO C 180 2.52 9.53 23.35
C PRO C 180 1.06 9.08 23.48
N VAL C 181 0.51 9.10 24.68
CA VAL C 181 -0.85 8.65 24.87
C VAL C 181 -1.62 9.57 25.80
N CYS C 182 -2.87 9.84 25.42
CA CYS C 182 -3.75 10.68 26.24
C CYS C 182 -4.99 9.87 26.59
N ILE C 183 -5.26 9.71 27.88
CA ILE C 183 -6.43 8.99 28.35
C ILE C 183 -7.48 10.03 28.68
N ASP C 184 -8.58 10.07 27.92
CA ASP C 184 -9.63 11.05 28.16
C ASP C 184 -10.86 10.48 28.85
N VAL C 185 -11.07 10.91 30.09
CA VAL C 185 -12.22 10.45 30.86
C VAL C 185 -13.06 11.65 31.27
N GLY C 186 -12.85 12.77 30.58
CA GLY C 186 -13.58 13.99 30.87
C GLY C 186 -12.65 15.00 31.50
N THR C 187 -13.17 16.16 31.85
CA THR C 187 -12.36 17.19 32.48
C THR C 187 -13.27 18.00 33.40
N ASP C 188 -12.71 18.53 34.48
CA ASP C 188 -13.47 19.34 35.43
C ASP C 188 -13.25 20.84 35.17
N ASN C 189 -12.48 21.16 34.13
CA ASN C 189 -12.22 22.56 33.79
C ASN C 189 -13.43 23.13 33.08
N ILE C 190 -14.20 23.96 33.79
CA ILE C 190 -15.42 24.55 33.23
C ILE C 190 -15.18 25.37 31.97
N ALA C 191 -14.04 26.05 31.92
CA ALA C 191 -13.72 26.87 30.75
C ALA C 191 -13.70 26.02 29.48
N LEU C 192 -13.06 24.86 29.55
CA LEU C 192 -12.95 23.97 28.39
C LEU C 192 -14.27 23.34 27.98
N LEU C 193 -15.13 23.08 28.96
CA LEU C 193 -16.41 22.46 28.69
C LEU C 193 -17.32 23.36 27.84
N LYS C 194 -16.97 24.63 27.76
CA LYS C 194 -17.74 25.59 26.98
C LYS C 194 -16.95 26.09 25.76
N ASP C 195 -15.77 25.50 25.57
CA ASP C 195 -14.88 25.85 24.45
C ASP C 195 -15.24 25.00 23.23
N PRO C 196 -15.70 25.64 22.14
CA PRO C 196 -16.09 24.91 20.92
C PRO C 196 -14.91 24.23 20.22
N PHE C 197 -13.68 24.60 20.61
CA PHE C 197 -12.49 24.01 20.00
C PHE C 197 -11.89 22.90 20.88
N TYR C 198 -12.53 22.62 22.01
CA TYR C 198 -12.05 21.56 22.89
C TYR C 198 -11.95 20.25 22.11
N MSE C 199 -10.86 19.51 22.33
CA MSE C 199 -10.60 18.27 21.63
C MSE C 199 -11.01 16.96 22.34
O MSE C 199 -10.81 15.87 21.81
CB MSE C 199 -9.11 18.19 21.26
CG MSE C 199 -8.64 19.30 20.30
SE MSE C 199 -6.75 19.62 20.51
CE MSE C 199 -6.08 18.00 19.72
N GLY C 200 -11.58 17.07 23.53
CA GLY C 200 -11.97 15.88 24.26
C GLY C 200 -13.47 15.70 24.47
N LEU C 201 -13.82 14.77 25.36
CA LEU C 201 -15.22 14.49 25.67
C LEU C 201 -15.81 15.63 26.50
N TYR C 202 -17.01 16.08 26.13
CA TYR C 202 -17.62 17.14 26.90
C TYR C 202 -18.40 16.59 28.07
N GLN C 203 -17.68 16.23 29.13
CA GLN C 203 -18.29 15.69 30.34
C GLN C 203 -17.29 15.90 31.47
N LYS C 204 -17.78 15.90 32.70
CA LYS C 204 -16.92 16.04 33.87
C LYS C 204 -16.12 14.74 34.00
N ARG C 205 -15.04 14.76 34.78
CA ARG C 205 -14.22 13.56 34.93
C ARG C 205 -14.95 12.40 35.57
N ASP C 206 -14.80 11.23 34.97
CA ASP C 206 -15.41 10.02 35.52
C ASP C 206 -14.45 9.53 36.59
N ARG C 207 -14.85 9.61 37.85
CA ARG C 207 -13.99 9.17 38.94
C ARG C 207 -14.40 7.82 39.53
N THR C 208 -15.28 7.10 38.85
CA THR C 208 -15.73 5.81 39.36
C THR C 208 -14.73 4.71 39.03
N GLN C 209 -15.10 3.48 39.35
CA GLN C 209 -14.25 2.32 39.08
C GLN C 209 -14.02 2.14 37.57
N GLN C 210 -14.87 2.74 36.74
CA GLN C 210 -14.69 2.62 35.31
C GLN C 210 -13.38 3.26 34.89
N TYR C 211 -12.96 4.26 35.66
CA TYR C 211 -11.71 4.96 35.37
C TYR C 211 -10.55 3.97 35.60
N ASP C 212 -10.57 3.32 36.75
CA ASP C 212 -9.53 2.35 37.07
C ASP C 212 -9.57 1.20 36.09
N ASP C 213 -10.76 0.77 35.71
CA ASP C 213 -10.89 -0.33 34.75
C ASP C 213 -10.28 0.07 33.41
N LEU C 214 -10.48 1.33 33.01
CA LEU C 214 -9.94 1.81 31.75
C LEU C 214 -8.41 1.80 31.79
N ILE C 215 -7.83 2.36 32.84
CA ILE C 215 -6.39 2.39 32.96
C ILE C 215 -5.81 0.99 32.94
N ASP C 216 -6.54 0.05 33.53
CA ASP C 216 -6.10 -1.34 33.57
C ASP C 216 -6.17 -1.95 32.17
N GLU C 217 -7.25 -1.66 31.46
CA GLU C 217 -7.43 -2.16 30.10
C GLU C 217 -6.29 -1.64 29.22
N PHE C 218 -5.91 -0.38 29.46
CA PHE C 218 -4.84 0.26 28.72
C PHE C 218 -3.49 -0.44 28.96
N MSE C 219 -3.14 -0.63 30.23
CA MSE C 219 -1.87 -1.29 30.54
C MSE C 219 -1.80 -2.65 29.84
O MSE C 219 -0.81 -2.99 29.22
CB MSE C 219 -1.71 -1.46 32.05
CG MSE C 219 -1.71 -0.15 32.84
SE MSE C 219 -0.15 0.94 32.36
CE MSE C 219 1.16 0.16 33.52
N LYS C 220 -2.88 -3.43 29.96
CA LYS C 220 -2.94 -4.74 29.34
C LYS C 220 -2.85 -4.69 27.82
N ALA C 221 -3.61 -3.79 27.20
CA ALA C 221 -3.61 -3.65 25.76
C ALA C 221 -2.22 -3.29 25.23
N ILE C 222 -1.55 -2.33 25.87
CA ILE C 222 -0.21 -1.93 25.44
C ILE C 222 0.80 -3.06 25.56
N THR C 223 0.83 -3.72 26.71
CA THR C 223 1.78 -4.82 26.91
C THR C 223 1.46 -6.04 26.07
N ASP C 224 0.20 -6.27 25.77
CA ASP C 224 -0.15 -7.43 24.96
C ASP C 224 0.33 -7.26 23.53
N ARG C 225 0.38 -6.03 23.03
CA ARG C 225 0.83 -5.84 21.66
C ARG C 225 2.34 -5.63 21.54
N TYR C 226 2.91 -4.86 22.47
CA TYR C 226 4.33 -4.53 22.39
C TYR C 226 5.28 -5.26 23.34
N GLY C 227 4.76 -5.93 24.36
CA GLY C 227 5.63 -6.63 25.28
C GLY C 227 5.42 -6.22 26.72
N ARG C 228 5.69 -7.14 27.65
CA ARG C 228 5.50 -6.86 29.06
C ARG C 228 6.54 -5.90 29.62
N ASN C 229 7.67 -5.76 28.93
CA ASN C 229 8.72 -4.88 29.41
C ASN C 229 8.71 -3.52 28.69
N THR C 230 7.58 -3.15 28.14
CA THR C 230 7.46 -1.87 27.46
C THR C 230 7.48 -0.80 28.54
N LEU C 231 8.35 0.19 28.39
CA LEU C 231 8.48 1.25 29.38
C LEU C 231 7.24 2.14 29.34
N ILE C 232 6.56 2.26 30.47
CA ILE C 232 5.37 3.09 30.57
C ILE C 232 5.61 4.21 31.61
N GLN C 233 5.74 5.44 31.13
CA GLN C 233 5.99 6.60 31.97
C GLN C 233 4.69 7.38 32.23
N PHE C 234 4.24 7.39 33.48
CA PHE C 234 3.03 8.13 33.82
C PHE C 234 3.41 9.59 33.98
N GLU C 235 2.66 10.48 33.34
CA GLU C 235 2.95 11.89 33.38
C GLU C 235 1.74 12.77 33.65
N ASP C 236 1.87 13.64 34.64
CA ASP C 236 0.83 14.60 34.99
C ASP C 236 -0.57 14.10 35.31
N PHE C 237 -0.63 13.09 36.19
CA PHE C 237 -1.89 12.54 36.66
C PHE C 237 -2.13 13.27 37.97
N GLY C 238 -3.38 13.31 38.40
CA GLY C 238 -3.70 13.96 39.66
C GLY C 238 -2.97 13.30 40.82
N ASN C 239 -2.91 13.99 41.96
CA ASN C 239 -2.22 13.47 43.13
C ASN C 239 -2.65 12.09 43.63
N HIS C 240 -3.94 11.87 43.85
CA HIS C 240 -4.32 10.55 44.33
C HIS C 240 -4.05 9.44 43.32
N ASN C 241 -4.54 9.61 42.10
CA ASN C 241 -4.33 8.59 41.07
C ASN C 241 -2.86 8.28 40.80
N ALA C 242 -2.01 9.28 40.86
CA ALA C 242 -0.59 9.09 40.58
C ALA C 242 0.07 8.04 41.47
N PHE C 243 -0.11 8.17 42.78
CA PHE C 243 0.49 7.23 43.72
C PHE C 243 -0.13 5.85 43.60
N ARG C 244 -1.46 5.81 43.61
CA ARG C 244 -2.21 4.56 43.51
C ARG C 244 -1.87 3.76 42.25
N PHE C 245 -1.64 4.44 41.14
CA PHE C 245 -1.30 3.72 39.92
C PHE C 245 0.17 3.27 39.96
N LEU C 246 1.04 4.10 40.52
CA LEU C 246 2.44 3.72 40.61
C LEU C 246 2.55 2.47 41.47
N ARG C 247 1.93 2.52 42.65
CA ARG C 247 1.95 1.41 43.60
C ARG C 247 1.33 0.15 43.00
N LYS C 248 0.20 0.32 42.32
CA LYS C 248 -0.50 -0.81 41.72
C LYS C 248 0.22 -1.48 40.56
N TYR C 249 0.99 -0.71 39.78
CA TYR C 249 1.65 -1.28 38.62
C TYR C 249 3.17 -1.43 38.62
N ARG C 250 3.85 -0.76 39.54
CA ARG C 250 5.31 -0.85 39.55
C ARG C 250 5.90 -2.25 39.61
N GLU C 251 5.19 -3.17 40.26
CA GLU C 251 5.68 -4.54 40.38
C GLU C 251 5.13 -5.46 39.31
N LYS C 252 4.13 -5.01 38.55
CA LYS C 252 3.54 -5.86 37.52
C LYS C 252 4.01 -5.46 36.11
N TYR C 253 4.34 -4.20 35.91
CA TYR C 253 4.79 -3.72 34.60
C TYR C 253 6.08 -2.92 34.75
N CYS C 254 6.66 -2.52 33.63
CA CYS C 254 7.88 -1.71 33.66
C CYS C 254 7.36 -0.27 33.62
N THR C 255 7.17 0.32 34.78
CA THR C 255 6.60 1.66 34.85
C THR C 255 7.12 2.54 35.97
N PHE C 256 7.01 3.85 35.77
CA PHE C 256 7.44 4.81 36.78
C PHE C 256 6.65 6.09 36.53
N ASN C 257 6.58 6.95 37.55
CA ASN C 257 5.88 8.23 37.42
C ASN C 257 6.94 9.33 37.46
N ASP C 258 6.99 10.09 36.38
CA ASP C 258 7.98 11.15 36.23
C ASP C 258 7.87 12.25 37.28
N ASP C 259 6.64 12.58 37.65
CA ASP C 259 6.39 13.65 38.61
C ASP C 259 6.70 13.30 40.06
N ILE C 260 6.72 12.00 40.36
CA ILE C 260 7.01 11.54 41.71
C ILE C 260 8.47 11.10 41.80
N GLN C 261 8.90 10.26 40.87
CA GLN C 261 10.26 9.74 40.89
C GLN C 261 11.31 10.52 40.11
N GLY C 262 10.95 10.97 38.91
CA GLY C 262 11.90 11.73 38.12
C GLY C 262 12.24 13.07 38.75
N THR C 263 11.22 13.78 39.19
CA THR C 263 11.42 15.07 39.83
C THR C 263 12.19 14.82 41.14
N ALA C 264 11.87 13.70 41.79
CA ALA C 264 12.55 13.35 43.03
C ALA C 264 14.05 13.23 42.79
N ALA C 265 14.44 12.56 41.71
CA ALA C 265 15.86 12.37 41.40
C ALA C 265 16.62 13.63 41.00
N VAL C 266 16.00 14.54 40.27
CA VAL C 266 16.70 15.76 39.89
C VAL C 266 16.86 16.66 41.10
N ALA C 267 15.83 16.72 41.95
CA ALA C 267 15.93 17.56 43.13
C ALA C 267 17.08 17.05 43.99
N LEU C 268 17.10 15.74 44.25
CA LEU C 268 18.15 15.16 45.07
C LEU C 268 19.52 15.54 44.51
N ALA C 269 19.69 15.39 43.20
CA ALA C 269 20.96 15.73 42.55
C ALA C 269 21.38 17.17 42.86
N GLY C 270 20.39 18.06 42.96
CA GLY C 270 20.69 19.45 43.27
C GLY C 270 21.15 19.58 44.72
N LEU C 271 20.46 18.87 45.61
CA LEU C 271 20.80 18.90 47.03
C LEU C 271 22.21 18.32 47.27
N LEU C 272 22.57 17.28 46.52
CA LEU C 272 23.89 16.70 46.67
C LEU C 272 24.99 17.67 46.20
N ALA C 273 24.71 18.41 45.13
CA ALA C 273 25.68 19.37 44.62
C ALA C 273 25.81 20.51 45.64
N ALA C 274 24.68 20.96 46.17
CA ALA C 274 24.69 22.03 47.15
C ALA C 274 25.53 21.64 48.36
N GLN C 275 25.27 20.45 48.89
CA GLN C 275 26.01 19.96 50.04
C GLN C 275 27.51 19.93 49.73
N LYS C 276 27.85 19.83 48.46
CA LYS C 276 29.24 19.79 48.05
C LYS C 276 29.92 21.14 48.24
N VAL C 277 29.13 22.22 48.35
CA VAL C 277 29.71 23.54 48.56
C VAL C 277 29.41 24.05 49.96
N ILE C 278 28.42 23.46 50.60
CA ILE C 278 28.02 23.84 51.96
C ILE C 278 28.69 22.99 53.03
N SER C 279 28.84 21.70 52.76
CA SER C 279 29.47 20.79 53.71
C SER C 279 28.82 20.96 55.09
N LYS C 280 27.51 20.81 55.16
CA LYS C 280 26.80 20.96 56.42
C LYS C 280 26.66 19.61 57.10
N PRO C 281 26.94 19.53 58.41
CA PRO C 281 26.84 18.27 59.15
C PRO C 281 25.47 17.62 58.95
N ILE C 282 25.48 16.38 58.46
CA ILE C 282 24.25 15.64 58.19
C ILE C 282 23.20 15.72 59.31
N SER C 283 23.67 15.95 60.54
CA SER C 283 22.75 16.04 61.67
C SER C 283 22.05 17.39 61.74
N GLU C 284 22.66 18.40 61.13
CA GLU C 284 22.09 19.73 61.15
C GLU C 284 21.22 20.08 59.95
N HIS C 285 20.87 19.06 59.16
CA HIS C 285 20.02 19.29 58.00
C HIS C 285 18.56 19.34 58.41
N LYS C 286 17.85 20.36 57.93
CA LYS C 286 16.44 20.54 58.22
C LYS C 286 15.77 20.99 56.91
N ILE C 287 14.97 20.12 56.34
CA ILE C 287 14.29 20.42 55.07
C ILE C 287 12.81 20.76 55.27
N LEU C 288 12.37 21.84 54.63
CA LEU C 288 10.97 22.27 54.71
C LEU C 288 10.37 22.34 53.31
N PHE C 289 9.29 21.61 53.09
CA PHE C 289 8.62 21.57 51.81
C PHE C 289 7.41 22.47 51.72
N LEU C 290 7.28 23.17 50.59
CA LEU C 290 6.11 24.01 50.36
C LEU C 290 5.28 23.11 49.45
N GLY C 291 4.27 22.47 50.01
CA GLY C 291 3.45 21.56 49.23
C GLY C 291 3.76 20.17 49.77
N ALA C 292 2.81 19.24 49.65
CA ALA C 292 3.02 17.89 50.15
C ALA C 292 2.36 16.85 49.25
N GLY C 293 2.61 16.96 47.95
CA GLY C 293 2.03 16.02 47.01
C GLY C 293 3.05 15.17 46.28
N GLU C 294 2.72 14.82 45.04
CA GLU C 294 3.59 13.99 44.20
C GLU C 294 5.09 14.28 44.33
N ALA C 295 5.48 15.52 44.03
CA ALA C 295 6.90 15.89 44.08
C ALA C 295 7.50 15.92 45.47
N ALA C 296 6.78 16.50 46.43
CA ALA C 296 7.27 16.58 47.79
C ALA C 296 7.52 15.17 48.36
N LEU C 297 6.52 14.29 48.22
CA LEU C 297 6.66 12.93 48.73
C LEU C 297 7.73 12.15 48.01
N GLY C 298 7.83 12.33 46.69
CA GLY C 298 8.88 11.63 45.95
C GLY C 298 10.26 12.10 46.37
N ILE C 299 10.42 13.42 46.43
CA ILE C 299 11.71 14.01 46.81
C ILE C 299 12.09 13.62 48.23
N ALA C 300 11.15 13.74 49.16
CA ALA C 300 11.39 13.40 50.56
C ALA C 300 11.88 11.95 50.67
N ASN C 301 11.13 11.03 50.07
CA ASN C 301 11.48 9.62 50.10
C ASN C 301 12.87 9.36 49.51
N LEU C 302 13.29 10.15 48.53
CA LEU C 302 14.61 9.93 47.93
C LEU C 302 15.69 10.56 48.80
N ILE C 303 15.35 11.65 49.47
CA ILE C 303 16.30 12.32 50.36
C ILE C 303 16.58 11.35 51.52
N VAL C 304 15.52 10.69 51.99
CA VAL C 304 15.62 9.73 53.08
C VAL C 304 16.59 8.59 52.75
N MSE C 305 16.45 8.01 51.57
CA MSE C 305 17.33 6.91 51.14
C MSE C 305 18.78 7.38 51.12
O MSE C 305 19.71 6.62 51.47
CB MSE C 305 16.98 6.42 49.74
CG MSE C 305 15.69 5.62 49.63
SE MSE C 305 15.36 5.14 47.77
CE MSE C 305 16.67 3.74 47.56
N SER C 306 18.98 8.62 50.72
CA SER C 306 20.31 9.20 50.64
C SER C 306 20.93 9.35 52.03
N MSE C 307 20.13 9.78 52.99
CA MSE C 307 20.60 9.95 54.36
C MSE C 307 20.93 8.61 55.03
O MSE C 307 21.95 8.48 55.71
CB MSE C 307 19.54 10.73 55.19
CG MSE C 307 19.17 12.11 54.59
SE MSE C 307 18.03 13.16 55.83
CE MSE C 307 16.29 12.64 55.20
N VAL C 308 20.06 7.62 54.83
CA VAL C 308 20.26 6.28 55.41
C VAL C 308 21.55 5.63 54.92
N GLU C 309 21.79 5.73 53.61
CA GLU C 309 22.97 5.17 52.98
C GLU C 309 24.21 5.96 53.44
N ASN C 310 23.97 7.03 54.18
CA ASN C 310 25.05 7.89 54.68
C ASN C 310 25.06 7.99 56.20
N GLY C 311 24.57 6.95 56.87
CA GLY C 311 24.59 6.96 58.33
C GLY C 311 23.22 6.85 58.96
N LEU C 312 22.53 7.98 59.07
CA LEU C 312 21.21 8.03 59.68
C LEU C 312 20.33 6.82 59.42
N SER C 313 19.38 6.60 60.32
CA SER C 313 18.44 5.49 60.18
C SER C 313 17.24 6.10 59.49
N GLU C 314 16.37 5.27 58.93
CA GLU C 314 15.20 5.81 58.23
C GLU C 314 14.36 6.72 59.13
N GLN C 315 14.26 6.36 60.40
CA GLN C 315 13.47 7.15 61.34
C GLN C 315 14.06 8.53 61.65
N GLU C 316 15.36 8.58 61.89
CA GLU C 316 16.03 9.84 62.18
C GLU C 316 15.97 10.78 60.97
N ALA C 317 16.21 10.22 59.79
CA ALA C 317 16.19 10.97 58.55
C ALA C 317 14.82 11.58 58.26
N GLN C 318 13.76 10.79 58.43
CA GLN C 318 12.41 11.27 58.18
C GLN C 318 12.05 12.43 59.10
N LYS C 319 12.65 12.47 60.28
CA LYS C 319 12.34 13.53 61.24
C LYS C 319 12.96 14.87 60.87
N LYS C 320 13.92 14.85 59.95
CA LYS C 320 14.59 16.07 59.53
C LYS C 320 13.83 16.73 58.38
N ILE C 321 12.69 16.15 58.02
CA ILE C 321 11.88 16.66 56.91
C ILE C 321 10.47 17.08 57.30
N TRP C 322 10.14 18.34 57.00
CA TRP C 322 8.82 18.88 57.30
C TRP C 322 8.10 19.30 56.02
N MSE C 323 6.77 19.29 56.06
CA MSE C 323 5.97 19.68 54.90
C MSE C 323 4.85 20.65 55.28
O MSE C 323 4.22 20.51 56.32
CB MSE C 323 5.37 18.45 54.23
CG MSE C 323 6.38 17.46 53.67
SE MSE C 323 5.45 16.10 52.62
CE MSE C 323 4.64 15.14 54.07
N PHE C 324 4.59 21.62 54.41
CA PHE C 324 3.56 22.63 54.63
C PHE C 324 2.69 22.74 53.38
N ASP C 325 1.44 22.26 53.45
CA ASP C 325 0.56 22.30 52.28
C ASP C 325 -0.46 23.44 52.32
N LYS C 326 -1.52 23.34 51.51
CA LYS C 326 -2.51 24.41 51.50
C LYS C 326 -3.32 24.59 52.77
N TYR C 327 -3.13 23.71 53.74
CA TYR C 327 -3.87 23.82 54.99
C TYR C 327 -2.94 24.09 56.17
N GLY C 328 -1.66 24.23 55.89
CA GLY C 328 -0.70 24.51 56.93
C GLY C 328 0.29 23.38 57.14
N LEU C 329 1.07 23.49 58.20
CA LEU C 329 2.07 22.48 58.52
C LEU C 329 1.41 21.13 58.78
N LEU C 330 2.00 20.06 58.26
CA LEU C 330 1.49 18.71 58.48
C LEU C 330 1.96 18.23 59.85
N VAL C 331 1.06 18.28 60.83
CA VAL C 331 1.36 17.87 62.21
C VAL C 331 0.37 16.81 62.69
N LYS C 332 0.84 15.93 63.56
CA LYS C 332 -0.02 14.87 64.10
C LYS C 332 -1.29 15.43 64.73
N GLY C 333 -2.43 14.91 64.28
CA GLY C 333 -3.69 15.35 64.83
C GLY C 333 -4.30 16.63 64.27
N ARG C 334 -3.84 17.08 63.11
CA ARG C 334 -4.42 18.30 62.55
C ARG C 334 -5.78 17.99 61.93
N LYS C 335 -6.61 19.02 61.76
CA LYS C 335 -7.93 18.87 61.18
C LYS C 335 -7.89 18.34 59.75
N ALA C 336 -6.89 18.76 58.98
CA ALA C 336 -6.75 18.33 57.59
C ALA C 336 -6.12 16.95 57.45
N LYS C 337 -6.65 16.17 56.50
CA LYS C 337 -6.21 14.82 56.23
C LYS C 337 -4.69 14.65 56.14
N ILE C 338 -4.26 13.40 56.36
CA ILE C 338 -2.87 13.02 56.31
C ILE C 338 -2.88 11.56 55.86
N ASP C 339 -2.45 11.31 54.62
CA ASP C 339 -2.45 9.95 54.10
C ASP C 339 -1.24 9.12 54.49
N SER C 340 -1.26 7.85 54.10
CA SER C 340 -0.19 6.91 54.41
C SER C 340 1.21 7.40 54.02
N TYR C 341 1.32 8.07 52.88
CA TYR C 341 2.62 8.57 52.42
C TYR C 341 3.14 9.79 53.21
N GLN C 342 2.22 10.66 53.64
CA GLN C 342 2.60 11.85 54.39
C GLN C 342 2.90 11.53 55.85
N GLU C 343 2.31 10.44 56.33
CA GLU C 343 2.48 9.98 57.69
C GLU C 343 3.92 10.04 58.22
N PRO C 344 4.88 9.48 57.46
CA PRO C 344 6.29 9.48 57.90
C PRO C 344 6.87 10.87 58.10
N PHE C 345 6.27 11.89 57.49
CA PHE C 345 6.78 13.25 57.59
C PHE C 345 5.87 14.18 58.39
N THR C 346 4.84 13.61 58.99
CA THR C 346 3.89 14.36 59.81
C THR C 346 4.36 14.20 61.26
N HIS C 347 4.92 15.26 61.83
CA HIS C 347 5.45 15.18 63.18
C HIS C 347 4.61 15.85 64.25
N SER C 348 5.03 15.69 65.49
CA SER C 348 4.29 16.28 66.59
C SER C 348 4.40 17.80 66.51
N ALA C 349 3.27 18.46 66.69
CA ALA C 349 3.21 19.92 66.63
C ALA C 349 4.32 20.59 67.44
N PRO C 350 5.03 21.55 66.82
CA PRO C 350 6.12 22.28 67.47
C PRO C 350 5.59 23.30 68.49
N GLU C 351 6.52 24.06 69.06
CA GLU C 351 6.19 25.08 70.06
C GLU C 351 4.95 25.88 69.71
N SER C 352 4.91 26.37 68.48
CA SER C 352 3.78 27.15 67.99
C SER C 352 3.41 26.68 66.59
N ILE C 353 2.11 26.66 66.30
CA ILE C 353 1.61 26.22 65.00
C ILE C 353 1.69 27.39 64.00
N PRO C 354 2.56 27.27 62.99
CA PRO C 354 2.72 28.31 61.98
C PRO C 354 1.45 28.54 61.15
N ASP C 355 1.13 29.80 60.89
CA ASP C 355 -0.05 30.14 60.09
C ASP C 355 0.27 30.34 58.60
N THR C 356 1.48 30.82 58.31
CA THR C 356 1.90 31.05 56.93
C THR C 356 3.23 30.33 56.73
N PHE C 357 3.71 30.27 55.49
CA PHE C 357 4.98 29.58 55.26
C PHE C 357 6.14 30.33 55.88
N GLU C 358 6.04 31.65 55.94
CA GLU C 358 7.09 32.46 56.57
C GLU C 358 7.20 32.11 58.06
N ASP C 359 6.06 31.89 58.70
CA ASP C 359 6.07 31.55 60.12
C ASP C 359 6.71 30.18 60.31
N ALA C 360 6.46 29.28 59.37
CA ALA C 360 7.03 27.95 59.40
C ALA C 360 8.55 28.04 59.31
N VAL C 361 9.03 28.94 58.45
CA VAL C 361 10.47 29.14 58.29
C VAL C 361 11.11 29.67 59.58
N ASN C 362 10.47 30.64 60.21
CA ASN C 362 11.00 31.22 61.44
C ASN C 362 10.95 30.25 62.62
N ILE C 363 9.89 29.45 62.69
CA ILE C 363 9.73 28.49 63.77
C ILE C 363 10.61 27.25 63.59
N LEU C 364 10.54 26.63 62.42
CA LEU C 364 11.34 25.44 62.15
C LEU C 364 12.80 25.70 61.82
N LYS C 365 13.13 26.91 61.37
CA LYS C 365 14.50 27.27 61.02
C LYS C 365 15.17 26.30 60.03
N PRO C 366 14.44 25.87 58.99
CA PRO C 366 15.02 24.94 58.03
C PRO C 366 16.25 25.50 57.30
N SER C 367 17.11 24.60 56.85
CA SER C 367 18.33 24.97 56.14
C SER C 367 18.10 24.87 54.63
N THR C 368 17.05 24.16 54.24
CA THR C 368 16.71 23.99 52.83
C THR C 368 15.21 24.15 52.67
N ILE C 369 14.81 24.91 51.64
CA ILE C 369 13.41 25.16 51.37
C ILE C 369 13.10 24.70 49.93
N ILE C 370 12.10 23.84 49.78
CA ILE C 370 11.75 23.33 48.45
C ILE C 370 10.30 23.64 48.04
N GLY C 371 10.16 24.49 47.03
CA GLY C 371 8.85 24.89 46.55
C GLY C 371 8.27 23.96 45.50
N VAL C 372 7.19 23.29 45.85
CA VAL C 372 6.60 22.36 44.91
C VAL C 372 5.09 22.33 45.14
N ALA C 373 4.51 23.52 45.16
CA ALA C 373 3.08 23.70 45.38
C ALA C 373 2.30 24.02 44.10
N GLY C 374 3.00 24.36 43.03
CA GLY C 374 2.33 24.69 41.78
C GLY C 374 1.28 25.78 41.92
N ALA C 375 1.50 26.73 42.82
CA ALA C 375 0.50 27.79 43.04
C ALA C 375 1.04 29.23 43.00
N GLY C 376 2.10 29.48 42.25
CA GLY C 376 2.62 30.83 42.18
C GLY C 376 3.72 31.21 43.16
N ARG C 377 4.00 32.51 43.23
CA ARG C 377 5.06 33.05 44.09
C ARG C 377 4.84 32.95 45.61
N LEU C 378 4.79 31.73 46.16
CA LEU C 378 4.59 31.59 47.60
C LEU C 378 5.89 31.86 48.38
N PHE C 379 7.02 31.89 47.69
CA PHE C 379 8.28 32.21 48.35
C PHE C 379 8.45 33.72 48.30
N THR C 380 7.65 34.40 49.11
CA THR C 380 7.63 35.85 49.18
C THR C 380 8.97 36.39 49.64
N PRO C 381 9.22 37.69 49.41
CA PRO C 381 10.46 38.35 49.80
C PRO C 381 10.78 38.18 51.28
N ASP C 382 9.74 38.14 52.12
CA ASP C 382 9.96 37.96 53.56
C ASP C 382 10.44 36.54 53.83
N VAL C 383 9.88 35.58 53.08
CA VAL C 383 10.28 34.19 53.22
C VAL C 383 11.77 34.05 52.88
N ILE C 384 12.16 34.67 51.77
CA ILE C 384 13.55 34.63 51.33
C ILE C 384 14.51 35.33 52.30
N ARG C 385 14.13 36.51 52.78
CA ARG C 385 14.98 37.24 53.73
C ARG C 385 15.15 36.40 55.00
N ALA C 386 14.05 35.77 55.42
CA ALA C 386 14.09 34.93 56.60
C ALA C 386 15.14 33.84 56.46
N MSE C 387 15.15 33.18 55.30
CA MSE C 387 16.13 32.13 55.05
C MSE C 387 17.57 32.62 55.09
O MSE C 387 18.46 31.92 55.59
CB MSE C 387 15.83 31.45 53.70
CG MSE C 387 14.59 30.55 53.69
SE MSE C 387 14.89 28.94 54.78
CE MSE C 387 16.05 27.99 53.57
N ALA C 388 17.83 33.81 54.56
CA ALA C 388 19.17 34.38 54.54
C ALA C 388 19.60 34.79 55.94
N SER C 389 18.63 35.19 56.74
CA SER C 389 18.88 35.63 58.12
C SER C 389 19.16 34.42 59.02
N ILE C 390 18.50 33.31 58.72
CA ILE C 390 18.64 32.07 59.48
C ILE C 390 19.85 31.24 59.06
N ASN C 391 20.12 31.19 57.75
CA ASN C 391 21.23 30.41 57.22
C ASN C 391 22.26 31.28 56.52
N GLU C 392 23.51 30.85 56.55
CA GLU C 392 24.60 31.57 55.91
C GLU C 392 24.53 31.31 54.40
N ARG C 393 24.24 30.06 54.06
CA ARG C 393 24.11 29.63 52.66
C ARG C 393 22.78 28.86 52.52
N PRO C 394 21.66 29.59 52.49
CA PRO C 394 20.34 28.96 52.36
C PRO C 394 20.13 28.25 51.02
N VAL C 395 19.48 27.09 51.06
CA VAL C 395 19.20 26.35 49.83
C VAL C 395 17.74 26.60 49.47
N ILE C 396 17.51 27.25 48.34
CA ILE C 396 16.15 27.58 47.93
C ILE C 396 15.82 27.02 46.54
N PHE C 397 14.87 26.09 46.51
CA PHE C 397 14.43 25.47 45.27
C PHE C 397 12.97 25.79 44.96
N ALA C 398 12.74 26.40 43.81
CA ALA C 398 11.41 26.76 43.36
C ALA C 398 11.18 25.91 42.10
N LEU C 399 10.70 24.69 42.32
CA LEU C 399 10.49 23.73 41.22
C LEU C 399 9.20 23.75 40.41
N SER C 400 8.17 24.48 40.84
CA SER C 400 6.90 24.47 40.09
C SER C 400 7.02 25.10 38.70
N ASN C 401 6.22 24.58 37.77
CA ASN C 401 6.20 25.05 36.37
C ASN C 401 4.76 25.33 35.97
N PRO C 402 4.55 26.22 34.98
CA PRO C 402 5.60 26.92 34.25
C PRO C 402 6.08 28.14 35.05
N THR C 403 6.84 29.02 34.40
CA THR C 403 7.40 30.20 35.06
C THR C 403 6.46 30.96 36.02
N ALA C 404 5.25 31.28 35.57
CA ALA C 404 4.31 32.01 36.43
C ALA C 404 3.96 31.28 37.72
N GLN C 405 4.03 29.95 37.71
CA GLN C 405 3.69 29.17 38.90
C GLN C 405 4.88 28.94 39.82
N ALA C 406 6.06 29.38 39.39
CA ALA C 406 7.28 29.20 40.18
C ALA C 406 7.13 29.97 41.51
N GLU C 407 7.67 29.39 42.59
CA GLU C 407 7.57 30.01 43.91
C GLU C 407 8.31 31.35 44.04
N CYS C 408 9.30 31.56 43.19
CA CYS C 408 10.06 32.81 43.17
C CYS C 408 11.01 32.75 41.99
N THR C 409 11.61 33.87 41.64
CA THR C 409 12.51 33.94 40.50
C THR C 409 13.98 33.88 40.95
N ALA C 410 14.87 33.63 40.01
CA ALA C 410 16.29 33.58 40.34
C ALA C 410 16.72 34.94 40.84
N GLU C 411 16.31 35.98 40.14
CA GLU C 411 16.64 37.36 40.50
C GLU C 411 16.22 37.68 41.94
N GLU C 412 15.03 37.26 42.34
CA GLU C 412 14.53 37.51 43.70
C GLU C 412 15.37 36.77 44.73
N ALA C 413 15.70 35.51 44.44
CA ALA C 413 16.49 34.70 45.36
C ALA C 413 17.90 35.24 45.57
N TYR C 414 18.65 35.43 44.49
CA TYR C 414 20.02 35.94 44.61
C TYR C 414 20.13 37.34 45.21
N THR C 415 19.23 38.26 44.84
CA THR C 415 19.29 39.61 45.38
C THR C 415 18.89 39.67 46.85
N LEU C 416 17.76 39.06 47.20
CA LEU C 416 17.29 39.08 48.58
C LEU C 416 18.16 38.33 49.58
N THR C 417 19.09 37.51 49.10
CA THR C 417 19.99 36.79 50.02
C THR C 417 21.42 37.27 49.80
N GLU C 418 21.57 38.34 49.03
CA GLU C 418 22.89 38.92 48.76
C GLU C 418 23.84 37.95 48.07
N GLY C 419 23.30 37.08 47.23
CA GLY C 419 24.14 36.13 46.53
C GLY C 419 24.68 35.02 47.42
N ARG C 420 24.04 34.79 48.56
CA ARG C 420 24.48 33.75 49.49
C ARG C 420 23.78 32.41 49.29
N CYS C 421 22.62 32.43 48.65
CA CYS C 421 21.85 31.21 48.42
C CYS C 421 22.32 30.34 47.25
N LEU C 422 21.84 29.10 47.27
CA LEU C 422 22.09 28.15 46.21
C LEU C 422 20.67 27.95 45.70
N PHE C 423 20.46 28.36 44.46
CA PHE C 423 19.13 28.33 43.86
C PHE C 423 18.99 27.41 42.67
N ALA C 424 17.78 26.88 42.48
CA ALA C 424 17.45 26.03 41.35
C ALA C 424 15.96 26.19 41.13
N SER C 425 15.54 26.18 39.88
CA SER C 425 14.11 26.33 39.57
C SER C 425 13.72 25.28 38.54
N GLY C 426 12.42 25.03 38.41
CA GLY C 426 11.96 24.08 37.43
C GLY C 426 11.98 24.67 36.04
N SER C 427 11.66 25.96 35.93
CA SER C 427 11.62 26.67 34.66
C SER C 427 12.89 27.50 34.47
N PRO C 428 13.22 27.84 33.22
CA PRO C 428 14.43 28.62 32.96
C PRO C 428 14.43 30.10 33.34
N PHE C 429 15.55 30.54 33.91
CA PHE C 429 15.78 31.92 34.31
C PHE C 429 17.20 32.21 33.86
N GLY C 430 17.42 33.37 33.26
CA GLY C 430 18.75 33.70 32.79
C GLY C 430 19.66 34.14 33.91
N PRO C 431 20.95 34.39 33.61
CA PRO C 431 21.91 34.84 34.62
C PRO C 431 21.42 36.08 35.36
N VAL C 432 21.86 36.23 36.60
CA VAL C 432 21.48 37.36 37.45
C VAL C 432 22.71 38.15 37.88
N LYS C 433 22.71 39.45 37.61
CA LYS C 433 23.83 40.30 37.99
C LYS C 433 23.43 41.19 39.15
N LEU C 434 24.13 41.08 40.28
CA LEU C 434 23.81 41.89 41.43
C LEU C 434 24.40 43.30 41.32
N THR C 435 23.85 44.22 42.11
CA THR C 435 24.31 45.61 42.10
C THR C 435 25.82 45.73 42.26
N ASP C 436 26.43 44.77 42.94
CA ASP C 436 27.87 44.81 43.15
C ASP C 436 28.67 44.21 42.00
N GLY C 437 28.00 43.80 40.94
CA GLY C 437 28.70 43.24 39.78
C GLY C 437 28.78 41.73 39.66
N ARG C 438 28.54 40.99 40.75
CA ARG C 438 28.59 39.54 40.72
C ARG C 438 27.52 38.91 39.81
N VAL C 439 27.91 37.88 39.08
CA VAL C 439 27.01 37.18 38.16
C VAL C 439 26.74 35.75 38.62
N PHE C 440 25.46 35.42 38.77
CA PHE C 440 25.06 34.07 39.19
C PHE C 440 24.24 33.39 38.11
N THR C 441 24.64 32.16 37.77
CA THR C 441 23.96 31.36 36.76
C THR C 441 23.20 30.27 37.47
N PRO C 442 21.87 30.41 37.57
CA PRO C 442 21.02 29.42 38.24
C PRO C 442 20.85 28.16 37.40
N GLY C 443 20.73 27.02 38.06
CA GLY C 443 20.55 25.77 37.36
C GLY C 443 19.07 25.46 37.31
N GLN C 444 18.70 24.57 36.40
CA GLN C 444 17.30 24.19 36.24
C GLN C 444 17.04 22.78 36.79
N GLY C 445 16.37 22.70 37.94
CA GLY C 445 16.04 21.42 38.53
C GLY C 445 14.77 20.88 37.91
N ASN C 446 14.89 20.41 36.68
CA ASN C 446 13.75 19.88 35.94
C ASN C 446 14.03 18.41 35.62
N ASN C 447 13.03 17.55 35.71
CA ASN C 447 13.28 16.12 35.48
C ASN C 447 13.79 15.73 34.09
N VAL C 448 13.90 16.70 33.19
CA VAL C 448 14.39 16.42 31.85
C VAL C 448 15.85 15.93 31.93
N TYR C 449 16.53 16.26 33.02
CA TYR C 449 17.91 15.82 33.22
C TYR C 449 17.96 14.32 33.57
N ILE C 450 16.83 13.80 34.05
CA ILE C 450 16.75 12.41 34.50
C ILE C 450 16.05 11.37 33.60
N PHE C 451 14.78 11.59 33.28
CA PHE C 451 14.07 10.58 32.50
C PHE C 451 14.67 10.13 31.17
N PRO C 452 15.37 11.01 30.43
CA PRO C 452 15.93 10.51 29.17
C PRO C 452 16.98 9.41 29.38
N GLY C 453 17.90 9.64 30.30
CA GLY C 453 18.95 8.66 30.56
C GLY C 453 18.44 7.38 31.23
N VAL C 454 17.52 7.54 32.18
CA VAL C 454 16.95 6.39 32.86
C VAL C 454 16.16 5.56 31.87
N ALA C 455 15.33 6.21 31.06
CA ALA C 455 14.52 5.51 30.07
C ALA C 455 15.43 4.73 29.13
N LEU C 456 16.52 5.36 28.68
CA LEU C 456 17.44 4.69 27.77
C LEU C 456 18.03 3.43 28.39
N ALA C 457 18.51 3.53 29.62
CA ALA C 457 19.12 2.39 30.31
C ALA C 457 18.13 1.24 30.51
N VAL C 458 16.94 1.56 31.01
CA VAL C 458 15.91 0.55 31.24
C VAL C 458 15.57 -0.18 29.94
N ILE C 459 15.37 0.57 28.87
CA ILE C 459 15.03 -0.03 27.59
C ILE C 459 16.14 -0.97 27.12
N LEU C 460 17.37 -0.44 27.02
CA LEU C 460 18.51 -1.22 26.57
C LEU C 460 18.81 -2.47 27.39
N CYS C 461 18.51 -2.43 28.68
CA CYS C 461 18.76 -3.56 29.56
C CYS C 461 17.61 -4.56 29.67
N ASN C 462 16.50 -4.29 29.00
CA ASN C 462 15.33 -5.17 29.08
C ASN C 462 14.90 -5.31 30.53
N THR C 463 14.94 -4.22 31.29
CA THR C 463 14.53 -4.26 32.68
C THR C 463 13.04 -4.53 32.73
N ARG C 464 12.60 -5.24 33.78
CA ARG C 464 11.19 -5.58 33.95
C ARG C 464 10.48 -4.62 34.89
N HIS C 465 11.16 -4.21 35.94
CA HIS C 465 10.58 -3.29 36.91
C HIS C 465 11.62 -2.28 37.33
N ILE C 466 11.15 -1.07 37.65
CA ILE C 466 12.03 0.01 38.05
C ILE C 466 11.91 0.30 39.54
N SER C 467 12.97 0.02 40.30
CA SER C 467 12.97 0.26 41.74
C SER C 467 13.40 1.70 42.03
N ASP C 468 13.02 2.21 43.19
CA ASP C 468 13.36 3.58 43.58
C ASP C 468 14.88 3.79 43.60
N SER C 469 15.61 2.73 43.92
CA SER C 469 17.06 2.86 43.98
C SER C 469 17.65 3.24 42.62
N VAL C 470 16.94 2.90 41.55
CA VAL C 470 17.43 3.26 40.23
C VAL C 470 17.50 4.79 40.12
N PHE C 471 16.50 5.47 40.66
CA PHE C 471 16.48 6.93 40.61
C PHE C 471 17.53 7.56 41.52
N LEU C 472 17.85 6.86 42.62
CA LEU C 472 18.87 7.36 43.54
C LEU C 472 20.20 7.31 42.78
N GLU C 473 20.38 6.22 42.03
CA GLU C 473 21.57 6.02 41.23
C GLU C 473 21.65 7.07 40.13
N ALA C 474 20.50 7.43 39.57
CA ALA C 474 20.47 8.46 38.53
C ALA C 474 20.89 9.79 39.14
N ALA C 475 20.38 10.07 40.34
CA ALA C 475 20.70 11.31 41.05
C ALA C 475 22.20 11.44 41.24
N LYS C 476 22.84 10.35 41.67
CA LYS C 476 24.28 10.38 41.88
C LYS C 476 25.05 10.56 40.57
N ALA C 477 24.59 9.88 39.52
CA ALA C 477 25.26 9.98 38.23
C ALA C 477 25.18 11.40 37.66
N LEU C 478 24.04 12.06 37.88
CA LEU C 478 23.87 13.41 37.37
C LEU C 478 24.84 14.37 38.07
N THR C 479 24.79 14.40 39.39
CA THR C 479 25.66 15.28 40.15
C THR C 479 27.15 15.00 39.96
N SER C 480 27.51 13.72 39.78
CA SER C 480 28.92 13.36 39.61
C SER C 480 29.53 13.93 38.33
N GLN C 481 28.71 14.60 37.52
CA GLN C 481 29.23 15.17 36.29
C GLN C 481 29.44 16.66 36.39
N LEU C 482 29.07 17.24 37.53
CA LEU C 482 29.23 18.67 37.76
C LEU C 482 30.73 18.96 38.01
N THR C 483 31.30 19.82 37.18
CA THR C 483 32.71 20.19 37.35
C THR C 483 32.75 21.32 38.37
N ASP C 484 33.82 21.37 39.17
CA ASP C 484 33.98 22.40 40.20
C ASP C 484 33.77 23.83 39.70
N GLU C 485 34.32 24.13 38.52
CA GLU C 485 34.21 25.46 37.93
C GLU C 485 32.76 25.89 37.79
N GLU C 486 31.90 24.93 37.47
CA GLU C 486 30.48 25.21 37.27
C GLU C 486 29.75 25.41 38.58
N LEU C 487 30.22 24.73 39.62
CA LEU C 487 29.61 24.85 40.95
C LEU C 487 29.78 26.31 41.38
N ALA C 488 31.01 26.80 41.21
CA ALA C 488 31.38 28.17 41.58
C ALA C 488 30.47 29.19 40.93
N GLN C 489 30.11 28.97 39.66
CA GLN C 489 29.23 29.91 38.97
C GLN C 489 27.85 29.96 39.61
N GLY C 490 27.49 28.92 40.35
CA GLY C 490 26.19 28.86 40.99
C GLY C 490 25.34 27.77 40.38
N ARG C 491 25.95 26.95 39.54
CA ARG C 491 25.25 25.85 38.87
C ARG C 491 25.24 24.60 39.76
N LEU C 492 24.04 24.09 40.03
CA LEU C 492 23.88 22.89 40.85
C LEU C 492 23.65 21.71 39.92
N TYR C 493 23.72 21.97 38.61
CA TYR C 493 23.53 20.96 37.58
C TYR C 493 24.45 21.24 36.40
N PRO C 494 24.75 20.20 35.60
CA PRO C 494 25.61 20.35 34.42
C PRO C 494 24.90 21.28 33.45
N PRO C 495 25.65 22.03 32.63
CA PRO C 495 25.05 22.96 31.66
C PRO C 495 24.06 22.29 30.72
N LEU C 496 22.89 22.89 30.58
CA LEU C 496 21.85 22.36 29.72
C LEU C 496 22.38 22.09 28.31
N ALA C 497 23.34 22.91 27.87
CA ALA C 497 23.94 22.76 26.55
C ALA C 497 24.53 21.37 26.32
N ASN C 498 24.99 20.71 27.38
CA ASN C 498 25.54 19.36 27.26
C ASN C 498 24.54 18.29 27.69
N ILE C 499 23.25 18.59 27.57
CA ILE C 499 22.20 17.65 27.97
C ILE C 499 22.33 16.28 27.32
N GLN C 500 22.75 16.24 26.06
CA GLN C 500 22.92 14.99 25.34
C GLN C 500 23.97 14.08 25.99
N GLU C 501 25.20 14.56 26.14
CA GLU C 501 26.23 13.73 26.73
C GLU C 501 25.95 13.39 28.19
N VAL C 502 25.28 14.31 28.89
CA VAL C 502 24.94 14.09 30.28
C VAL C 502 23.94 12.94 30.41
N SER C 503 22.96 12.89 29.51
CA SER C 503 21.95 11.82 29.53
C SER C 503 22.58 10.47 29.17
N ILE C 504 23.46 10.47 28.18
CA ILE C 504 24.14 9.24 27.78
C ILE C 504 24.98 8.70 28.95
N ASN C 505 25.64 9.59 29.68
CA ASN C 505 26.45 9.16 30.81
C ASN C 505 25.59 8.61 31.94
N ILE C 506 24.40 9.16 32.14
CA ILE C 506 23.51 8.67 33.17
C ILE C 506 23.02 7.28 32.77
N ALA C 507 22.80 7.09 31.47
CA ALA C 507 22.35 5.80 30.95
C ALA C 507 23.42 4.74 31.20
N ILE C 508 24.67 5.08 30.94
CA ILE C 508 25.76 4.15 31.14
C ILE C 508 25.82 3.73 32.61
N LYS C 509 25.81 4.72 33.51
CA LYS C 509 25.87 4.46 34.95
C LYS C 509 24.70 3.64 35.44
N VAL C 510 23.50 3.91 34.91
CA VAL C 510 22.31 3.17 35.32
C VAL C 510 22.33 1.76 34.73
N THR C 511 22.87 1.57 33.52
CA THR C 511 22.89 0.22 32.96
C THR C 511 23.83 -0.62 33.81
N GLU C 512 24.97 -0.05 34.18
CA GLU C 512 25.94 -0.75 35.02
C GLU C 512 25.29 -1.13 36.33
N TYR C 513 24.43 -0.26 36.85
CA TYR C 513 23.73 -0.52 38.10
C TYR C 513 22.73 -1.67 37.93
N LEU C 514 21.96 -1.63 36.85
CA LEU C 514 20.95 -2.64 36.57
C LEU C 514 21.55 -4.04 36.43
N TYR C 515 22.68 -4.15 35.73
CA TYR C 515 23.34 -5.44 35.58
C TYR C 515 23.97 -5.94 36.87
N ALA C 516 24.51 -5.01 37.66
CA ALA C 516 25.17 -5.35 38.92
C ALA C 516 24.19 -5.78 40.00
N ASN C 517 22.91 -5.53 39.77
CA ASN C 517 21.92 -5.88 40.75
C ASN C 517 20.86 -6.81 40.20
N LYS C 518 21.25 -7.57 39.18
CA LYS C 518 20.35 -8.53 38.56
C LYS C 518 18.99 -7.96 38.21
N MSE C 519 18.96 -6.81 37.56
CA MSE C 519 17.71 -6.18 37.16
C MSE C 519 17.65 -6.05 35.65
O MSE C 519 16.61 -5.69 35.09
CB MSE C 519 17.59 -4.80 37.79
CG MSE C 519 17.97 -4.79 39.24
SE MSE C 519 17.74 -3.01 39.96
CE MSE C 519 16.36 -3.41 41.24
N ALA C 520 18.76 -6.35 34.99
CA ALA C 520 18.86 -6.29 33.53
C ALA C 520 18.75 -7.71 33.00
N PHE C 521 17.93 -7.91 31.98
CA PHE C 521 17.77 -9.23 31.42
C PHE C 521 18.18 -9.36 29.97
N ARG C 522 18.87 -8.35 29.46
CA ARG C 522 19.33 -8.37 28.09
C ARG C 522 20.57 -9.23 28.08
N TYR C 523 20.63 -10.20 27.18
CA TYR C 523 21.77 -11.10 27.12
C TYR C 523 22.34 -11.19 25.71
N PRO C 524 23.66 -11.42 25.60
CA PRO C 524 24.53 -11.57 26.77
C PRO C 524 24.81 -10.21 27.38
N GLU C 525 25.36 -10.19 28.59
CA GLU C 525 25.70 -8.93 29.25
C GLU C 525 26.92 -8.35 28.57
N PRO C 526 26.85 -7.08 28.15
CA PRO C 526 28.00 -6.44 27.50
C PRO C 526 29.15 -6.21 28.47
N GLU C 527 30.37 -6.35 27.97
CA GLU C 527 31.58 -6.14 28.75
C GLU C 527 31.71 -4.66 29.10
N ASP C 528 31.78 -3.86 28.04
CA ASP C 528 31.91 -2.40 28.09
C ASP C 528 30.56 -1.71 27.93
N LYS C 529 29.91 -1.37 29.04
CA LYS C 529 28.61 -0.72 29.03
C LYS C 529 28.58 0.59 28.26
N ALA C 530 29.68 1.34 28.33
CA ALA C 530 29.77 2.63 27.65
C ALA C 530 29.67 2.47 26.14
N LYS C 531 30.37 1.46 25.62
CA LYS C 531 30.37 1.19 24.18
C LYS C 531 28.99 0.66 23.77
N TYR C 532 28.42 -0.18 24.62
CA TYR C 532 27.10 -0.76 24.41
C TYR C 532 26.03 0.32 24.22
N VAL C 533 26.03 1.30 25.13
CA VAL C 533 25.06 2.40 25.09
C VAL C 533 25.26 3.33 23.90
N LYS C 534 26.49 3.79 23.71
CA LYS C 534 26.80 4.71 22.62
C LYS C 534 26.55 4.16 21.23
N GLU C 535 26.71 2.85 21.06
CA GLU C 535 26.48 2.22 19.76
C GLU C 535 24.99 2.18 19.38
N ARG C 536 24.11 2.25 20.35
CA ARG C 536 22.69 2.14 20.07
C ARG C 536 21.85 3.41 20.10
N THR C 537 22.49 4.57 20.19
CA THR C 537 21.70 5.79 20.21
C THR C 537 21.31 6.16 18.78
N TRP C 538 20.07 6.58 18.61
CA TRP C 538 19.55 6.97 17.32
C TRP C 538 20.21 8.29 16.96
N ARG C 539 20.56 8.46 15.68
CA ARG C 539 21.20 9.69 15.20
C ARG C 539 20.32 10.47 14.22
N SER C 540 20.45 11.80 14.21
CA SER C 540 19.66 12.66 13.34
C SER C 540 20.15 12.78 11.91
N GLU C 541 21.29 12.17 11.59
CA GLU C 541 21.83 12.23 10.23
C GLU C 541 20.99 11.34 9.30
N TYR C 542 20.85 11.78 8.05
CA TYR C 542 20.06 11.04 7.06
C TYR C 542 20.68 9.69 6.74
N ASP C 543 19.83 8.67 6.61
CA ASP C 543 20.28 7.34 6.25
C ASP C 543 20.06 7.18 4.75
N SER C 544 20.75 6.22 4.14
CA SER C 544 20.59 5.97 2.72
C SER C 544 19.34 5.11 2.50
N LEU C 545 18.52 5.47 1.53
CA LEU C 545 17.31 4.71 1.23
C LEU C 545 17.50 3.88 -0.03
N LEU C 546 18.74 3.77 -0.48
CA LEU C 546 19.03 3.02 -1.68
C LEU C 546 18.98 1.51 -1.48
N PRO C 547 18.37 0.79 -2.44
CA PRO C 547 18.30 -0.67 -2.31
C PRO C 547 19.71 -1.23 -2.53
N ASP C 548 20.01 -2.37 -1.92
CA ASP C 548 21.32 -2.98 -2.07
C ASP C 548 21.51 -3.55 -3.47
N VAL C 549 22.23 -2.83 -4.31
CA VAL C 549 22.49 -3.23 -5.70
C VAL C 549 23.94 -3.65 -5.83
N TYR C 550 24.16 -4.83 -6.40
CA TYR C 550 25.52 -5.35 -6.59
C TYR C 550 25.55 -6.46 -7.64
N GLU C 551 26.74 -6.72 -8.19
CA GLU C 551 26.87 -7.75 -9.22
C GLU C 551 27.31 -9.13 -8.73
N TRP C 552 26.85 -10.14 -9.44
CA TRP C 552 27.16 -11.54 -9.15
C TRP C 552 28.41 -12.00 -9.90
N PRO C 553 29.28 -12.78 -9.24
CA PRO C 553 30.51 -13.29 -9.85
C PRO C 553 30.22 -14.30 -10.96
N LYS D 2 -8.83 3.61 -1.52
CA LYS D 2 -8.26 2.27 -1.67
C LYS D 2 -7.41 1.88 -0.46
N GLU D 3 -7.17 2.83 0.44
CA GLU D 3 -6.38 2.53 1.62
C GLU D 3 -6.96 3.10 2.90
N LYS D 4 -6.75 2.37 3.97
CA LYS D 4 -7.23 2.74 5.29
C LYS D 4 -6.09 3.05 6.24
N GLY D 5 -6.44 3.45 7.46
CA GLY D 5 -5.43 3.78 8.45
C GLY D 5 -4.79 5.15 8.31
N LYS D 6 -3.67 5.34 9.00
CA LYS D 6 -2.91 6.58 9.01
C LYS D 6 -2.81 7.28 7.65
N PRO D 7 -2.55 6.51 6.57
CA PRO D 7 -2.44 7.11 5.23
C PRO D 7 -3.61 8.02 4.84
N LEU D 8 -4.80 7.75 5.36
CA LEU D 8 -5.97 8.57 5.04
C LEU D 8 -5.83 9.96 5.64
N MSE D 9 -5.02 10.05 6.69
CA MSE D 9 -4.77 11.29 7.37
C MSE D 9 -3.54 12.03 6.84
O MSE D 9 -3.43 13.24 7.00
CB MSE D 9 -4.63 11.02 8.88
CG MSE D 9 -5.89 10.38 9.50
SE MSE D 9 -5.53 9.79 11.33
CE MSE D 9 -4.84 11.45 12.02
N LEU D 10 -2.61 11.30 6.21
CA LEU D 10 -1.40 11.91 5.67
C LEU D 10 -1.64 12.48 4.29
N ASN D 11 -2.71 12.04 3.66
CA ASN D 11 -3.06 12.49 2.33
C ASN D 11 -4.04 13.66 2.48
N PRO D 12 -3.60 14.89 2.14
CA PRO D 12 -4.49 16.05 2.27
C PRO D 12 -5.77 15.92 1.45
N ARG D 13 -5.74 15.07 0.42
CA ARG D 13 -6.91 14.87 -0.42
C ARG D 13 -8.03 14.21 0.38
N THR D 14 -7.69 13.28 1.26
CA THR D 14 -8.68 12.57 2.07
C THR D 14 -8.81 13.01 3.53
N ASN D 15 -7.74 13.55 4.11
CA ASN D 15 -7.76 13.96 5.51
C ASN D 15 -8.88 14.94 5.89
N LYS D 16 -9.67 14.56 6.89
CA LYS D 16 -10.76 15.40 7.37
C LYS D 16 -10.49 15.92 8.77
N GLY D 17 -9.35 15.55 9.34
CA GLY D 17 -9.06 15.99 10.70
C GLY D 17 -10.12 15.44 11.64
N MSE D 18 -10.53 16.24 12.62
CA MSE D 18 -11.55 15.78 13.55
C MSE D 18 -12.96 15.73 12.97
O MSE D 18 -13.93 15.47 13.68
CB MSE D 18 -11.55 16.66 14.81
CG MSE D 18 -10.32 16.47 15.67
SE MSE D 18 -10.42 17.59 17.24
CE MSE D 18 -9.51 19.14 16.56
N ALA D 19 -13.08 15.95 11.67
CA ALA D 19 -14.40 15.90 11.03
C ALA D 19 -14.74 14.47 10.62
N PHE D 20 -13.77 13.56 10.67
CA PHE D 20 -14.07 12.16 10.36
C PHE D 20 -15.09 11.77 11.43
N THR D 21 -16.24 11.23 11.02
CA THR D 21 -17.28 10.83 11.98
C THR D 21 -16.80 9.61 12.77
N LEU D 22 -17.50 9.27 13.85
CA LEU D 22 -17.12 8.12 14.65
C LEU D 22 -17.14 6.82 13.84
N GLN D 23 -18.18 6.65 13.03
CA GLN D 23 -18.28 5.43 12.23
C GLN D 23 -17.17 5.35 11.18
N GLU D 24 -16.82 6.48 10.58
CA GLU D 24 -15.75 6.48 9.60
C GLU D 24 -14.46 6.05 10.29
N ARG D 25 -14.21 6.61 11.47
CA ARG D 25 -12.99 6.30 12.22
C ARG D 25 -12.86 4.83 12.56
N GLN D 26 -13.96 4.23 13.04
CA GLN D 26 -13.95 2.82 13.42
C GLN D 26 -13.83 1.88 12.23
N MSE D 27 -14.54 2.21 11.16
CA MSE D 27 -14.53 1.38 9.97
C MSE D 27 -13.25 1.54 9.14
O MSE D 27 -12.88 0.63 8.42
CB MSE D 27 -15.76 1.70 9.12
CG MSE D 27 -16.65 0.50 8.81
SE MSE D 27 -18.48 1.10 8.48
CE MSE D 27 -19.13 0.93 10.29
N LEU D 28 -12.57 2.67 9.28
CA LEU D 28 -11.36 2.93 8.50
C LEU D 28 -10.05 2.85 9.28
N GLY D 29 -10.12 2.33 10.50
CA GLY D 29 -8.93 2.18 11.31
C GLY D 29 -8.31 3.48 11.82
N LEU D 30 -9.14 4.46 12.17
CA LEU D 30 -8.65 5.75 12.64
C LEU D 30 -8.95 6.02 14.11
N GLN D 31 -9.75 5.16 14.73
CA GLN D 31 -10.11 5.33 16.13
C GLN D 31 -8.85 5.30 16.99
N GLY D 32 -8.66 6.34 17.78
CA GLY D 32 -7.49 6.44 18.65
C GLY D 32 -6.39 7.34 18.08
N LEU D 33 -6.39 7.51 16.77
CA LEU D 33 -5.40 8.36 16.11
C LEU D 33 -5.87 9.81 16.05
N LEU D 34 -7.11 10.04 16.44
CA LEU D 34 -7.67 11.39 16.45
C LEU D 34 -8.26 11.66 17.82
N PRO D 35 -8.34 12.93 18.23
CA PRO D 35 -8.90 13.28 19.53
C PRO D 35 -10.35 12.80 19.54
N PRO D 36 -10.91 12.51 20.73
CA PRO D 36 -12.30 12.02 20.84
C PRO D 36 -13.35 12.92 20.17
N LYS D 37 -13.10 14.22 20.20
CA LYS D 37 -13.99 15.22 19.63
C LYS D 37 -14.33 15.04 18.14
N ILE D 38 -15.61 15.11 17.80
CA ILE D 38 -16.04 15.01 16.41
C ILE D 38 -16.34 16.45 16.02
N GLU D 39 -15.64 16.99 15.04
CA GLU D 39 -15.90 18.38 14.62
C GLU D 39 -16.60 18.47 13.29
N THR D 40 -17.11 19.67 13.00
CA THR D 40 -17.80 19.95 11.75
C THR D 40 -16.86 20.85 10.96
N GLN D 41 -17.06 20.95 9.65
CA GLN D 41 -16.20 21.82 8.84
C GLN D 41 -16.36 23.27 9.31
N ASP D 42 -17.55 23.61 9.82
CA ASP D 42 -17.83 24.95 10.32
C ASP D 42 -16.92 25.33 11.48
N ILE D 43 -16.72 24.39 12.41
CA ILE D 43 -15.84 24.64 13.55
C ILE D 43 -14.38 24.81 13.06
N GLN D 44 -14.01 24.03 12.06
CA GLN D 44 -12.65 24.08 11.50
C GLN D 44 -12.41 25.42 10.83
N ALA D 45 -13.45 25.92 10.14
CA ALA D 45 -13.34 27.21 9.46
C ALA D 45 -13.17 28.30 10.51
N LEU D 46 -13.93 28.20 11.59
CA LEU D 46 -13.86 29.18 12.66
C LEU D 46 -12.47 29.21 13.29
N ARG D 47 -11.85 28.04 13.46
CA ARG D 47 -10.51 27.97 14.04
C ARG D 47 -9.54 28.73 13.11
N PHE D 48 -9.70 28.54 11.80
CA PHE D 48 -8.85 29.23 10.84
C PHE D 48 -8.98 30.76 10.90
N HIS D 49 -10.20 31.26 10.77
CA HIS D 49 -10.41 32.71 10.79
C HIS D 49 -9.95 33.32 12.10
N ARG D 50 -10.05 32.56 13.19
CA ARG D 50 -9.61 33.06 14.48
C ARG D 50 -8.09 33.26 14.48
N ASN D 51 -7.36 32.29 13.94
CA ASN D 51 -5.90 32.40 13.88
C ASN D 51 -5.47 33.45 12.86
N LEU D 52 -6.18 33.51 11.74
CA LEU D 52 -5.82 34.45 10.70
C LEU D 52 -5.90 35.88 11.22
N LYS D 53 -6.89 36.14 12.06
CA LYS D 53 -7.10 37.47 12.60
C LYS D 53 -5.91 38.01 13.38
N LYS D 54 -5.25 37.13 14.12
CA LYS D 54 -4.11 37.54 14.91
C LYS D 54 -2.84 37.72 14.10
N MSE D 55 -2.82 37.26 12.86
CA MSE D 55 -1.62 37.42 12.04
C MSE D 55 -1.45 38.81 11.44
O MSE D 55 -2.42 39.48 11.09
CB MSE D 55 -1.59 36.35 10.95
CG MSE D 55 -1.42 34.96 11.52
SE MSE D 55 -1.45 33.66 10.10
CE MSE D 55 -1.15 32.12 11.20
N THR D 56 -0.20 39.23 11.31
CA THR D 56 0.11 40.55 10.81
C THR D 56 0.45 40.69 9.32
N SER D 57 1.55 40.08 8.89
CA SER D 57 1.97 40.18 7.49
C SER D 57 1.31 39.22 6.52
N PRO D 58 1.13 39.67 5.26
CA PRO D 58 0.51 38.87 4.21
C PRO D 58 1.27 37.59 3.92
N LEU D 59 2.61 37.65 3.90
CA LEU D 59 3.42 36.47 3.62
C LEU D 59 3.24 35.40 4.70
N GLU D 60 3.06 35.84 5.94
CA GLU D 60 2.84 34.95 7.07
C GLU D 60 1.50 34.22 6.84
N LYS D 61 0.52 34.98 6.37
CA LYS D 61 -0.82 34.45 6.12
C LYS D 61 -0.80 33.47 4.95
N TYR D 62 -0.04 33.82 3.92
CA TYR D 62 0.10 32.97 2.73
C TYR D 62 0.66 31.59 3.13
N ILE D 63 1.73 31.59 3.93
CA ILE D 63 2.36 30.35 4.39
C ILE D 63 1.37 29.48 5.16
N TYR D 64 0.60 30.11 6.04
CA TYR D 64 -0.40 29.43 6.84
C TYR D 64 -1.50 28.80 6.00
N ILE D 65 -2.17 29.60 5.16
CA ILE D 65 -3.25 29.01 4.37
C ILE D 65 -2.78 28.08 3.26
N MSE D 66 -1.66 28.38 2.61
CA MSE D 66 -1.19 27.47 1.56
C MSE D 66 -0.78 26.16 2.21
O MSE D 66 -0.81 25.11 1.59
CB MSE D 66 -0.02 28.08 0.77
CG MSE D 66 -0.41 29.30 -0.07
SE MSE D 66 -1.95 28.89 -1.24
CE MSE D 66 -1.06 27.68 -2.44
N GLY D 67 -0.41 26.24 3.49
CA GLY D 67 -0.03 25.05 4.21
C GLY D 67 -1.25 24.19 4.43
N ILE D 68 -2.41 24.82 4.61
CA ILE D 68 -3.64 24.06 4.84
C ILE D 68 -3.98 23.20 3.63
N GLN D 69 -3.56 23.64 2.44
CA GLN D 69 -3.82 22.88 1.22
C GLN D 69 -3.06 21.55 1.22
N GLU D 70 -1.95 21.51 1.96
CA GLU D 70 -1.12 20.32 2.07
C GLU D 70 -1.53 19.49 3.28
N ARG D 71 -2.57 19.93 3.98
CA ARG D 71 -3.05 19.22 5.16
C ARG D 71 -4.46 18.71 5.02
N ASN D 72 -5.37 19.58 4.57
CA ASN D 72 -6.78 19.23 4.42
C ASN D 72 -7.33 20.01 3.22
N GLU D 73 -7.29 19.39 2.05
CA GLU D 73 -7.72 20.05 0.84
C GLU D 73 -9.15 20.60 0.91
N LYS D 74 -10.10 19.79 1.38
CA LYS D 74 -11.49 20.23 1.51
C LYS D 74 -11.57 21.51 2.32
N LEU D 75 -10.94 21.53 3.49
CA LEU D 75 -10.98 22.69 4.35
C LEU D 75 -10.34 23.91 3.68
N PHE D 76 -9.27 23.69 2.93
CA PHE D 76 -8.56 24.76 2.25
C PHE D 76 -9.54 25.53 1.35
N TYR D 77 -10.26 24.80 0.50
CA TYR D 77 -11.21 25.46 -0.39
C TYR D 77 -12.42 26.05 0.33
N ARG D 78 -12.86 25.42 1.41
CA ARG D 78 -13.95 25.98 2.19
C ARG D 78 -13.49 27.36 2.71
N ILE D 79 -12.23 27.42 3.15
CA ILE D 79 -11.64 28.65 3.66
C ILE D 79 -11.60 29.77 2.60
N LEU D 80 -11.21 29.43 1.38
CA LEU D 80 -11.20 30.44 0.32
C LEU D 80 -12.65 30.85 0.05
N GLN D 81 -13.52 29.86 -0.10
CA GLN D 81 -14.94 30.10 -0.38
C GLN D 81 -15.63 31.00 0.66
N ASP D 82 -15.20 30.94 1.92
CA ASP D 82 -15.81 31.76 2.96
C ASP D 82 -15.67 33.25 2.66
N ASP D 83 -14.52 33.65 2.11
CA ASP D 83 -14.29 35.05 1.77
C ASP D 83 -13.18 35.18 0.74
N ILE D 84 -13.50 34.82 -0.49
CA ILE D 84 -12.55 34.84 -1.59
C ILE D 84 -11.94 36.23 -1.81
N GLU D 85 -12.72 37.28 -1.55
CA GLU D 85 -12.27 38.64 -1.78
C GLU D 85 -11.14 39.11 -0.87
N SER D 86 -11.19 38.73 0.41
CA SER D 86 -10.15 39.14 1.32
C SER D 86 -8.92 38.23 1.25
N LEU D 87 -9.12 37.01 0.77
CA LEU D 87 -8.00 36.06 0.68
C LEU D 87 -7.28 36.08 -0.65
N MSE D 88 -7.95 36.65 -1.65
CA MSE D 88 -7.40 36.73 -3.00
C MSE D 88 -6.01 37.40 -3.04
O MSE D 88 -5.09 36.88 -3.69
CB MSE D 88 -8.36 37.50 -3.90
CG MSE D 88 -7.92 37.57 -5.36
SE MSE D 88 -8.20 35.84 -6.18
CE MSE D 88 -10.09 36.04 -6.50
N PRO D 89 -5.84 38.55 -2.38
CA PRO D 89 -4.55 39.26 -2.36
C PRO D 89 -3.45 38.50 -1.62
N ILE D 90 -3.84 37.49 -0.85
CA ILE D 90 -2.86 36.71 -0.11
C ILE D 90 -2.46 35.46 -0.88
N VAL D 91 -3.45 34.76 -1.43
CA VAL D 91 -3.16 33.55 -2.19
C VAL D 91 -2.82 33.83 -3.65
N TYR D 92 -3.18 35.01 -4.13
CA TYR D 92 -2.93 35.40 -5.51
C TYR D 92 -2.17 36.74 -5.52
N THR D 93 -2.33 37.53 -6.58
CA THR D 93 -1.61 38.81 -6.67
C THR D 93 -2.15 39.80 -5.63
N PRO D 94 -1.24 40.59 -5.01
CA PRO D 94 0.21 40.67 -5.15
C PRO D 94 1.10 39.72 -4.33
N THR D 95 0.62 39.20 -3.22
CA THR D 95 1.44 38.34 -2.36
C THR D 95 2.07 37.09 -2.98
N VAL D 96 1.39 36.48 -3.94
CA VAL D 96 1.96 35.31 -4.58
C VAL D 96 3.30 35.72 -5.23
N GLY D 97 3.37 36.95 -5.73
CA GLY D 97 4.60 37.42 -6.32
C GLY D 97 5.69 37.51 -5.26
N LEU D 98 5.31 37.98 -4.07
CA LEU D 98 6.26 38.08 -2.95
C LEU D 98 6.72 36.67 -2.53
N ALA D 99 5.79 35.71 -2.51
CA ALA D 99 6.11 34.34 -2.13
C ALA D 99 7.11 33.71 -3.11
N CYS D 100 6.91 33.96 -4.41
CA CYS D 100 7.81 33.42 -5.41
C CYS D 100 9.23 33.95 -5.23
N SER D 101 9.36 35.25 -5.00
CA SER D 101 10.68 35.84 -4.85
C SER D 101 11.41 35.29 -3.62
N GLN D 102 10.65 34.70 -2.69
CA GLN D 102 11.19 34.12 -1.46
C GLN D 102 10.91 32.62 -1.38
N TYR D 103 10.54 32.01 -2.49
CA TYR D 103 10.17 30.58 -2.50
C TYR D 103 11.18 29.67 -1.80
N GLY D 104 12.46 29.83 -2.11
CA GLY D 104 13.46 28.99 -1.50
C GLY D 104 13.61 29.17 -0.01
N HIS D 105 13.22 30.34 0.50
CA HIS D 105 13.34 30.63 1.92
C HIS D 105 12.18 30.11 2.79
N ILE D 106 10.99 30.00 2.20
CA ILE D 106 9.81 29.54 2.94
C ILE D 106 9.40 28.13 2.59
N PHE D 107 10.18 27.48 1.73
CA PHE D 107 9.90 26.11 1.32
C PHE D 107 9.69 25.14 2.50
N ARG D 108 8.72 24.25 2.35
CA ARG D 108 8.41 23.24 3.36
C ARG D 108 8.09 21.91 2.66
N ARG D 109 7.20 21.96 1.68
CA ARG D 109 6.82 20.79 0.92
C ARG D 109 6.71 21.20 -0.53
N PRO D 110 7.04 20.31 -1.47
CA PRO D 110 6.93 20.71 -2.87
C PRO D 110 5.48 20.53 -3.36
N LYS D 111 5.12 21.28 -4.39
CA LYS D 111 3.80 21.18 -4.99
C LYS D 111 4.04 21.20 -6.49
N GLY D 112 3.39 20.30 -7.21
CA GLY D 112 3.54 20.26 -8.66
C GLY D 112 4.66 19.38 -9.17
N LEU D 113 4.76 19.28 -10.49
CA LEU D 113 5.76 18.48 -11.17
C LEU D 113 6.90 19.38 -11.64
N PHE D 114 8.14 18.96 -11.41
CA PHE D 114 9.30 19.73 -11.83
C PHE D 114 10.04 18.97 -12.93
N ILE D 115 10.24 19.60 -14.08
CA ILE D 115 10.92 18.97 -15.20
C ILE D 115 12.08 19.85 -15.62
N SER D 116 13.29 19.30 -15.60
CA SER D 116 14.45 20.11 -15.96
C SER D 116 15.09 19.65 -17.26
N ILE D 117 15.91 20.54 -17.81
CA ILE D 117 16.62 20.27 -19.05
C ILE D 117 17.52 19.06 -18.85
N SER D 118 17.91 18.81 -17.61
CA SER D 118 18.76 17.66 -17.32
C SER D 118 18.00 16.35 -17.41
N ASP D 119 16.67 16.44 -17.52
CA ASP D 119 15.82 15.25 -17.62
C ASP D 119 15.42 14.97 -19.06
N ARG D 120 15.95 15.74 -20.01
CA ARG D 120 15.59 15.51 -21.40
C ARG D 120 15.80 14.04 -21.76
N GLY D 121 14.83 13.46 -22.44
CA GLY D 121 14.91 12.07 -22.82
C GLY D 121 14.22 11.16 -21.81
N HIS D 122 13.86 11.70 -20.67
CA HIS D 122 13.21 10.92 -19.62
C HIS D 122 12.01 11.63 -19.03
N VAL D 123 11.43 12.57 -19.77
CA VAL D 123 10.29 13.32 -19.28
C VAL D 123 9.08 12.45 -19.00
N ARG D 124 8.87 11.41 -19.81
CA ARG D 124 7.73 10.55 -19.61
C ARG D 124 7.75 9.81 -18.26
N SER D 125 8.93 9.38 -17.83
CA SER D 125 9.00 8.67 -16.55
C SER D 125 8.77 9.63 -15.38
N ILE D 126 8.97 10.92 -15.63
CA ILE D 126 8.71 11.90 -14.57
C ILE D 126 7.20 12.07 -14.47
N VAL D 127 6.56 12.16 -15.63
CA VAL D 127 5.11 12.31 -15.68
C VAL D 127 4.45 11.08 -15.06
N ASP D 128 5.03 9.91 -15.27
CA ASP D 128 4.46 8.71 -14.70
C ASP D 128 4.59 8.66 -13.18
N ASN D 129 5.40 9.57 -12.61
CA ASN D 129 5.56 9.60 -11.15
C ASN D 129 4.45 10.39 -10.46
N TRP D 130 3.75 11.24 -11.21
CA TRP D 130 2.66 12.02 -10.61
C TRP D 130 1.58 11.01 -10.20
N PRO D 131 1.17 11.05 -8.93
CA PRO D 131 0.16 10.19 -8.29
C PRO D 131 -1.23 10.13 -8.91
N GLU D 132 -1.76 11.26 -9.36
CA GLU D 132 -3.11 11.27 -9.94
C GLU D 132 -3.13 10.72 -11.35
N ASN D 133 -4.12 9.88 -11.64
CA ASN D 133 -4.25 9.22 -12.93
C ASN D 133 -5.18 9.86 -13.94
N HIS D 134 -5.96 10.86 -13.53
CA HIS D 134 -6.91 11.48 -14.43
C HIS D 134 -6.82 13.00 -14.47
N VAL D 135 -5.67 13.52 -14.90
CA VAL D 135 -5.45 14.95 -15.00
C VAL D 135 -6.18 15.54 -16.20
N LYS D 136 -6.83 16.69 -16.00
CA LYS D 136 -7.58 17.36 -17.08
C LYS D 136 -7.04 18.77 -17.35
N ALA D 137 -6.34 19.34 -16.38
CA ALA D 137 -5.82 20.70 -16.55
C ALA D 137 -4.40 20.89 -16.02
N VAL D 138 -3.55 21.43 -16.88
CA VAL D 138 -2.17 21.67 -16.54
C VAL D 138 -1.82 23.14 -16.72
N VAL D 139 -1.18 23.73 -15.72
CA VAL D 139 -0.72 25.11 -15.82
C VAL D 139 0.80 24.98 -15.71
N VAL D 140 1.52 25.40 -16.74
CA VAL D 140 2.96 25.28 -16.78
C VAL D 140 3.65 26.62 -17.01
N THR D 141 4.83 26.77 -16.42
CA THR D 141 5.64 27.97 -16.56
C THR D 141 7.11 27.55 -16.59
N ASP D 142 7.98 28.46 -17.04
CA ASP D 142 9.42 28.20 -17.05
C ASP D 142 10.04 29.30 -16.21
N GLY D 143 9.18 30.06 -15.52
CA GLY D 143 9.62 31.13 -14.65
C GLY D 143 10.41 32.29 -15.24
N GLU D 144 10.36 32.49 -16.55
CA GLU D 144 11.12 33.58 -17.14
C GLU D 144 10.44 34.95 -17.04
N ARG D 145 9.12 34.95 -16.98
CA ARG D 145 8.37 36.21 -16.88
C ARG D 145 7.32 36.11 -15.79
N ILE D 146 7.75 36.08 -14.53
CA ILE D 146 6.82 35.99 -13.42
C ILE D 146 6.21 37.36 -13.14
N LEU D 147 4.92 37.52 -13.48
CA LEU D 147 4.21 38.79 -13.31
C LEU D 147 5.09 39.82 -14.00
N GLY D 148 5.41 40.92 -13.31
CA GLY D 148 6.27 41.93 -13.89
C GLY D 148 7.59 41.88 -13.14
N LEU D 149 7.79 40.79 -12.39
CA LEU D 149 8.97 40.56 -11.57
C LEU D 149 10.19 40.03 -12.34
N GLY D 150 9.97 39.49 -13.53
CA GLY D 150 11.09 38.97 -14.30
C GLY D 150 11.38 37.48 -14.16
N ASP D 151 12.65 37.13 -14.34
CA ASP D 151 13.14 35.76 -14.27
C ASP D 151 13.38 35.30 -12.83
N LEU D 152 12.53 34.39 -12.34
CA LEU D 152 12.68 33.87 -10.99
C LEU D 152 12.94 32.37 -11.01
N GLY D 153 13.21 31.83 -12.19
CA GLY D 153 13.49 30.41 -12.33
C GLY D 153 12.45 29.54 -11.67
N VAL D 154 12.92 28.49 -10.99
CA VAL D 154 12.05 27.54 -10.32
C VAL D 154 11.24 28.16 -9.19
N TYR D 155 11.65 29.34 -8.74
CA TYR D 155 10.92 30.05 -7.69
C TYR D 155 9.57 30.46 -8.25
N GLY D 156 9.44 30.39 -9.58
CA GLY D 156 8.20 30.76 -10.21
C GLY D 156 7.11 29.69 -10.13
N MSE D 157 7.42 28.54 -9.54
CA MSE D 157 6.42 27.46 -9.43
C MSE D 157 5.22 27.93 -8.62
O MSE D 157 4.14 27.39 -8.75
CB MSE D 157 7.07 26.22 -8.78
CG MSE D 157 6.12 25.09 -8.38
SE MSE D 157 5.09 24.40 -9.90
CE MSE D 157 3.40 24.45 -8.99
N GLY D 158 5.42 28.94 -7.79
CA GLY D 158 4.31 29.46 -6.99
C GLY D 158 3.16 29.98 -7.83
N ILE D 159 3.46 30.45 -9.04
CA ILE D 159 2.43 30.98 -9.93
C ILE D 159 1.48 29.88 -10.38
N PRO D 160 2.00 28.79 -10.96
CA PRO D 160 1.10 27.71 -11.40
C PRO D 160 0.24 27.16 -10.26
N VAL D 161 0.81 27.04 -9.07
CA VAL D 161 0.03 26.52 -7.96
C VAL D 161 -1.08 27.50 -7.60
N GLY D 162 -0.77 28.79 -7.69
CA GLY D 162 -1.76 29.82 -7.38
C GLY D 162 -2.89 29.81 -8.41
N LYS D 163 -2.54 29.72 -9.69
CA LYS D 163 -3.54 29.68 -10.73
C LYS D 163 -4.47 28.47 -10.55
N LEU D 164 -3.90 27.29 -10.32
CA LEU D 164 -4.72 26.09 -10.15
C LEU D 164 -5.64 26.16 -8.93
N CYS D 165 -5.27 26.94 -7.92
CA CYS D 165 -6.14 27.08 -6.75
C CYS D 165 -7.41 27.80 -7.17
N LEU D 166 -7.24 28.77 -8.06
CA LEU D 166 -8.36 29.56 -8.54
C LEU D 166 -9.23 28.74 -9.52
N TYR D 167 -8.63 27.76 -10.17
CA TYR D 167 -9.39 26.90 -11.08
C TYR D 167 -10.49 26.28 -10.23
N THR D 168 -10.07 25.74 -9.08
CA THR D 168 -10.97 25.09 -8.14
C THR D 168 -11.85 26.02 -7.34
N ALA D 169 -11.25 27.04 -6.71
CA ALA D 169 -12.03 27.97 -5.89
C ALA D 169 -13.04 28.78 -6.71
N CYS D 170 -12.67 29.18 -7.91
CA CYS D 170 -13.56 29.97 -8.77
C CYS D 170 -14.55 29.18 -9.63
N ALA D 171 -14.06 28.17 -10.35
CA ALA D 171 -14.87 27.39 -11.26
C ALA D 171 -15.24 25.96 -10.85
N GLY D 172 -14.85 25.56 -9.65
CA GLY D 172 -15.21 24.22 -9.20
C GLY D 172 -14.57 23.07 -9.97
N ILE D 173 -13.40 23.32 -10.54
CA ILE D 173 -12.68 22.28 -11.27
C ILE D 173 -12.01 21.40 -10.21
N ARG D 174 -12.19 20.08 -10.33
CA ARG D 174 -11.62 19.12 -9.37
C ARG D 174 -10.11 19.24 -9.19
N PRO D 175 -9.66 19.51 -7.96
CA PRO D 175 -8.24 19.66 -7.62
C PRO D 175 -7.42 18.45 -8.02
N ASP D 176 -7.96 17.25 -7.83
CA ASP D 176 -7.23 16.04 -8.18
C ASP D 176 -7.02 15.87 -9.68
N ARG D 177 -7.61 16.75 -10.47
CA ARG D 177 -7.43 16.69 -11.92
C ARG D 177 -6.65 17.87 -12.45
N CYS D 178 -5.99 18.57 -11.53
CA CYS D 178 -5.17 19.73 -11.87
C CYS D 178 -3.69 19.41 -11.62
N LEU D 179 -2.82 19.95 -12.45
CA LEU D 179 -1.39 19.69 -12.30
C LEU D 179 -0.49 20.88 -12.60
N PRO D 180 0.15 21.45 -11.57
CA PRO D 180 1.04 22.59 -11.76
C PRO D 180 2.41 22.06 -12.20
N VAL D 181 2.98 22.65 -13.24
CA VAL D 181 4.26 22.19 -13.76
C VAL D 181 5.23 23.33 -13.93
N CYS D 182 6.48 23.08 -13.56
CA CYS D 182 7.53 24.06 -13.72
C CYS D 182 8.62 23.44 -14.60
N ILE D 183 8.96 24.10 -15.69
CA ILE D 183 10.01 23.61 -16.58
C ILE D 183 11.28 24.39 -16.23
N ASP D 184 12.31 23.68 -15.75
CA ASP D 184 13.57 24.31 -15.35
C ASP D 184 14.73 24.09 -16.30
N VAL D 185 15.11 25.15 -17.01
CA VAL D 185 16.21 25.09 -17.97
C VAL D 185 17.29 26.09 -17.60
N GLY D 186 17.27 26.51 -16.33
CA GLY D 186 18.24 27.48 -15.87
C GLY D 186 17.57 28.81 -15.62
N THR D 187 18.36 29.79 -15.22
CA THR D 187 17.84 31.13 -14.97
C THR D 187 18.95 32.17 -15.18
N ASP D 188 18.59 33.32 -15.73
CA ASP D 188 19.57 34.37 -15.96
C ASP D 188 19.59 35.36 -14.80
N ASN D 189 18.81 35.06 -13.75
CA ASN D 189 18.76 35.90 -12.57
C ASN D 189 20.05 35.63 -11.82
N ILE D 190 20.94 36.61 -11.80
CA ILE D 190 22.23 36.45 -11.15
C ILE D 190 22.14 36.29 -9.65
N ALA D 191 21.16 36.92 -9.02
CA ALA D 191 20.99 36.83 -7.58
C ALA D 191 20.64 35.40 -7.16
N LEU D 192 19.83 34.72 -7.96
CA LEU D 192 19.43 33.36 -7.64
C LEU D 192 20.56 32.35 -7.82
N LEU D 193 21.41 32.58 -8.82
CA LEU D 193 22.51 31.67 -9.08
C LEU D 193 23.55 31.65 -7.95
N LYS D 194 23.45 32.61 -7.02
CA LYS D 194 24.37 32.65 -5.88
C LYS D 194 23.61 32.43 -4.57
N ASP D 195 22.32 32.15 -4.68
CA ASP D 195 21.46 31.90 -3.50
C ASP D 195 21.55 30.41 -3.15
N PRO D 196 22.03 30.08 -1.95
CA PRO D 196 22.14 28.67 -1.55
C PRO D 196 20.80 27.99 -1.33
N PHE D 197 19.72 28.76 -1.32
CA PHE D 197 18.39 28.20 -1.12
C PHE D 197 17.63 28.04 -2.43
N TYR D 198 18.26 28.43 -3.53
CA TYR D 198 17.61 28.32 -4.84
C TYR D 198 17.24 26.85 -5.09
N MSE D 199 16.04 26.63 -5.62
CA MSE D 199 15.53 25.28 -5.87
C MSE D 199 15.70 24.72 -7.27
O MSE D 199 15.20 23.63 -7.56
CB MSE D 199 14.05 25.24 -5.44
CG MSE D 199 13.79 25.76 -4.03
SE MSE D 199 11.91 26.23 -3.81
CE MSE D 199 11.42 26.49 -5.65
N GLY D 200 16.38 25.43 -8.15
CA GLY D 200 16.55 24.93 -9.50
C GLY D 200 18.00 24.67 -9.88
N LEU D 201 18.20 24.34 -11.16
CA LEU D 201 19.52 24.08 -11.70
C LEU D 201 20.36 25.35 -11.64
N TYR D 202 21.61 25.22 -11.21
CA TYR D 202 22.48 26.39 -11.13
C TYR D 202 23.19 26.64 -12.46
N GLN D 203 22.43 27.10 -13.45
CA GLN D 203 23.01 27.39 -14.75
C GLN D 203 22.18 28.45 -15.44
N LYS D 204 22.77 29.14 -16.40
CA LYS D 204 22.08 30.17 -17.18
C LYS D 204 21.03 29.45 -18.04
N ARG D 205 20.00 30.18 -18.48
CA ARG D 205 18.95 29.57 -19.30
C ARG D 205 19.47 28.99 -20.61
N ASP D 206 19.09 27.75 -20.89
CA ASP D 206 19.48 27.10 -22.13
C ASP D 206 18.51 27.65 -23.17
N ARG D 207 19.02 28.37 -24.16
CA ARG D 207 18.17 28.95 -25.18
C ARG D 207 18.36 28.27 -26.54
N THR D 208 18.99 27.11 -26.53
CA THR D 208 19.23 26.39 -27.76
C THR D 208 18.00 25.55 -28.12
N GLN D 209 18.11 24.80 -29.22
CA GLN D 209 17.03 23.94 -29.67
C GLN D 209 16.66 22.90 -28.61
N GLN D 210 17.59 22.64 -27.68
CA GLN D 210 17.31 21.67 -26.63
C GLN D 210 16.15 22.10 -25.76
N TYR D 211 15.97 23.42 -25.66
CA TYR D 211 14.87 24.00 -24.89
C TYR D 211 13.57 23.63 -25.61
N ASP D 212 13.52 23.90 -26.90
CA ASP D 212 12.34 23.58 -27.68
C ASP D 212 12.07 22.10 -27.64
N ASP D 213 13.11 21.29 -27.73
CA ASP D 213 12.96 19.85 -27.73
C ASP D 213 12.36 19.39 -26.40
N LEU D 214 12.79 20.02 -25.31
CA LEU D 214 12.27 19.68 -23.99
C LEU D 214 10.77 20.01 -23.90
N ILE D 215 10.36 21.18 -24.39
CA ILE D 215 8.95 21.52 -24.33
C ILE D 215 8.14 20.52 -25.15
N ASP D 216 8.67 20.15 -26.32
CA ASP D 216 8.00 19.19 -27.19
C ASP D 216 7.80 17.87 -26.48
N GLU D 217 8.87 17.39 -25.84
CA GLU D 217 8.84 16.13 -25.11
C GLU D 217 7.79 16.22 -23.99
N PHE D 218 7.71 17.39 -23.38
CA PHE D 218 6.75 17.60 -22.29
C PHE D 218 5.30 17.53 -22.77
N MSE D 219 5.00 18.21 -23.88
CA MSE D 219 3.65 18.21 -24.43
C MSE D 219 3.23 16.80 -24.83
O MSE D 219 2.10 16.38 -24.60
CB MSE D 219 3.59 19.15 -25.64
CG MSE D 219 2.40 20.11 -25.65
SE MSE D 219 2.53 21.36 -24.17
CE MSE D 219 4.02 22.35 -24.85
N LYS D 220 4.15 16.06 -25.44
CA LYS D 220 3.89 14.69 -25.86
C LYS D 220 3.68 13.77 -24.66
N ALA D 221 4.55 13.90 -23.66
CA ALA D 221 4.45 13.06 -22.46
C ALA D 221 3.14 13.28 -21.73
N ILE D 222 2.79 14.55 -21.52
CA ILE D 222 1.55 14.88 -20.83
C ILE D 222 0.34 14.31 -21.53
N THR D 223 0.24 14.53 -22.83
CA THR D 223 -0.89 14.03 -23.59
C THR D 223 -0.87 12.53 -23.79
N ASP D 224 0.31 11.94 -23.87
CA ASP D 224 0.38 10.48 -24.01
C ASP D 224 -0.19 9.78 -22.80
N ARG D 225 -0.01 10.35 -21.61
CA ARG D 225 -0.51 9.71 -20.41
C ARG D 225 -1.95 10.08 -20.08
N TYR D 226 -2.30 11.35 -20.22
CA TYR D 226 -3.64 11.79 -19.87
C TYR D 226 -4.67 12.07 -20.96
N GLY D 227 -4.24 12.11 -22.22
CA GLY D 227 -5.17 12.38 -23.30
C GLY D 227 -4.79 13.58 -24.14
N ARG D 228 -5.11 13.55 -25.42
CA ARG D 228 -4.77 14.64 -26.30
C ARG D 228 -5.57 15.91 -26.06
N ASN D 229 -6.69 15.82 -25.35
CA ASN D 229 -7.49 17.01 -25.10
C ASN D 229 -7.28 17.60 -23.70
N THR D 230 -6.19 17.19 -23.07
CA THR D 230 -5.83 17.69 -21.74
C THR D 230 -5.56 19.18 -21.90
N LEU D 231 -6.23 20.00 -21.10
CA LEU D 231 -6.05 21.44 -21.18
C LEU D 231 -4.69 21.83 -20.63
N ILE D 232 -3.89 22.51 -21.45
CA ILE D 232 -2.57 22.93 -21.04
C ILE D 232 -2.47 24.44 -21.14
N GLN D 233 -2.46 25.10 -19.99
CA GLN D 233 -2.38 26.55 -19.92
C GLN D 233 -0.94 27.03 -19.71
N PHE D 234 -0.41 27.78 -20.67
CA PHE D 234 0.92 28.34 -20.56
C PHE D 234 0.86 29.61 -19.75
N GLU D 235 1.77 29.72 -18.77
CA GLU D 235 1.79 30.88 -17.90
C GLU D 235 3.19 31.44 -17.64
N ASP D 236 3.30 32.76 -17.79
CA ASP D 236 4.54 33.49 -17.55
C ASP D 236 5.81 33.04 -18.27
N PHE D 237 5.68 32.81 -19.59
CA PHE D 237 6.82 32.45 -20.43
C PHE D 237 7.32 33.76 -21.02
N GLY D 238 8.59 33.80 -21.42
CA GLY D 238 9.14 35.00 -21.99
C GLY D 238 8.41 35.38 -23.27
N ASN D 239 8.47 36.66 -23.63
CA ASN D 239 7.82 37.20 -24.82
C ASN D 239 7.99 36.35 -26.08
N HIS D 240 9.24 36.12 -26.48
CA HIS D 240 9.52 35.32 -27.68
C HIS D 240 8.89 33.94 -27.64
N ASN D 241 9.31 33.14 -26.66
CA ASN D 241 8.80 31.79 -26.48
C ASN D 241 7.27 31.70 -26.38
N ALA D 242 6.64 32.67 -25.72
CA ALA D 242 5.19 32.65 -25.54
C ALA D 242 4.40 32.59 -26.84
N PHE D 243 4.70 33.48 -27.77
CA PHE D 243 3.98 33.50 -29.03
C PHE D 243 4.27 32.27 -29.86
N ARG D 244 5.55 31.94 -30.03
CA ARG D 244 5.88 30.80 -30.85
C ARG D 244 5.38 29.47 -30.33
N PHE D 245 5.24 29.33 -29.01
CA PHE D 245 4.72 28.08 -28.48
C PHE D 245 3.22 28.06 -28.70
N LEU D 246 2.59 29.23 -28.61
CA LEU D 246 1.15 29.34 -28.81
C LEU D 246 0.86 28.90 -30.25
N ARG D 247 1.51 29.58 -31.19
CA ARG D 247 1.35 29.30 -32.61
C ARG D 247 1.66 27.84 -32.94
N LYS D 248 2.75 27.34 -32.38
CA LYS D 248 3.19 25.99 -32.63
C LYS D 248 2.26 24.88 -32.11
N TYR D 249 1.65 25.11 -30.95
CA TYR D 249 0.80 24.07 -30.36
C TYR D 249 -0.72 24.25 -30.41
N ARG D 250 -1.20 25.47 -30.59
CA ARG D 250 -2.65 25.72 -30.57
C ARG D 250 -3.50 24.88 -31.50
N GLU D 251 -2.90 24.36 -32.57
CA GLU D 251 -3.64 23.56 -33.53
C GLU D 251 -3.40 22.07 -33.35
N LYS D 252 -2.41 21.71 -32.54
CA LYS D 252 -2.11 20.31 -32.34
C LYS D 252 -2.50 19.81 -30.96
N TYR D 253 -2.60 20.72 -30.00
CA TYR D 253 -2.98 20.35 -28.64
C TYR D 253 -4.08 21.28 -28.18
N CYS D 254 -4.60 21.03 -26.98
CA CYS D 254 -5.63 21.87 -26.43
C CYS D 254 -4.89 22.80 -25.51
N THR D 255 -4.48 23.94 -26.05
CA THR D 255 -3.69 24.88 -25.27
C THR D 255 -3.95 26.35 -25.55
N PHE D 256 -3.65 27.19 -24.56
CA PHE D 256 -3.79 28.63 -24.69
C PHE D 256 -2.79 29.29 -23.78
N ASN D 257 -2.50 30.56 -24.04
CA ASN D 257 -1.56 31.31 -23.23
C ASN D 257 -2.36 32.35 -22.46
N ASP D 258 -2.30 32.26 -21.14
CA ASP D 258 -3.02 33.14 -20.24
C ASP D 258 -2.61 34.61 -20.28
N ASP D 259 -1.34 34.86 -20.58
CA ASP D 259 -0.84 36.22 -20.62
C ASP D 259 -1.11 36.91 -21.94
N ILE D 260 -1.41 36.12 -22.97
CA ILE D 260 -1.71 36.67 -24.29
C ILE D 260 -3.21 36.71 -24.52
N GLN D 261 -3.89 35.58 -24.29
CA GLN D 261 -5.33 35.47 -24.50
C GLN D 261 -6.21 35.73 -23.28
N GLY D 262 -5.79 35.24 -22.11
CA GLY D 262 -6.60 35.46 -20.93
C GLY D 262 -6.66 36.94 -20.58
N THR D 263 -5.49 37.59 -20.54
CA THR D 263 -5.42 39.00 -20.24
C THR D 263 -6.12 39.82 -21.32
N ALA D 264 -6.03 39.35 -22.56
CA ALA D 264 -6.67 40.05 -23.65
C ALA D 264 -8.18 40.11 -23.43
N ALA D 265 -8.77 38.98 -23.04
CA ALA D 265 -10.20 38.91 -22.83
C ALA D 265 -10.71 39.74 -21.65
N VAL D 266 -9.96 39.81 -20.55
CA VAL D 266 -10.43 40.59 -19.41
C VAL D 266 -10.29 42.09 -19.67
N ALA D 267 -9.27 42.44 -20.47
CA ALA D 267 -9.06 43.84 -20.81
C ALA D 267 -10.25 44.27 -21.66
N LEU D 268 -10.55 43.47 -22.67
CA LEU D 268 -11.65 43.75 -23.58
C LEU D 268 -12.96 43.93 -22.82
N ALA D 269 -13.20 43.07 -21.84
CA ALA D 269 -14.41 43.13 -21.03
C ALA D 269 -14.50 44.47 -20.34
N GLY D 270 -13.34 44.98 -19.91
CA GLY D 270 -13.29 46.26 -19.24
C GLY D 270 -13.65 47.40 -20.20
N LEU D 271 -13.06 47.38 -21.39
CA LEU D 271 -13.33 48.41 -22.39
C LEU D 271 -14.79 48.40 -22.83
N LEU D 272 -15.39 47.22 -22.94
CA LEU D 272 -16.79 47.11 -23.34
C LEU D 272 -17.68 47.75 -22.26
N ALA D 273 -17.32 47.53 -21.00
CA ALA D 273 -18.08 48.09 -19.89
C ALA D 273 -17.93 49.60 -19.93
N ALA D 274 -16.71 50.07 -20.14
CA ALA D 274 -16.44 51.51 -20.21
C ALA D 274 -17.25 52.14 -21.34
N GLN D 275 -17.25 51.51 -22.52
CA GLN D 275 -18.01 52.04 -23.64
C GLN D 275 -19.50 52.17 -23.29
N LYS D 276 -19.98 51.30 -22.40
CA LYS D 276 -21.37 51.33 -21.98
C LYS D 276 -21.71 52.61 -21.22
N VAL D 277 -20.70 53.26 -20.65
CA VAL D 277 -20.95 54.49 -19.90
C VAL D 277 -20.47 55.73 -20.64
N ILE D 278 -19.67 55.53 -21.68
CA ILE D 278 -19.15 56.66 -22.45
C ILE D 278 -19.85 56.82 -23.80
N SER D 279 -20.23 55.70 -24.42
CA SER D 279 -20.91 55.72 -25.71
C SER D 279 -20.16 56.57 -26.71
N LYS D 280 -18.89 56.25 -26.93
CA LYS D 280 -18.04 56.99 -27.88
C LYS D 280 -18.27 56.43 -29.28
N PRO D 281 -18.44 57.31 -30.28
CA PRO D 281 -18.65 56.82 -31.65
C PRO D 281 -17.46 55.95 -32.07
N ILE D 282 -17.74 54.70 -32.41
CA ILE D 282 -16.72 53.74 -32.81
C ILE D 282 -15.59 54.32 -33.68
N SER D 283 -15.89 55.35 -34.46
CA SER D 283 -14.88 55.95 -35.33
C SER D 283 -13.88 56.85 -34.61
N GLU D 284 -14.28 57.37 -33.45
CA GLU D 284 -13.42 58.27 -32.68
C GLU D 284 -12.57 57.55 -31.63
N HIS D 285 -12.52 56.23 -31.69
CA HIS D 285 -11.73 55.48 -30.73
C HIS D 285 -10.26 55.51 -31.12
N LYS D 286 -9.42 55.81 -30.14
CA LYS D 286 -7.98 55.87 -30.35
C LYS D 286 -7.35 55.22 -29.13
N ILE D 287 -6.76 54.05 -29.33
CA ILE D 287 -6.16 53.31 -28.23
C ILE D 287 -4.64 53.32 -28.27
N LEU D 288 -4.03 53.74 -27.16
CA LEU D 288 -2.57 53.78 -27.05
C LEU D 288 -2.06 52.81 -25.98
N PHE D 289 -1.19 51.90 -26.40
CA PHE D 289 -0.63 50.90 -25.50
C PHE D 289 0.75 51.29 -24.94
N LEU D 290 0.95 51.04 -23.64
CA LEU D 290 2.25 51.28 -23.03
C LEU D 290 2.82 49.87 -23.02
N GLY D 291 3.67 49.58 -23.99
CA GLY D 291 4.25 48.25 -24.10
C GLY D 291 3.67 47.63 -25.36
N ALA D 292 4.36 46.64 -25.92
CA ALA D 292 3.88 46.00 -27.14
C ALA D 292 4.24 44.52 -27.15
N GLY D 293 3.97 43.84 -26.03
CA GLY D 293 4.30 42.43 -25.96
C GLY D 293 3.11 41.49 -25.85
N GLU D 294 3.28 40.46 -25.04
CA GLU D 294 2.23 39.45 -24.84
C GLU D 294 0.83 40.04 -24.63
N ALA D 295 0.67 40.87 -23.62
CA ALA D 295 -0.62 41.47 -23.32
C ALA D 295 -1.09 42.49 -24.36
N ALA D 296 -0.20 43.40 -24.75
CA ALA D 296 -0.56 44.42 -25.74
C ALA D 296 -1.07 43.79 -27.04
N LEU D 297 -0.30 42.86 -27.59
CA LEU D 297 -0.69 42.21 -28.84
C LEU D 297 -1.96 41.37 -28.68
N GLY D 298 -2.09 40.69 -27.54
CA GLY D 298 -3.27 39.89 -27.29
C GLY D 298 -4.51 40.77 -27.19
N ILE D 299 -4.40 41.85 -26.42
CA ILE D 299 -5.52 42.77 -26.26
C ILE D 299 -5.86 43.43 -27.60
N ALA D 300 -4.85 43.96 -28.28
CA ALA D 300 -5.06 44.62 -29.56
C ALA D 300 -5.83 43.74 -30.57
N ASN D 301 -5.42 42.48 -30.68
CA ASN D 301 -6.06 41.53 -31.60
C ASN D 301 -7.51 41.25 -31.21
N LEU D 302 -7.81 41.31 -29.91
CA LEU D 302 -9.17 41.05 -29.45
C LEU D 302 -10.04 42.30 -29.65
N ILE D 303 -9.46 43.48 -29.45
CA ILE D 303 -10.20 44.71 -29.64
C ILE D 303 -10.61 44.77 -31.11
N VAL D 304 -9.68 44.44 -31.99
CA VAL D 304 -9.90 44.45 -33.43
C VAL D 304 -11.04 43.50 -33.84
N MSE D 305 -11.10 42.31 -33.24
CA MSE D 305 -12.17 41.37 -33.57
C MSE D 305 -13.52 41.95 -33.16
O MSE D 305 -14.52 41.74 -33.84
CB MSE D 305 -11.96 40.03 -32.84
CG MSE D 305 -10.80 39.20 -33.36
SE MSE D 305 -10.64 37.58 -32.33
CE MSE D 305 -11.85 36.44 -33.30
N SER D 306 -13.52 42.67 -32.04
CA SER D 306 -14.74 43.29 -31.54
C SER D 306 -15.21 44.41 -32.48
N MSE D 307 -14.26 45.21 -32.96
CA MSE D 307 -14.61 46.30 -33.87
C MSE D 307 -15.09 45.76 -35.21
O MSE D 307 -16.01 46.30 -35.82
CB MSE D 307 -13.41 47.24 -34.06
CG MSE D 307 -13.07 48.07 -32.83
SE MSE D 307 -11.58 49.27 -33.20
CE MSE D 307 -10.13 48.03 -33.00
N VAL D 308 -14.46 44.68 -35.67
CA VAL D 308 -14.84 44.06 -36.94
C VAL D 308 -16.27 43.54 -36.90
N GLU D 309 -16.65 42.87 -35.82
CA GLU D 309 -18.01 42.35 -35.75
C GLU D 309 -19.00 43.46 -35.40
N ASN D 310 -18.53 44.69 -35.39
CA ASN D 310 -19.38 45.85 -35.12
C ASN D 310 -19.33 46.89 -36.23
N GLY D 311 -18.97 46.45 -37.44
CA GLY D 311 -18.90 47.36 -38.56
C GLY D 311 -17.54 47.51 -39.23
N LEU D 312 -16.64 48.21 -38.55
CA LEU D 312 -15.29 48.46 -39.06
C LEU D 312 -14.62 47.26 -39.71
N SER D 313 -13.71 47.55 -40.62
CA SER D 313 -12.93 46.53 -41.33
C SER D 313 -11.70 46.26 -40.47
N GLU D 314 -11.10 45.09 -40.65
CA GLU D 314 -9.92 44.74 -39.89
C GLU D 314 -8.85 45.82 -40.04
N GLN D 315 -8.69 46.31 -41.26
CA GLN D 315 -7.69 47.35 -41.52
C GLN D 315 -7.99 48.68 -40.83
N GLU D 316 -9.24 49.14 -40.90
CA GLU D 316 -9.62 50.40 -40.28
C GLU D 316 -9.55 50.32 -38.76
N ALA D 317 -9.81 49.13 -38.21
CA ALA D 317 -9.77 48.93 -36.77
C ALA D 317 -8.34 48.98 -36.28
N GLN D 318 -7.44 48.31 -37.00
CA GLN D 318 -6.05 48.28 -36.63
C GLN D 318 -5.39 49.65 -36.64
N LYS D 319 -5.97 50.58 -37.42
CA LYS D 319 -5.44 51.94 -37.51
C LYS D 319 -5.78 52.79 -36.28
N LYS D 320 -6.71 52.31 -35.48
CA LYS D 320 -7.11 53.03 -34.28
C LYS D 320 -6.26 52.60 -33.08
N ILE D 321 -5.33 51.68 -33.31
CA ILE D 321 -4.49 51.19 -32.23
C ILE D 321 -3.01 51.50 -32.39
N TRP D 322 -2.45 52.17 -31.39
CA TRP D 322 -1.04 52.53 -31.37
C TRP D 322 -0.32 51.86 -30.20
N MSE D 323 0.99 51.64 -30.36
CA MSE D 323 1.77 51.02 -29.30
C MSE D 323 3.09 51.76 -29.07
O MSE D 323 3.70 52.27 -30.01
CB MSE D 323 2.04 49.55 -29.63
CG MSE D 323 0.77 48.75 -29.91
SE MSE D 323 1.17 46.86 -30.05
CE MSE D 323 1.90 46.83 -31.83
N PHE D 324 3.51 51.82 -27.80
CA PHE D 324 4.74 52.50 -27.41
C PHE D 324 5.51 51.58 -26.46
N ASP D 325 6.66 51.04 -26.90
CA ASP D 325 7.42 50.15 -26.03
C ASP D 325 8.68 50.82 -25.44
N LYS D 326 9.62 50.01 -24.95
CA LYS D 326 10.83 50.54 -24.32
C LYS D 326 11.72 51.38 -25.24
N TYR D 327 11.51 51.30 -26.54
CA TYR D 327 12.28 52.05 -27.52
C TYR D 327 11.50 53.22 -28.11
N GLY D 328 10.22 53.30 -27.78
CA GLY D 328 9.43 54.40 -28.30
C GLY D 328 8.26 53.93 -29.13
N LEU D 329 7.56 54.88 -29.75
CA LEU D 329 6.40 54.57 -30.57
C LEU D 329 6.74 53.63 -31.72
N LEU D 330 5.88 52.65 -31.97
CA LEU D 330 6.10 51.72 -33.07
C LEU D 330 5.65 52.39 -34.38
N VAL D 331 6.62 52.88 -35.15
CA VAL D 331 6.34 53.51 -36.43
C VAL D 331 7.13 52.82 -37.53
N LYS D 332 6.62 52.85 -38.76
CA LYS D 332 7.30 52.21 -39.87
C LYS D 332 8.72 52.74 -40.04
N GLY D 333 9.68 51.84 -40.23
CA GLY D 333 11.06 52.26 -40.43
C GLY D 333 11.87 52.70 -39.21
N ARG D 334 11.40 52.41 -37.99
CA ARG D 334 12.17 52.80 -36.81
C ARG D 334 13.38 51.87 -36.71
N LYS D 335 14.40 52.27 -35.96
CA LYS D 335 15.59 51.45 -35.83
C LYS D 335 15.30 50.18 -35.02
N ALA D 336 14.46 50.30 -34.00
CA ALA D 336 14.12 49.16 -33.16
C ALA D 336 13.24 48.19 -33.94
N LYS D 337 13.53 46.90 -33.81
CA LYS D 337 12.78 45.85 -34.52
C LYS D 337 11.27 45.93 -34.35
N ILE D 338 10.59 45.22 -35.23
CA ILE D 338 9.14 45.12 -35.23
C ILE D 338 8.84 43.81 -35.90
N ASP D 339 8.28 42.90 -35.11
CA ASP D 339 7.97 41.56 -35.60
C ASP D 339 6.64 41.47 -36.32
N SER D 340 6.34 40.27 -36.81
CA SER D 340 5.12 39.99 -37.55
C SER D 340 3.84 40.36 -36.80
N TYR D 341 3.81 40.14 -35.49
CA TYR D 341 2.63 40.44 -34.68
C TYR D 341 2.40 41.93 -34.46
N GLN D 342 3.49 42.69 -34.43
CA GLN D 342 3.40 44.13 -34.21
C GLN D 342 3.15 44.93 -35.49
N GLU D 343 3.46 44.33 -36.64
CA GLU D 343 3.28 44.96 -37.94
C GLU D 343 1.93 45.66 -38.13
N PRO D 344 0.82 44.94 -37.89
CA PRO D 344 -0.53 45.52 -38.06
C PRO D 344 -0.81 46.78 -37.25
N PHE D 345 -0.01 47.02 -36.22
CA PHE D 345 -0.24 48.19 -35.37
C PHE D 345 0.92 49.18 -35.43
N THR D 346 1.78 48.97 -36.42
CA THR D 346 2.94 49.83 -36.65
C THR D 346 2.56 50.76 -37.79
N HIS D 347 2.22 51.99 -37.45
CA HIS D 347 1.79 52.97 -38.45
C HIS D 347 2.89 53.91 -38.92
N SER D 348 2.55 54.73 -39.91
CA SER D 348 3.48 55.70 -40.46
C SER D 348 3.70 56.80 -39.44
N ALA D 349 4.97 57.17 -39.23
CA ALA D 349 5.33 58.20 -38.28
C ALA D 349 4.42 59.42 -38.36
N PRO D 350 3.91 59.90 -37.20
CA PRO D 350 3.02 61.07 -37.14
C PRO D 350 3.80 62.36 -37.41
N GLU D 351 3.12 63.50 -37.19
CA GLU D 351 3.70 64.83 -37.38
C GLU D 351 5.07 64.97 -36.74
N SER D 352 5.18 64.51 -35.49
CA SER D 352 6.42 64.54 -34.73
C SER D 352 6.55 63.22 -34.00
N ILE D 353 7.78 62.73 -33.83
CA ILE D 353 8.00 61.47 -33.14
C ILE D 353 8.13 61.70 -31.64
N PRO D 354 7.23 61.09 -30.85
CA PRO D 354 7.23 61.24 -29.39
C PRO D 354 8.43 60.57 -28.73
N ASP D 355 9.00 61.27 -27.77
CA ASP D 355 10.17 60.79 -27.04
C ASP D 355 9.74 60.01 -25.81
N THR D 356 8.78 60.55 -25.06
CA THR D 356 8.30 59.88 -23.85
C THR D 356 6.85 59.45 -24.08
N PHE D 357 6.25 58.78 -23.10
CA PHE D 357 4.88 58.34 -23.26
C PHE D 357 3.96 59.56 -23.18
N GLU D 358 4.33 60.53 -22.36
CA GLU D 358 3.54 61.75 -22.22
C GLU D 358 3.47 62.45 -23.58
N ASP D 359 4.55 62.43 -24.35
CA ASP D 359 4.54 63.06 -25.66
C ASP D 359 3.62 62.29 -26.58
N ALA D 360 3.62 60.96 -26.44
CA ALA D 360 2.78 60.11 -27.28
C ALA D 360 1.30 60.41 -27.03
N VAL D 361 0.97 60.71 -25.78
CA VAL D 361 -0.40 61.02 -25.41
C VAL D 361 -0.86 62.36 -25.98
N ASN D 362 0.00 63.38 -25.88
CA ASN D 362 -0.33 64.71 -26.37
C ASN D 362 -0.35 64.82 -27.90
N ILE D 363 0.45 64.01 -28.55
CA ILE D 363 0.54 64.01 -30.02
C ILE D 363 -0.57 63.18 -30.65
N LEU D 364 -0.79 61.97 -30.13
CA LEU D 364 -1.83 61.08 -30.67
C LEU D 364 -3.21 61.34 -30.07
N LYS D 365 -3.25 61.94 -28.88
CA LYS D 365 -4.51 62.23 -28.18
C LYS D 365 -5.43 61.00 -28.12
N PRO D 366 -4.95 59.91 -27.53
CA PRO D 366 -5.76 58.69 -27.43
C PRO D 366 -6.91 58.87 -26.45
N SER D 367 -7.97 58.10 -26.64
CA SER D 367 -9.13 58.14 -25.76
C SER D 367 -8.96 57.08 -24.67
N THR D 368 -8.11 56.10 -24.95
CA THR D 368 -7.83 55.02 -24.02
C THR D 368 -6.34 54.79 -23.87
N ILE D 369 -5.91 54.60 -22.64
CA ILE D 369 -4.51 54.35 -22.35
C ILE D 369 -4.45 53.00 -21.59
N ILE D 370 -3.66 52.06 -22.10
CA ILE D 370 -3.53 50.74 -21.47
C ILE D 370 -2.10 50.38 -21.07
N GLY D 371 -1.87 50.29 -19.77
CA GLY D 371 -0.55 49.98 -19.27
C GLY D 371 -0.26 48.50 -19.12
N VAL D 372 0.68 48.01 -19.90
CA VAL D 372 1.07 46.60 -19.87
C VAL D 372 2.56 46.49 -20.17
N ALA D 373 3.36 47.24 -19.42
CA ALA D 373 4.81 47.21 -19.63
C ALA D 373 5.54 46.45 -18.54
N GLY D 374 4.85 46.20 -17.43
CA GLY D 374 5.47 45.49 -16.32
C GLY D 374 6.74 46.16 -15.82
N ALA D 375 6.80 47.49 -15.91
CA ALA D 375 7.99 48.23 -15.51
C ALA D 375 7.82 49.36 -14.50
N GLY D 376 6.76 49.33 -13.70
CA GLY D 376 6.59 50.40 -12.72
C GLY D 376 5.70 51.55 -13.16
N ARG D 377 5.74 52.62 -12.38
CA ARG D 377 4.92 53.81 -12.59
C ARG D 377 5.18 54.65 -13.85
N LEU D 378 4.95 54.06 -15.02
CA LEU D 378 5.16 54.81 -16.25
C LEU D 378 4.01 55.77 -16.55
N PHE D 379 2.87 55.59 -15.88
CA PHE D 379 1.74 56.51 -16.07
C PHE D 379 1.90 57.59 -15.02
N THR D 380 2.81 58.52 -15.31
CA THR D 380 3.14 59.62 -14.42
C THR D 380 1.98 60.59 -14.26
N PRO D 381 2.04 61.45 -13.22
CA PRO D 381 0.99 62.43 -12.95
C PRO D 381 0.70 63.28 -14.18
N ASP D 382 1.76 63.59 -14.94
CA ASP D 382 1.60 64.40 -16.14
C ASP D 382 0.91 63.64 -17.26
N VAL D 383 1.16 62.34 -17.33
CA VAL D 383 0.51 61.49 -18.34
C VAL D 383 -0.99 61.42 -18.03
N ILE D 384 -1.31 61.34 -16.74
CA ILE D 384 -2.71 61.26 -16.31
C ILE D 384 -3.45 62.59 -16.49
N ARG D 385 -2.80 63.70 -16.14
CA ARG D 385 -3.43 65.01 -16.31
C ARG D 385 -3.62 65.31 -17.79
N ALA D 386 -2.69 64.85 -18.61
CA ALA D 386 -2.78 65.05 -20.05
C ALA D 386 -4.05 64.38 -20.57
N MSE D 387 -4.29 63.14 -20.14
CA MSE D 387 -5.47 62.38 -20.56
C MSE D 387 -6.78 63.03 -20.12
O MSE D 387 -7.78 62.98 -20.83
CB MSE D 387 -5.39 60.95 -19.99
CG MSE D 387 -6.05 59.90 -20.86
SE MSE D 387 -4.99 59.58 -22.43
CE MSE D 387 -3.34 59.23 -21.50
N ALA D 388 -6.76 63.63 -18.94
CA ALA D 388 -7.93 64.29 -18.39
C ALA D 388 -8.27 65.58 -19.13
N SER D 389 -7.25 66.27 -19.64
CA SER D 389 -7.47 67.50 -20.38
C SER D 389 -7.81 67.23 -21.85
N ILE D 390 -7.44 66.05 -22.33
CA ILE D 390 -7.72 65.66 -23.72
C ILE D 390 -9.08 64.98 -23.86
N ASN D 391 -9.50 64.28 -22.81
CA ASN D 391 -10.76 63.56 -22.84
C ASN D 391 -11.65 63.95 -21.65
N GLU D 392 -12.97 63.89 -21.86
CA GLU D 392 -13.90 64.20 -20.79
C GLU D 392 -13.91 63.00 -19.83
N ARG D 393 -13.94 61.81 -20.40
CA ARG D 393 -13.94 60.56 -19.62
C ARG D 393 -12.80 59.68 -20.11
N PRO D 394 -11.56 59.95 -19.65
CA PRO D 394 -10.43 59.13 -20.09
C PRO D 394 -10.45 57.71 -19.53
N VAL D 395 -10.04 56.74 -20.32
CA VAL D 395 -10.00 55.36 -19.86
C VAL D 395 -8.54 54.99 -19.60
N ILE D 396 -8.22 54.77 -18.33
CA ILE D 396 -6.86 54.43 -17.91
C ILE D 396 -6.78 53.03 -17.29
N PHE D 397 -6.05 52.14 -17.97
CA PHE D 397 -5.88 50.77 -17.51
C PHE D 397 -4.41 50.50 -17.15
N ALA D 398 -4.16 50.18 -15.89
CA ALA D 398 -2.79 49.89 -15.41
C ALA D 398 -2.78 48.41 -15.04
N LEU D 399 -2.55 47.55 -16.03
CA LEU D 399 -2.57 46.11 -15.84
C LEU D 399 -1.38 45.32 -15.31
N SER D 400 -0.22 45.96 -15.15
CA SER D 400 0.95 45.22 -14.68
C SER D 400 0.90 44.83 -13.22
N ASN D 401 1.44 43.65 -12.91
CA ASN D 401 1.47 43.09 -11.56
C ASN D 401 2.89 42.74 -11.14
N PRO D 402 3.19 42.75 -9.84
CA PRO D 402 2.26 43.07 -8.74
C PRO D 402 2.16 44.59 -8.60
N THR D 403 1.56 45.03 -7.49
CA THR D 403 1.34 46.45 -7.21
C THR D 403 2.50 47.40 -7.57
N ALA D 404 3.68 47.13 -7.03
CA ALA D 404 4.85 47.99 -7.29
C ALA D 404 5.15 48.17 -8.77
N GLN D 405 4.71 47.23 -9.60
CA GLN D 405 4.97 47.29 -11.02
C GLN D 405 3.84 47.96 -11.81
N ALA D 406 2.75 48.29 -11.12
CA ALA D 406 1.59 48.92 -11.73
C ALA D 406 1.96 50.29 -12.31
N GLU D 407 1.35 50.65 -13.44
CA GLU D 407 1.63 51.94 -14.09
C GLU D 407 1.26 53.15 -13.24
N CYS D 408 0.30 52.98 -12.35
CA CYS D 408 -0.14 54.05 -11.46
C CYS D 408 -1.17 53.45 -10.52
N THR D 409 -1.50 54.16 -9.45
CA THR D 409 -2.47 53.66 -8.49
C THR D 409 -3.86 54.24 -8.76
N ALA D 410 -4.87 53.64 -8.14
CA ALA D 410 -6.24 54.12 -8.28
C ALA D 410 -6.34 55.53 -7.70
N GLU D 411 -5.71 55.75 -6.55
CA GLU D 411 -5.73 57.06 -5.88
C GLU D 411 -5.25 58.18 -6.81
N GLU D 412 -4.21 57.90 -7.58
CA GLU D 412 -3.65 58.88 -8.51
C GLU D 412 -4.56 59.08 -9.72
N ALA D 413 -5.06 57.99 -10.28
CA ALA D 413 -5.93 58.07 -11.45
C ALA D 413 -7.20 58.86 -11.18
N TYR D 414 -7.88 58.54 -10.07
CA TYR D 414 -9.12 59.23 -9.73
C TYR D 414 -8.92 60.69 -9.29
N THR D 415 -7.83 60.96 -8.58
CA THR D 415 -7.58 62.32 -8.12
C THR D 415 -7.15 63.23 -9.26
N LEU D 416 -6.09 62.84 -9.97
CA LEU D 416 -5.58 63.65 -11.06
C LEU D 416 -6.54 63.87 -12.23
N THR D 417 -7.66 63.14 -12.24
CA THR D 417 -8.64 63.31 -13.31
C THR D 417 -9.94 63.83 -12.70
N GLU D 418 -9.91 64.07 -11.39
CA GLU D 418 -11.05 64.60 -10.67
C GLU D 418 -12.28 63.71 -10.84
N GLY D 419 -12.09 62.41 -10.68
CA GLY D 419 -13.17 61.45 -10.77
C GLY D 419 -13.82 61.31 -12.13
N ARG D 420 -13.13 61.73 -13.19
CA ARG D 420 -13.68 61.65 -14.54
C ARG D 420 -13.25 60.44 -15.36
N CYS D 421 -12.24 59.72 -14.87
CA CYS D 421 -11.75 58.56 -15.62
C CYS D 421 -12.42 57.25 -15.23
N LEU D 422 -12.18 56.24 -16.06
CA LEU D 422 -12.68 54.89 -15.86
C LEU D 422 -11.39 54.12 -15.66
N PHE D 423 -11.17 53.66 -14.43
CA PHE D 423 -9.94 52.97 -14.07
C PHE D 423 -10.06 51.48 -13.73
N ALA D 424 -9.06 50.72 -14.14
CA ALA D 424 -8.98 49.28 -13.88
C ALA D 424 -7.50 48.96 -13.69
N SER D 425 -7.18 48.06 -12.78
CA SER D 425 -5.79 47.67 -12.53
C SER D 425 -5.68 46.15 -12.38
N GLY D 426 -4.47 45.63 -12.59
CA GLY D 426 -4.27 44.19 -12.47
C GLY D 426 -4.27 43.75 -11.02
N SER D 427 -3.63 44.54 -10.17
CA SER D 427 -3.54 44.23 -8.74
C SER D 427 -4.60 45.04 -7.99
N PRO D 428 -4.96 44.59 -6.78
CA PRO D 428 -5.99 45.34 -6.05
C PRO D 428 -5.61 46.66 -5.40
N PHE D 429 -6.58 47.57 -5.42
CA PHE D 429 -6.48 48.90 -4.80
C PHE D 429 -7.85 49.08 -4.15
N GLY D 430 -7.87 49.59 -2.92
CA GLY D 430 -9.14 49.79 -2.25
C GLY D 430 -9.89 50.98 -2.84
N PRO D 431 -11.11 51.29 -2.34
CA PRO D 431 -11.92 52.40 -2.82
C PRO D 431 -11.21 53.74 -2.58
N VAL D 432 -11.48 54.70 -3.46
CA VAL D 432 -10.86 56.02 -3.35
C VAL D 432 -11.89 57.14 -3.10
N LYS D 433 -11.66 57.89 -2.03
CA LYS D 433 -12.53 59.00 -1.64
C LYS D 433 -11.88 60.34 -1.94
N LEU D 434 -12.48 61.10 -2.84
CA LEU D 434 -11.94 62.41 -3.23
C LEU D 434 -12.32 63.47 -2.19
N THR D 435 -11.54 64.55 -2.18
CA THR D 435 -11.77 65.65 -1.24
C THR D 435 -13.20 66.15 -1.24
N ASP D 436 -13.92 65.98 -2.35
CA ASP D 436 -15.31 66.44 -2.41
C ASP D 436 -16.30 65.41 -1.85
N GLY D 437 -15.77 64.33 -1.28
CA GLY D 437 -16.64 63.32 -0.70
C GLY D 437 -17.06 62.14 -1.58
N ARG D 438 -16.83 62.23 -2.89
CA ARG D 438 -17.20 61.14 -3.80
C ARG D 438 -16.31 59.91 -3.59
N VAL D 439 -16.89 58.73 -3.73
CA VAL D 439 -16.16 57.47 -3.56
C VAL D 439 -16.15 56.60 -4.82
N PHE D 440 -14.95 56.26 -5.28
CA PHE D 440 -14.79 55.43 -6.47
C PHE D 440 -14.23 54.05 -6.14
N THR D 441 -14.90 53.01 -6.63
CA THR D 441 -14.47 51.65 -6.40
C THR D 441 -13.89 51.11 -7.70
N PRO D 442 -12.57 51.06 -7.83
CA PRO D 442 -11.93 50.56 -9.05
C PRO D 442 -12.05 49.05 -9.22
N GLY D 443 -12.14 48.63 -10.48
CA GLY D 443 -12.25 47.22 -10.77
C GLY D 443 -10.88 46.60 -11.01
N GLN D 444 -10.80 45.29 -10.91
CA GLN D 444 -9.53 44.60 -11.12
C GLN D 444 -9.52 43.86 -12.44
N GLY D 445 -8.80 44.43 -13.41
CA GLY D 445 -8.70 43.79 -14.71
C GLY D 445 -7.57 42.78 -14.67
N ASN D 446 -7.87 41.61 -14.11
CA ASN D 446 -6.92 40.52 -13.96
C ASN D 446 -7.54 39.30 -14.64
N ASN D 447 -6.73 38.47 -15.32
CA ASN D 447 -7.29 37.31 -16.03
C ASN D 447 -7.94 36.22 -15.17
N VAL D 448 -7.95 36.41 -13.85
CA VAL D 448 -8.60 35.46 -12.95
C VAL D 448 -10.11 35.46 -13.23
N TYR D 449 -10.61 36.55 -13.82
CA TYR D 449 -12.03 36.66 -14.15
C TYR D 449 -12.36 35.80 -15.37
N ILE D 450 -11.34 35.42 -16.11
CA ILE D 450 -11.49 34.66 -17.34
C ILE D 450 -11.07 33.19 -17.41
N PHE D 451 -9.83 32.88 -17.04
CA PHE D 451 -9.37 31.52 -17.20
C PHE D 451 -10.13 30.42 -16.46
N PRO D 452 -10.64 30.68 -15.25
CA PRO D 452 -11.36 29.61 -14.56
C PRO D 452 -12.61 29.17 -15.36
N GLY D 453 -13.41 30.14 -15.78
CA GLY D 453 -14.62 29.85 -16.53
C GLY D 453 -14.38 29.24 -17.90
N VAL D 454 -13.38 29.73 -18.61
CA VAL D 454 -13.09 29.20 -19.94
C VAL D 454 -12.52 27.78 -19.77
N ALA D 455 -11.62 27.60 -18.80
CA ALA D 455 -11.05 26.28 -18.55
C ALA D 455 -12.17 25.28 -18.25
N LEU D 456 -13.09 25.66 -17.36
CA LEU D 456 -14.19 24.75 -17.04
C LEU D 456 -14.98 24.33 -18.28
N ALA D 457 -15.35 25.29 -19.13
CA ALA D 457 -16.12 24.98 -20.34
C ALA D 457 -15.39 24.09 -21.33
N VAL D 458 -14.12 24.41 -21.60
CA VAL D 458 -13.34 23.64 -22.54
C VAL D 458 -13.16 22.19 -22.08
N ILE D 459 -12.98 22.00 -20.78
CA ILE D 459 -12.80 20.67 -20.24
C ILE D 459 -14.12 19.88 -20.30
N LEU D 460 -15.22 20.50 -19.89
CA LEU D 460 -16.52 19.82 -19.90
C LEU D 460 -16.99 19.46 -21.30
N CYS D 461 -16.60 20.27 -22.28
CA CYS D 461 -17.01 20.05 -23.67
C CYS D 461 -16.03 19.17 -24.46
N ASN D 462 -14.98 18.69 -23.80
CA ASN D 462 -13.99 17.88 -24.49
C ASN D 462 -13.52 18.61 -25.76
N THR D 463 -13.30 19.92 -25.64
CA THR D 463 -12.83 20.72 -26.76
C THR D 463 -11.41 20.29 -27.11
N ARG D 464 -11.08 20.27 -28.40
CA ARG D 464 -9.76 19.84 -28.83
C ARG D 464 -8.77 20.98 -29.01
N HIS D 465 -9.26 22.11 -29.48
CA HIS D 465 -8.44 23.29 -29.70
C HIS D 465 -9.25 24.52 -29.34
N ILE D 466 -8.56 25.52 -28.80
CA ILE D 466 -9.18 26.76 -28.38
C ILE D 466 -8.89 27.90 -29.35
N SER D 467 -9.94 28.42 -29.99
CA SER D 467 -9.77 29.53 -30.94
C SER D 467 -9.84 30.85 -30.20
N ASP D 468 -9.35 31.91 -30.82
CA ASP D 468 -9.37 33.23 -30.18
C ASP D 468 -10.79 33.71 -29.93
N SER D 469 -11.71 33.32 -30.82
CA SER D 469 -13.09 33.73 -30.67
C SER D 469 -13.67 33.27 -29.33
N VAL D 470 -13.10 32.20 -28.77
CA VAL D 470 -13.60 31.72 -27.48
C VAL D 470 -13.38 32.78 -26.42
N PHE D 471 -12.24 33.47 -26.49
CA PHE D 471 -11.95 34.51 -25.50
C PHE D 471 -12.79 35.76 -25.75
N LEU D 472 -13.17 35.99 -27.00
CA LEU D 472 -14.00 37.14 -27.31
C LEU D 472 -15.36 36.87 -26.65
N GLU D 473 -15.83 35.64 -26.78
CA GLU D 473 -17.11 35.23 -26.21
C GLU D 473 -17.08 35.32 -24.70
N ALA D 474 -15.93 34.95 -24.11
CA ALA D 474 -15.76 35.01 -22.66
C ALA D 474 -15.80 36.47 -22.23
N ALA D 475 -15.15 37.33 -23.00
CA ALA D 475 -15.11 38.75 -22.70
C ALA D 475 -16.53 39.29 -22.61
N LYS D 476 -17.35 38.93 -23.60
CA LYS D 476 -18.75 39.38 -23.63
C LYS D 476 -19.55 38.81 -22.47
N ALA D 477 -19.37 37.53 -22.19
CA ALA D 477 -20.10 36.88 -21.09
C ALA D 477 -19.78 37.50 -19.75
N LEU D 478 -18.55 37.98 -19.61
CA LEU D 478 -18.11 38.62 -18.38
C LEU D 478 -18.76 39.98 -18.21
N THR D 479 -18.67 40.82 -19.23
CA THR D 479 -19.26 42.15 -19.14
C THR D 479 -20.79 42.12 -19.06
N SER D 480 -21.40 41.15 -19.72
CA SER D 480 -22.86 41.05 -19.72
C SER D 480 -23.43 40.80 -18.33
N GLN D 481 -22.57 40.58 -17.35
CA GLN D 481 -23.02 40.34 -15.99
C GLN D 481 -22.93 41.58 -15.11
N LEU D 482 -22.43 42.66 -15.67
CA LEU D 482 -22.30 43.92 -14.94
C LEU D 482 -23.67 44.57 -14.82
N THR D 483 -24.11 44.84 -13.60
CA THR D 483 -25.39 45.52 -13.44
C THR D 483 -25.12 47.02 -13.43
N ASP D 484 -26.03 47.77 -14.06
CA ASP D 484 -25.91 49.22 -14.15
C ASP D 484 -25.53 49.91 -12.84
N GLU D 485 -26.09 49.46 -11.73
CA GLU D 485 -25.81 50.06 -10.43
C GLU D 485 -24.34 49.95 -10.08
N GLU D 486 -23.70 48.90 -10.59
CA GLU D 486 -22.28 48.64 -10.33
C GLU D 486 -21.38 49.51 -11.20
N LEU D 487 -21.84 49.80 -12.42
CA LEU D 487 -21.08 50.65 -13.32
C LEU D 487 -20.97 52.03 -12.67
N ALA D 488 -22.11 52.49 -12.17
CA ALA D 488 -22.20 53.79 -11.51
C ALA D 488 -21.11 53.99 -10.48
N GLN D 489 -20.84 52.98 -9.68
CA GLN D 489 -19.81 53.09 -8.64
C GLN D 489 -18.39 53.16 -9.19
N GLY D 490 -18.24 52.90 -10.49
CA GLY D 490 -16.92 52.94 -11.08
C GLY D 490 -16.39 51.54 -11.35
N ARG D 491 -17.26 50.55 -11.25
CA ARG D 491 -16.89 49.14 -11.49
C ARG D 491 -17.03 48.79 -12.96
N LEU D 492 -15.92 48.35 -13.56
CA LEU D 492 -15.92 47.96 -14.96
C LEU D 492 -16.04 46.44 -15.04
N TYR D 493 -16.07 45.81 -13.88
CA TYR D 493 -16.18 44.36 -13.77
C TYR D 493 -17.09 43.96 -12.61
N PRO D 494 -17.68 42.76 -12.68
CA PRO D 494 -18.57 42.28 -11.62
C PRO D 494 -17.76 42.18 -10.33
N PRO D 495 -18.42 42.36 -9.17
CA PRO D 495 -17.74 42.28 -7.88
C PRO D 495 -16.90 41.00 -7.72
N LEU D 496 -15.70 41.16 -7.19
CA LEU D 496 -14.80 40.03 -6.97
C LEU D 496 -15.41 39.05 -5.98
N ALA D 497 -16.27 39.54 -5.09
CA ALA D 497 -16.92 38.70 -4.10
C ALA D 497 -17.81 37.64 -4.76
N ASN D 498 -18.26 37.91 -5.98
CA ASN D 498 -19.14 36.98 -6.69
C ASN D 498 -18.38 36.26 -7.79
N ILE D 499 -17.06 36.14 -7.65
CA ILE D 499 -16.27 35.50 -8.71
C ILE D 499 -16.67 34.06 -9.00
N GLN D 500 -17.21 33.35 -8.01
CA GLN D 500 -17.62 31.97 -8.21
C GLN D 500 -18.79 31.90 -9.19
N GLU D 501 -19.86 32.62 -8.89
CA GLU D 501 -21.02 32.62 -9.76
C GLU D 501 -20.68 33.19 -11.14
N VAL D 502 -19.89 34.26 -11.17
CA VAL D 502 -19.50 34.89 -12.42
C VAL D 502 -18.73 33.91 -13.30
N SER D 503 -17.84 33.11 -12.71
CA SER D 503 -17.07 32.14 -13.48
C SER D 503 -17.97 31.04 -14.06
N ILE D 504 -18.92 30.57 -13.26
CA ILE D 504 -19.84 29.52 -13.70
C ILE D 504 -20.68 30.05 -14.86
N ASN D 505 -21.08 31.31 -14.78
CA ASN D 505 -21.89 31.88 -15.86
C ASN D 505 -21.08 32.01 -17.16
N ILE D 506 -19.81 32.35 -17.05
CA ILE D 506 -18.97 32.45 -18.23
C ILE D 506 -18.82 31.05 -18.84
N ALA D 507 -18.63 30.04 -18.00
CA ALA D 507 -18.48 28.67 -18.49
C ALA D 507 -19.73 28.22 -19.24
N ILE D 508 -20.89 28.58 -18.72
CA ILE D 508 -22.15 28.23 -19.35
C ILE D 508 -22.22 28.87 -20.75
N LYS D 509 -21.90 30.16 -20.82
CA LYS D 509 -21.92 30.88 -22.09
C LYS D 509 -20.92 30.28 -23.07
N VAL D 510 -19.71 30.00 -22.59
CA VAL D 510 -18.67 29.44 -23.44
C VAL D 510 -19.03 28.01 -23.89
N THR D 511 -19.66 27.24 -23.02
CA THR D 511 -20.04 25.87 -23.39
C THR D 511 -21.09 25.92 -24.51
N GLU D 512 -22.01 26.87 -24.43
CA GLU D 512 -23.04 27.01 -25.45
C GLU D 512 -22.41 27.45 -26.77
N TYR D 513 -21.39 28.30 -26.67
CA TYR D 513 -20.68 28.78 -27.85
C TYR D 513 -19.90 27.63 -28.51
N LEU D 514 -19.28 26.79 -27.69
CA LEU D 514 -18.50 25.67 -28.22
C LEU D 514 -19.38 24.64 -28.95
N TYR D 515 -20.55 24.33 -28.40
CA TYR D 515 -21.44 23.39 -29.08
C TYR D 515 -22.04 24.01 -30.34
N ALA D 516 -22.45 25.28 -30.24
CA ALA D 516 -23.04 25.98 -31.37
C ALA D 516 -22.10 26.03 -32.55
N ASN D 517 -20.80 26.11 -32.27
CA ASN D 517 -19.81 26.19 -33.35
C ASN D 517 -19.09 24.87 -33.65
N LYS D 518 -19.72 23.76 -33.28
CA LYS D 518 -19.14 22.45 -33.53
C LYS D 518 -17.69 22.36 -33.04
N MSE D 519 -17.45 22.78 -31.80
CA MSE D 519 -16.11 22.73 -31.23
C MSE D 519 -16.09 21.85 -29.98
O MSE D 519 -15.03 21.61 -29.41
CB MSE D 519 -15.62 24.14 -30.88
CG MSE D 519 -15.25 24.97 -32.11
SE MSE D 519 -14.92 26.80 -31.59
CE MSE D 519 -13.04 26.67 -31.17
N ALA D 520 -17.26 21.40 -29.56
CA ALA D 520 -17.40 20.53 -28.39
C ALA D 520 -17.57 19.09 -28.86
N PHE D 521 -16.87 18.15 -28.22
CA PHE D 521 -17.00 16.77 -28.64
C PHE D 521 -17.57 15.84 -27.58
N ARG D 522 -18.05 16.43 -26.49
CA ARG D 522 -18.66 15.65 -25.42
C ARG D 522 -20.05 15.22 -25.93
N TYR D 523 -20.30 13.92 -25.95
CA TYR D 523 -21.58 13.40 -26.42
C TYR D 523 -22.29 12.60 -25.34
N PRO D 524 -23.63 12.68 -25.27
CA PRO D 524 -24.44 13.47 -26.19
C PRO D 524 -24.42 14.94 -25.75
N GLU D 525 -24.91 15.83 -26.60
CA GLU D 525 -24.95 17.24 -26.25
C GLU D 525 -26.04 17.46 -25.22
N PRO D 526 -25.73 18.19 -24.13
CA PRO D 526 -26.72 18.44 -23.10
C PRO D 526 -27.77 19.40 -23.65
N GLU D 527 -29.03 19.21 -23.27
CA GLU D 527 -30.07 20.10 -23.74
C GLU D 527 -29.96 21.45 -23.00
N ASP D 528 -29.79 21.37 -21.68
CA ASP D 528 -29.66 22.55 -20.84
C ASP D 528 -28.21 22.71 -20.33
N LYS D 529 -27.47 23.60 -20.99
CA LYS D 529 -26.07 23.84 -20.65
C LYS D 529 -25.85 24.33 -19.22
N ALA D 530 -26.79 25.10 -18.70
CA ALA D 530 -26.65 25.62 -17.34
C ALA D 530 -26.70 24.51 -16.30
N LYS D 531 -27.64 23.59 -16.47
CA LYS D 531 -27.79 22.49 -15.53
C LYS D 531 -26.57 21.57 -15.67
N TYR D 532 -26.12 21.39 -16.91
CA TYR D 532 -24.98 20.56 -17.23
C TYR D 532 -23.71 20.98 -16.49
N VAL D 533 -23.43 22.29 -16.51
CA VAL D 533 -22.25 22.84 -15.86
C VAL D 533 -22.34 22.82 -14.35
N LYS D 534 -23.47 23.29 -13.81
CA LYS D 534 -23.67 23.34 -12.37
C LYS D 534 -23.61 21.99 -11.67
N GLU D 535 -24.07 20.94 -12.35
CA GLU D 535 -24.07 19.61 -11.75
C GLU D 535 -22.67 19.02 -11.63
N ARG D 536 -21.75 19.48 -12.47
CA ARG D 536 -20.39 18.95 -12.49
C ARG D 536 -19.33 19.72 -11.74
N THR D 537 -19.73 20.76 -10.99
CA THR D 537 -18.74 21.53 -10.26
C THR D 537 -18.39 20.89 -8.93
N TRP D 538 -17.10 20.80 -8.64
CA TRP D 538 -16.60 20.21 -7.40
C TRP D 538 -16.97 21.12 -6.24
N ARG D 539 -17.32 20.50 -5.11
CA ARG D 539 -17.74 21.25 -3.93
C ARG D 539 -16.75 20.99 -2.79
N SER D 540 -16.66 21.96 -1.88
CA SER D 540 -15.75 21.86 -0.75
C SER D 540 -16.32 21.14 0.48
N GLU D 541 -17.58 20.73 0.41
CA GLU D 541 -18.21 20.03 1.53
C GLU D 541 -17.60 18.63 1.64
N TYR D 542 -17.46 18.13 2.86
CA TYR D 542 -16.90 16.80 3.09
C TYR D 542 -17.78 15.70 2.52
N ASP D 543 -17.16 14.69 1.93
CA ASP D 543 -17.89 13.55 1.38
C ASP D 543 -17.82 12.43 2.41
N SER D 544 -18.77 11.49 2.33
CA SER D 544 -18.77 10.37 3.27
C SER D 544 -17.75 9.37 2.74
N LEU D 545 -16.92 8.84 3.64
CA LEU D 545 -15.91 7.86 3.25
C LEU D 545 -16.27 6.46 3.77
N LEU D 546 -17.52 6.29 4.18
CA LEU D 546 -17.97 5.00 4.68
C LEU D 546 -18.21 4.00 3.57
N PRO D 547 -17.78 2.74 3.78
CA PRO D 547 -18.01 1.75 2.73
C PRO D 547 -19.50 1.44 2.70
N ASP D 548 -19.98 0.99 1.56
CA ASP D 548 -21.40 0.71 1.42
C ASP D 548 -21.80 -0.60 2.10
N VAL D 549 -22.34 -0.49 3.30
CA VAL D 549 -22.80 -1.66 4.05
C VAL D 549 -24.33 -1.71 4.00
N TYR D 550 -24.86 -2.87 3.69
CA TYR D 550 -26.31 -3.08 3.57
C TYR D 550 -26.60 -4.56 3.67
N GLU D 551 -27.76 -4.90 4.21
CA GLU D 551 -28.14 -6.30 4.35
C GLU D 551 -28.67 -6.88 3.06
N TRP D 552 -28.52 -8.20 2.90
CA TRP D 552 -29.01 -8.87 1.72
C TRP D 552 -30.43 -9.37 1.97
N PRO D 553 -31.37 -9.04 1.06
CA PRO D 553 -32.76 -9.50 1.26
C PRO D 553 -32.88 -11.02 1.13
C1 MLT E . -21.91 -19.93 -28.46
O1 MLT E . -22.59 -19.51 -27.52
O2 MLT E . -22.05 -21.11 -28.82
C2 MLT E . -20.91 -19.02 -29.16
O3 MLT E . -20.55 -17.92 -28.31
C3 MLT E . -19.64 -19.79 -29.57
C4 MLT E . -18.85 -20.23 -28.33
O4 MLT E . -18.09 -21.20 -28.39
O5 MLT E . -18.96 -19.61 -27.27
MN MN F . -22.08 -17.35 -26.64
PG ATP G . -27.40 -21.99 -30.28
O1G ATP G . -26.44 -20.90 -29.91
O2G ATP G . -27.57 -23.01 -29.18
O3G ATP G . -27.12 -22.58 -31.62
PB ATP G . -29.43 -19.73 -30.17
O1B ATP G . -30.19 -19.27 -31.34
O2B ATP G . -28.30 -18.90 -29.72
O3B ATP G . -28.88 -21.24 -30.41
PA ATP G . -31.96 -19.53 -28.65
O1A ATP G . -32.39 -20.11 -27.37
O2A ATP G . -32.13 -18.08 -28.87
O3A ATP G . -30.44 -19.93 -28.93
O5' ATP G . -32.69 -20.30 -29.86
C5' ATP G . -32.84 -21.72 -29.86
C4' ATP G . -33.82 -22.08 -30.96
O4' ATP G . -33.75 -23.53 -31.26
C3' ATP G . -35.24 -21.79 -30.54
O3' ATP G . -35.92 -21.02 -31.57
C2' ATP G . -35.89 -23.13 -30.36
O2' ATP G . -37.28 -23.12 -30.70
C1' ATP G . -35.12 -24.04 -31.26
N9 ATP G . -35.18 -25.46 -30.86
C8 ATP G . -34.96 -26.00 -29.60
N7 ATP G . -35.12 -27.35 -29.67
C5 ATP G . -35.39 -27.57 -30.93
C6 ATP G . -35.64 -28.85 -31.42
N6 ATP G . -35.60 -29.92 -30.64
N1 ATP G . -35.93 -28.94 -32.75
C2 ATP G . -35.99 -27.83 -33.55
N3 ATP G . -35.75 -26.58 -33.01
C4 ATP G . -35.45 -26.46 -31.68
PG ATP H . -4.14 6.06 -23.71
O1G ATP H . -2.95 6.68 -23.07
O2G ATP H . -5.41 6.76 -23.40
O3G ATP H . -4.21 4.59 -23.51
PB ATP H . -4.22 7.39 -26.41
O1B ATP H . -2.92 7.89 -26.95
O2B ATP H . -5.18 8.36 -25.83
O3B ATP H . -3.91 6.24 -25.31
PA ATP H . -4.57 5.65 -28.80
O1A ATP H . -4.67 6.42 -30.04
O2A ATP H . -3.28 5.00 -28.47
O3A ATP H . -4.98 6.58 -27.58
O5' ATP H . -5.73 4.53 -28.80
C5' ATP H . -7.12 4.90 -28.85
C4' ATP H . -7.92 4.14 -27.78
O4' ATP H . -7.60 2.70 -27.84
C3' ATP H . -7.57 4.62 -26.39
O3' ATP H . -8.76 4.93 -25.62
C2' ATP H . -6.81 3.48 -25.74
O2' ATP H . -7.16 3.38 -24.37
C1' ATP H . -7.23 2.25 -26.51
N9 ATP H . -6.17 1.21 -26.60
C8 ATP H . -4.92 1.29 -27.20
N7 ATP H . -4.35 0.06 -27.21
C5 ATP H . -5.22 -0.71 -26.62
C6 ATP H . -5.01 -2.06 -26.42
N6 ATP H . -3.91 -2.67 -26.84
N1 ATP H . -5.99 -2.76 -25.79
C2 ATP H . -7.14 -2.11 -25.37
N3 ATP H . -7.31 -0.77 -25.59
C4 ATP H . -6.33 -0.07 -26.23
OXT FUM I . 7.53 -21.59 -15.14
C FUM I . 7.12 -20.77 -14.33
O FUM I . 7.90 -19.90 -13.88
C4 FUM I . 5.67 -20.73 -13.81
C5 FUM I . 4.81 -21.82 -13.88
C6 FUM I . 3.37 -21.77 -13.34
O7 FUM I . 2.72 -22.86 -13.49
O8 FUM I . 2.89 -20.75 -12.80
C1 MLT J . 15.62 -37.62 7.48
O1 MLT J . 16.45 -36.82 7.04
O2 MLT J . 15.49 -38.71 6.92
C2 MLT J . 14.76 -37.27 8.71
O3 MLT J . 14.67 -35.85 8.89
C3 MLT J . 13.34 -37.85 8.56
C4 MLT J . 12.59 -37.10 7.45
O4 MLT J . 11.56 -37.57 6.96
O5 MLT J . 13.03 -36.03 7.02
MN MN K . 16.33 -34.55 7.77
PG ATP L . 20.24 -41.34 7.23
O1G ATP L . 19.63 -40.04 7.64
O2G ATP L . 20.29 -41.52 5.73
O3G ATP L . 19.65 -42.51 7.95
PB ATP L . 22.78 -40.16 8.47
O1B ATP L . 23.46 -40.78 9.61
O2B ATP L . 21.95 -38.97 8.73
O3B ATP L . 21.84 -41.26 7.71
PA ATP L . 25.48 -39.66 7.33
O1A ATP L . 25.89 -39.39 5.94
O2A ATP L . 25.91 -38.75 8.41
O3A ATP L . 23.87 -39.79 7.36
O5' ATP L . 25.93 -41.14 7.72
C5' ATP L . 25.78 -42.23 6.80
C4' ATP L . 26.47 -43.44 7.40
O4' ATP L . 26.09 -44.67 6.69
C3' ATP L . 27.95 -43.30 7.28
O3' ATP L . 28.57 -43.63 8.55
C2' ATP L . 28.35 -44.29 6.21
O2' ATP L . 29.65 -44.78 6.45
C1' ATP L . 27.33 -45.35 6.30
N9 ATP L . 27.18 -46.14 5.04
C8 ATP L . 27.07 -45.67 3.75
N7 ATP L . 26.94 -46.72 2.90
C5 ATP L . 27.00 -47.77 3.69
C6 ATP L . 26.91 -49.06 3.20
N6 ATP L . 26.78 -49.31 1.90
N1 ATP L . 26.97 -50.07 4.12
C2 ATP L . 27.12 -49.78 5.45
N3 ATP L . 27.19 -48.48 5.89
C4 ATP L . 27.13 -47.46 4.98
PG ATP M . 4.18 -11.43 21.64
O1G ATP M . 3.22 -10.30 21.60
O2G ATP M . 5.60 -11.00 21.76
O3G ATP M . 3.96 -12.43 20.55
PB ATP M . 4.31 -12.18 24.57
O1B ATP M . 3.15 -11.83 25.42
O2B ATP M . 5.55 -11.35 24.66
O3B ATP M . 3.83 -12.23 23.01
PA ATP M . 3.96 -15.10 25.22
O1A ATP M . 4.05 -15.31 26.67
O2A ATP M . 2.61 -15.09 24.58
O3A ATP M . 4.72 -13.71 24.87
O5' ATP M . 4.89 -16.21 24.45
C5' ATP M . 6.33 -16.23 24.64
C4' ATP M . 7.07 -16.29 23.28
O4' ATP M . 6.46 -17.33 22.43
C3' ATP M . 6.94 -14.97 22.54
O3' ATP M . 8.25 -14.50 22.11
C2' ATP M . 6.06 -15.26 21.34
O2' ATP M . 6.54 -14.56 20.18
C1' ATP M . 6.11 -16.75 21.14
N9 ATP M . 4.82 -17.36 20.64
C8 ATP M . 3.60 -17.42 21.29
N7 ATP M . 2.75 -18.19 20.55
C5 ATP M . 3.46 -18.53 19.51
C6 ATP M . 2.94 -19.33 18.50
N6 ATP M . 1.72 -19.83 18.57
N1 ATP M . 3.78 -19.62 17.46
C2 ATP M . 5.06 -19.12 17.44
N3 ATP M . 5.52 -18.34 18.47
C4 ATP M . 4.70 -18.04 19.51
OXT FUM N . -12.34 -24.15 -1.78
C FUM N . -11.68 -23.10 -1.87
O FUM N . -12.21 -22.00 -1.58
C4 FUM N . -10.21 -23.04 -2.30
C5 FUM N . -9.62 -24.09 -2.99
C6 FUM N . -8.15 -24.01 -3.45
O7 FUM N . -7.72 -25.05 -4.11
O8 FUM N . -7.45 -23.01 -3.21
C1 MLT O . 6.32 19.09 35.80
O1 MLT O . 5.21 18.54 35.71
O2 MLT O . 6.38 20.26 36.20
C2 MLT O . 7.60 18.32 35.44
O3 MLT O . 7.30 17.20 34.62
C3 MLT O . 8.64 19.23 34.75
C4 MLT O . 8.16 19.67 33.36
O4 MLT O . 8.66 20.66 32.82
O5 MLT O . 7.28 19.02 32.77
MN MN P . 5.09 16.44 34.60
PG ATP Q . 4.07 20.77 41.05
O1G ATP Q . 4.42 19.74 40.04
O2G ATP Q . 3.00 21.72 40.59
O3G ATP Q . 5.26 21.44 41.64
PB ATP Q . 2.99 18.36 42.60
O1B ATP Q . 3.51 17.97 43.93
O2B ATP Q . 3.37 17.54 41.43
O3B ATP Q . 3.38 19.92 42.31
PA ATP Q . 0.22 17.90 43.62
O1A ATP Q . -1.09 18.36 43.12
O2A ATP Q . 0.43 16.45 43.82
O3A ATP Q . 1.39 18.46 42.66
O5' ATP Q . 0.53 18.64 45.01
C5' ATP Q . 0.31 20.06 45.14
C4' ATP Q . 0.57 20.45 46.58
O4' ATP Q . 0.68 21.90 46.71
C3' ATP Q . -0.58 20.00 47.47
O3' ATP Q . -0.07 19.32 48.62
C2' ATP Q . -1.26 21.29 47.89
O2' ATP Q . -1.81 21.16 49.21
C1' ATP Q . -0.17 22.31 47.82
N9 ATP Q . -0.67 23.68 47.67
C8 ATP Q . -1.60 24.16 46.77
N7 ATP Q . -1.75 25.48 46.97
C5 ATP Q . -0.94 25.76 47.96
C6 ATP Q . -0.81 27.04 48.47
N6 ATP Q . -1.53 28.06 48.00
N1 ATP Q . 0.06 27.19 49.52
C2 ATP Q . 0.76 26.11 50.00
N3 ATP Q . 0.59 24.87 49.46
C4 ATP Q . -0.27 24.70 48.42
PG ATP R . 16.18 -5.47 17.95
O1G ATP R . 16.49 -6.03 16.61
O2G ATP R . 15.20 -6.29 18.73
O3G ATP R . 15.86 -4.02 17.93
PB ATP R . 18.33 -6.63 19.68
O1B ATP R . 19.58 -7.04 19.00
O2B ATP R . 17.35 -7.68 20.07
O3B ATP R . 17.58 -5.56 18.76
PA ATP R . 19.84 -4.69 21.42
O1A ATP R . 20.88 -5.40 22.18
O2A ATP R . 20.23 -3.92 20.23
O3A ATP R . 18.71 -5.77 21.00
O5' ATP R . 19.03 -3.70 22.43
C5' ATP R . 18.26 -4.22 23.56
C4' ATP R . 16.83 -3.65 23.54
O4' ATP R . 16.92 -2.18 23.40
C3' ATP R . 16.03 -4.16 22.36
O3' ATP R . 14.74 -4.70 22.78
C2' ATP R . 15.85 -2.96 21.43
O2' ATP R . 14.52 -2.96 20.88
C1' ATP R . 16.08 -1.74 22.29
N9 ATP R . 16.74 -0.61 21.56
C8 ATP R . 18.00 -0.58 20.99
N7 ATP R . 18.24 0.68 20.57
C5 ATP R . 17.16 1.35 20.88
C6 ATP R . 17.03 2.71 20.63
N6 ATP R . 18.00 3.42 20.07
N1 ATP R . 15.86 3.29 21.01
C2 ATP R . 14.88 2.55 21.61
N3 ATP R . 15.06 1.21 21.85
C4 ATP R . 16.23 0.61 21.47
OXT FUM S . 14.09 22.73 4.57
C FUM S . 13.31 21.81 4.34
O FUM S . 13.55 20.98 3.41
C4 FUM S . 12.04 21.61 5.16
C5 FUM S . 11.47 22.65 5.91
C6 FUM S . 10.18 22.46 6.75
O7 FUM S . 9.79 23.49 7.40
O8 FUM S . 9.58 21.34 6.79
C1 MLT T . 0.03 38.46 -14.98
O1 MLT T . 0.99 37.79 -15.36
O2 MLT T . 0.23 39.58 -14.52
C2 MLT T . -1.40 37.92 -15.07
O3 MLT T . -1.38 36.49 -15.10
C3 MLT T . -2.24 38.38 -13.87
C4 MLT T . -1.77 37.68 -12.60
O4 MLT T . -2.00 38.16 -11.49
O5 MLT T . -1.16 36.60 -12.68
MN MN U . 0.66 35.47 -15.92
PG ATP V . 2.81 42.62 -18.31
O1G ATP V . 2.17 41.27 -18.15
O2G ATP V . 3.97 42.85 -17.37
O3G ATP V . 1.82 43.74 -18.32
PB ATP V . 3.57 41.51 -21.04
O1B ATP V . 3.06 42.11 -22.29
O2B ATP V . 2.97 40.25 -20.57
O3B ATP V . 3.46 42.60 -19.84
PA ATP V . 6.18 41.30 -22.38
O1A ATP V . 7.54 41.13 -21.82
O2A ATP V . 5.72 40.37 -23.43
O3A ATP V . 5.14 41.30 -21.19
O5' ATP V . 6.05 42.79 -22.94
C5' ATP V . 6.51 43.91 -22.17
C4' ATP V . 6.49 45.16 -23.05
O4' ATP V . 6.69 46.36 -22.24
C3' ATP V . 7.61 45.12 -24.06
O3' ATP V . 7.10 45.39 -25.38
C2' ATP V . 8.55 46.21 -23.63
O2' ATP V . 9.19 46.83 -24.77
C1' ATP V . 7.69 47.17 -22.91
N9 ATP V . 8.44 48.02 -21.95
C8 ATP V . 9.36 47.63 -21.00
N7 ATP V . 9.80 48.74 -20.34
C5 ATP V . 9.14 49.72 -20.89
C6 ATP V . 9.31 51.04 -20.48
N6 ATP V . 10.15 51.37 -19.52
N1 ATP V . 8.55 51.98 -21.13
C2 ATP V . 7.70 51.61 -22.13
N3 ATP V . 7.58 50.28 -22.51
C4 ATP V . 8.32 49.34 -21.86
PG ATP W . -15.79 10.88 -15.91
O1G ATP W . -16.28 9.71 -15.15
O2G ATP W . -14.94 10.53 -17.10
O3G ATP W . -15.20 11.93 -15.05
PB ATP W . -18.01 11.39 -17.90
O1B ATP W . -19.35 10.91 -17.51
O2B ATP W . -17.21 10.62 -18.89
O3B ATP W . -17.13 11.56 -16.54
PA ATP W . -18.95 14.21 -17.99
O1A ATP W . -20.04 14.44 -18.96
O2A ATP W . -19.30 14.08 -16.56
O3A ATP W . -18.15 12.91 -18.43
O5' ATP W . -17.86 15.39 -18.15
C5' ATP W . -17.13 15.57 -19.38
C4' ATP W . -15.63 15.75 -19.09
O4' ATP W . -15.45 16.79 -18.07
C3' ATP W . -15.01 14.47 -18.54
O3' ATP W . -13.81 14.14 -19.27
C2' ATP W . -14.67 14.75 -17.11
O2' ATP W . -13.41 14.14 -16.77
C1' ATP W . -14.60 16.25 -16.99
N9 ATP W . -15.05 16.77 -15.66
C8 ATP W . -16.30 16.72 -15.10
N7 ATP W . -16.30 17.44 -13.94
C5 ATP W . -15.08 17.89 -13.84
C6 ATP W . -14.66 18.69 -12.79
N6 ATP W . -15.49 19.07 -11.82
N1 ATP W . -13.35 19.09 -12.79
C2 ATP W . -12.52 18.70 -13.82
N3 ATP W . -12.98 17.92 -14.85
C4 ATP W . -14.28 17.51 -14.85
OXT FUM X . -8.90 22.90 12.08
C FUM X . -8.36 21.94 11.57
O FUM X . -8.79 20.77 11.79
C4 FUM X . -7.14 22.02 10.63
C5 FUM X . -6.29 23.13 10.67
C6 FUM X . -5.04 23.24 9.76
O7 FUM X . -4.40 24.33 9.92
O8 FUM X . -4.70 22.35 8.94
#